data_5B09
# 
_entry.id   5B09 
# 
_audit_conform.dict_name       mmcif_pdbx.dic 
_audit_conform.dict_version    5.380 
_audit_conform.dict_location   http://mmcif.pdb.org/dictionaries/ascii/mmcif_pdbx.dic 
# 
loop_
_database_2.database_id 
_database_2.database_code 
_database_2.pdbx_database_accession 
_database_2.pdbx_DOI 
PDB   5B09         pdb_00005b09 10.2210/pdb5b09/pdb 
WWPDB D_1300000259 ?            ?                   
# 
_pdbx_database_status.status_code                     REL 
_pdbx_database_status.status_code_sf                  REL 
_pdbx_database_status.status_code_mr                  ? 
_pdbx_database_status.entry_id                        5B09 
_pdbx_database_status.recvd_initial_deposition_date   2015-10-28 
_pdbx_database_status.SG_entry                        N 
_pdbx_database_status.deposit_site                    PDBJ 
_pdbx_database_status.process_site                    PDBJ 
_pdbx_database_status.status_code_cs                  ? 
_pdbx_database_status.methods_development_category    ? 
_pdbx_database_status.pdb_format_compatible           Y 
_pdbx_database_status.status_code_nmr_data            ? 
# 
loop_
_audit_author.name 
_audit_author.pdbx_ordinal 
'Yang, X.'   1 
'Matsui, T.' 2 
'Mori, T.'   3 
'Abe, I.'    4 
'Morita, H.' 5 
# 
_citation.abstract                  ? 
_citation.abstract_id_CAS           ? 
_citation.book_id_ISBN              ? 
_citation.book_publisher            ? 
_citation.book_publisher_city       ? 
_citation.book_title                ? 
_citation.coordinate_linkage        ? 
_citation.country                   UK 
_citation.database_id_Medline       ? 
_citation.details                   ? 
_citation.id                        primary 
_citation.journal_abbrev            'Febs J.' 
_citation.journal_id_ASTM           ? 
_citation.journal_id_CSD            ? 
_citation.journal_id_ISSN           1742-464X 
_citation.journal_full              ? 
_citation.journal_issue             ? 
_citation.journal_volume            283 
_citation.language                  ? 
_citation.page_first                1088 
_citation.page_last                 1106 
_citation.title                     'Structural basis for olivetolic acid formation by a polyketide cyclase from Cannabis sativa' 
_citation.year                      2016 
_citation.database_id_CSD           ? 
_citation.pdbx_database_id_DOI      10.1111/febs.13654 
_citation.pdbx_database_id_PubMed   26783002 
_citation.unpublished_flag          ? 
# 
loop_
_citation_author.citation_id 
_citation_author.name 
_citation_author.ordinal 
_citation_author.identifier_ORCID 
primary 'Yang, X.'    1 ? 
primary 'Matsui, T.'  2 ? 
primary 'Kodama, T.'  3 ? 
primary 'Mori, T.'    4 ? 
primary 'Zhou, X.'    5 ? 
primary 'Taura, F.'   6 ? 
primary 'Noguchi, H.' 7 ? 
primary 'Abe, I.'     8 ? 
primary 'Morita, H.'  9 ? 
# 
_cell.angle_alpha                  90.000 
_cell.angle_alpha_esd              ? 
_cell.angle_beta                   108.470 
_cell.angle_beta_esd               ? 
_cell.angle_gamma                  90.000 
_cell.angle_gamma_esd              ? 
_cell.entry_id                     5B09 
_cell.details                      ? 
_cell.formula_units_Z              ? 
_cell.length_a                     86.480 
_cell.length_a_esd                 ? 
_cell.length_b                     30.440 
_cell.length_b_esd                 ? 
_cell.length_c                     36.890 
_cell.length_c_esd                 ? 
_cell.volume                       ? 
_cell.volume_esd                   ? 
_cell.Z_PDB                        4 
_cell.reciprocal_angle_alpha       ? 
_cell.reciprocal_angle_beta        ? 
_cell.reciprocal_angle_gamma       ? 
_cell.reciprocal_angle_alpha_esd   ? 
_cell.reciprocal_angle_beta_esd    ? 
_cell.reciprocal_angle_gamma_esd   ? 
_cell.reciprocal_length_a          ? 
_cell.reciprocal_length_b          ? 
_cell.reciprocal_length_c          ? 
_cell.reciprocal_length_a_esd      ? 
_cell.reciprocal_length_b_esd      ? 
_cell.reciprocal_length_c_esd      ? 
_cell.pdbx_unique_axis             ? 
# 
_symmetry.entry_id                         5B09 
_symmetry.cell_setting                     ? 
_symmetry.Int_Tables_number                5 
_symmetry.space_group_name_Hall            ? 
_symmetry.space_group_name_H-M             'C 1 2 1' 
_symmetry.pdbx_full_space_group_name_H-M   ? 
# 
loop_
_entity.id 
_entity.type 
_entity.src_method 
_entity.pdbx_description 
_entity.formula_weight 
_entity.pdbx_number_of_molecules 
_entity.pdbx_ec 
_entity.pdbx_mutation 
_entity.pdbx_fragment 
_entity.details 
1 polymer     man 'Olivetolic acid cyclase'                 12230.011 1  4.4.1.26 ? ? ? 
2 non-polymer syn '2,4-bis(oxidanyl)-6-pentyl-benzoic acid' 224.253   1  ?        ? ? ? 
3 water       nat water                                     18.015    56 ?        ? ? ? 
# 
_entity_poly.entity_id                      1 
_entity_poly.type                           'polypeptide(L)' 
_entity_poly.nstd_linkage                   no 
_entity_poly.nstd_monomer                   no 
_entity_poly.pdbx_seq_one_letter_code       
;GPGMAVKHLIVLKFKDEITEAQKEEFFKTYVNLVNIIPAMKDVYWGKDVTQKNKEEGYTHIVEVTFESVETIQDYIIHPA
HVGFGDVYRSFWEKLLIFDYTPRK
;
_entity_poly.pdbx_seq_one_letter_code_can   
;GPGMAVKHLIVLKFKDEITEAQKEEFFKTYVNLVNIIPAMKDVYWGKDVTQKNKEEGYTHIVEVTFESVETIQDYIIHPA
HVGFGDVYRSFWEKLLIFDYTPRK
;
_entity_poly.pdbx_strand_id                 A 
_entity_poly.pdbx_target_identifier         ? 
# 
loop_
_entity_poly_seq.entity_id 
_entity_poly_seq.num 
_entity_poly_seq.mon_id 
_entity_poly_seq.hetero 
1 1   GLY n 
1 2   PRO n 
1 3   GLY n 
1 4   MET n 
1 5   ALA n 
1 6   VAL n 
1 7   LYS n 
1 8   HIS n 
1 9   LEU n 
1 10  ILE n 
1 11  VAL n 
1 12  LEU n 
1 13  LYS n 
1 14  PHE n 
1 15  LYS n 
1 16  ASP n 
1 17  GLU n 
1 18  ILE n 
1 19  THR n 
1 20  GLU n 
1 21  ALA n 
1 22  GLN n 
1 23  LYS n 
1 24  GLU n 
1 25  GLU n 
1 26  PHE n 
1 27  PHE n 
1 28  LYS n 
1 29  THR n 
1 30  TYR n 
1 31  VAL n 
1 32  ASN n 
1 33  LEU n 
1 34  VAL n 
1 35  ASN n 
1 36  ILE n 
1 37  ILE n 
1 38  PRO n 
1 39  ALA n 
1 40  MET n 
1 41  LYS n 
1 42  ASP n 
1 43  VAL n 
1 44  TYR n 
1 45  TRP n 
1 46  GLY n 
1 47  LYS n 
1 48  ASP n 
1 49  VAL n 
1 50  THR n 
1 51  GLN n 
1 52  LYS n 
1 53  ASN n 
1 54  LYS n 
1 55  GLU n 
1 56  GLU n 
1 57  GLY n 
1 58  TYR n 
1 59  THR n 
1 60  HIS n 
1 61  ILE n 
1 62  VAL n 
1 63  GLU n 
1 64  VAL n 
1 65  THR n 
1 66  PHE n 
1 67  GLU n 
1 68  SER n 
1 69  VAL n 
1 70  GLU n 
1 71  THR n 
1 72  ILE n 
1 73  GLN n 
1 74  ASP n 
1 75  TYR n 
1 76  ILE n 
1 77  ILE n 
1 78  HIS n 
1 79  PRO n 
1 80  ALA n 
1 81  HIS n 
1 82  VAL n 
1 83  GLY n 
1 84  PHE n 
1 85  GLY n 
1 86  ASP n 
1 87  VAL n 
1 88  TYR n 
1 89  ARG n 
1 90  SER n 
1 91  PHE n 
1 92  TRP n 
1 93  GLU n 
1 94  LYS n 
1 95  LEU n 
1 96  LEU n 
1 97  ILE n 
1 98  PHE n 
1 99  ASP n 
1 100 TYR n 
1 101 THR n 
1 102 PRO n 
1 103 ARG n 
1 104 LYS n 
# 
_entity_src_gen.entity_id                          1 
_entity_src_gen.pdbx_src_id                        1 
_entity_src_gen.pdbx_alt_source_flag               sample 
_entity_src_gen.pdbx_seq_type                      'Biological sequence' 
_entity_src_gen.pdbx_beg_seq_num                   1 
_entity_src_gen.pdbx_end_seq_num                   104 
_entity_src_gen.gene_src_common_name               Hemp 
_entity_src_gen.gene_src_genus                     ? 
_entity_src_gen.pdbx_gene_src_gene                 OAC 
_entity_src_gen.gene_src_species                   ? 
_entity_src_gen.gene_src_strain                    ? 
_entity_src_gen.gene_src_tissue                    ? 
_entity_src_gen.gene_src_tissue_fraction           ? 
_entity_src_gen.gene_src_details                   ? 
_entity_src_gen.pdbx_gene_src_fragment             ? 
_entity_src_gen.pdbx_gene_src_scientific_name      'Cannabis sativa' 
_entity_src_gen.pdbx_gene_src_ncbi_taxonomy_id     3483 
_entity_src_gen.pdbx_gene_src_variant              ? 
_entity_src_gen.pdbx_gene_src_cell_line            ? 
_entity_src_gen.pdbx_gene_src_atcc                 ? 
_entity_src_gen.pdbx_gene_src_organ                ? 
_entity_src_gen.pdbx_gene_src_organelle            ? 
_entity_src_gen.pdbx_gene_src_cell                 ? 
_entity_src_gen.pdbx_gene_src_cellular_location    ? 
_entity_src_gen.host_org_common_name               ? 
_entity_src_gen.pdbx_host_org_scientific_name      'Escherichia coli' 
_entity_src_gen.pdbx_host_org_ncbi_taxonomy_id     562 
_entity_src_gen.host_org_genus                     ? 
_entity_src_gen.pdbx_host_org_gene                 ? 
_entity_src_gen.pdbx_host_org_organ                ? 
_entity_src_gen.host_org_species                   ? 
_entity_src_gen.pdbx_host_org_tissue               ? 
_entity_src_gen.pdbx_host_org_tissue_fraction      ? 
_entity_src_gen.pdbx_host_org_strain               M15 
_entity_src_gen.pdbx_host_org_variant              ? 
_entity_src_gen.pdbx_host_org_cell_line            ? 
_entity_src_gen.pdbx_host_org_atcc                 ? 
_entity_src_gen.pdbx_host_org_culture_collection   ? 
_entity_src_gen.pdbx_host_org_cell                 ? 
_entity_src_gen.pdbx_host_org_organelle            ? 
_entity_src_gen.pdbx_host_org_cellular_location    ? 
_entity_src_gen.pdbx_host_org_vector_type          plasmid 
_entity_src_gen.pdbx_host_org_vector               ? 
_entity_src_gen.host_org_details                   ? 
_entity_src_gen.expression_system_id               ? 
_entity_src_gen.plasmid_name                       pQE-80L 
_entity_src_gen.plasmid_details                    ? 
_entity_src_gen.pdbx_description                   ? 
# 
_struct_ref.id                         1 
_struct_ref.db_name                    UNP 
_struct_ref.db_code                    OLIAC_CANSA 
_struct_ref.pdbx_db_accession          I6WU39 
_struct_ref.pdbx_db_isoform            ? 
_struct_ref.entity_id                  1 
_struct_ref.pdbx_seq_one_letter_code   
;MAVKHLIVLKFKDEITEAQKEEFFKTYVNLVNIIPAMKDVYWGKDVTQKNKEEGYTHIVEVTFESVETIQDYIIHPAHVG
FGDVYRSFWEKLLIFDYTPRK
;
_struct_ref.pdbx_align_begin           1 
# 
_struct_ref_seq.align_id                      1 
_struct_ref_seq.ref_id                        1 
_struct_ref_seq.pdbx_PDB_id_code              5B09 
_struct_ref_seq.pdbx_strand_id                A 
_struct_ref_seq.seq_align_beg                 4 
_struct_ref_seq.pdbx_seq_align_beg_ins_code   ? 
_struct_ref_seq.seq_align_end                 104 
_struct_ref_seq.pdbx_seq_align_end_ins_code   ? 
_struct_ref_seq.pdbx_db_accession             I6WU39 
_struct_ref_seq.db_align_beg                  1 
_struct_ref_seq.pdbx_db_align_beg_ins_code    ? 
_struct_ref_seq.db_align_end                  101 
_struct_ref_seq.pdbx_db_align_end_ins_code    ? 
_struct_ref_seq.pdbx_auth_seq_align_beg       1 
_struct_ref_seq.pdbx_auth_seq_align_end       101 
# 
loop_
_struct_ref_seq_dif.align_id 
_struct_ref_seq_dif.pdbx_pdb_id_code 
_struct_ref_seq_dif.mon_id 
_struct_ref_seq_dif.pdbx_pdb_strand_id 
_struct_ref_seq_dif.seq_num 
_struct_ref_seq_dif.pdbx_pdb_ins_code 
_struct_ref_seq_dif.pdbx_seq_db_name 
_struct_ref_seq_dif.pdbx_seq_db_accession_code 
_struct_ref_seq_dif.db_mon_id 
_struct_ref_seq_dif.pdbx_seq_db_seq_num 
_struct_ref_seq_dif.details 
_struct_ref_seq_dif.pdbx_auth_seq_num 
_struct_ref_seq_dif.pdbx_ordinal 
1 5B09 GLY A 1 ? UNP I6WU39 ? ? 'expression tag' -2 1 
1 5B09 PRO A 2 ? UNP I6WU39 ? ? 'expression tag' -1 2 
1 5B09 GLY A 3 ? UNP I6WU39 ? ? 'expression tag' 0  3 
# 
loop_
_chem_comp.id 
_chem_comp.type 
_chem_comp.mon_nstd_flag 
_chem_comp.name 
_chem_comp.pdbx_synonyms 
_chem_comp.formula 
_chem_comp.formula_weight 
4MX non-polymer         . '2,4-bis(oxidanyl)-6-pentyl-benzoic acid' ? 'C12 H16 O4'     224.253 
ALA 'L-peptide linking' y ALANINE                                   ? 'C3 H7 N O2'     89.093  
ARG 'L-peptide linking' y ARGININE                                  ? 'C6 H15 N4 O2 1' 175.209 
ASN 'L-peptide linking' y ASPARAGINE                                ? 'C4 H8 N2 O3'    132.118 
ASP 'L-peptide linking' y 'ASPARTIC ACID'                           ? 'C4 H7 N O4'     133.103 
GLN 'L-peptide linking' y GLUTAMINE                                 ? 'C5 H10 N2 O3'   146.144 
GLU 'L-peptide linking' y 'GLUTAMIC ACID'                           ? 'C5 H9 N O4'     147.129 
GLY 'peptide linking'   y GLYCINE                                   ? 'C2 H5 N O2'     75.067  
HIS 'L-peptide linking' y HISTIDINE                                 ? 'C6 H10 N3 O2 1' 156.162 
HOH non-polymer         . WATER                                     ? 'H2 O'           18.015  
ILE 'L-peptide linking' y ISOLEUCINE                                ? 'C6 H13 N O2'    131.173 
LEU 'L-peptide linking' y LEUCINE                                   ? 'C6 H13 N O2'    131.173 
LYS 'L-peptide linking' y LYSINE                                    ? 'C6 H15 N2 O2 1' 147.195 
MET 'L-peptide linking' y METHIONINE                                ? 'C5 H11 N O2 S'  149.211 
PHE 'L-peptide linking' y PHENYLALANINE                             ? 'C9 H11 N O2'    165.189 
PRO 'L-peptide linking' y PROLINE                                   ? 'C5 H9 N O2'     115.130 
SER 'L-peptide linking' y SERINE                                    ? 'C3 H7 N O3'     105.093 
THR 'L-peptide linking' y THREONINE                                 ? 'C4 H9 N O3'     119.119 
TRP 'L-peptide linking' y TRYPTOPHAN                                ? 'C11 H12 N2 O2'  204.225 
TYR 'L-peptide linking' y TYROSINE                                  ? 'C9 H11 N O3'    181.189 
VAL 'L-peptide linking' y VALINE                                    ? 'C5 H11 N O2'    117.146 
# 
_exptl.absorpt_coefficient_mu     ? 
_exptl.absorpt_correction_T_max   ? 
_exptl.absorpt_correction_T_min   ? 
_exptl.absorpt_correction_type    ? 
_exptl.absorpt_process_details    ? 
_exptl.entry_id                   5B09 
_exptl.crystals_number            1 
_exptl.details                    ? 
_exptl.method                     'X-RAY DIFFRACTION' 
_exptl.method_details             ? 
# 
_exptl_crystal.colour                      ? 
_exptl_crystal.density_diffrn              ? 
_exptl_crystal.density_Matthews            1.89 
_exptl_crystal.density_method              ? 
_exptl_crystal.density_percent_sol         34.98 
_exptl_crystal.description                 ? 
_exptl_crystal.F_000                       ? 
_exptl_crystal.id                          1 
_exptl_crystal.preparation                 ? 
_exptl_crystal.size_max                    ? 
_exptl_crystal.size_mid                    ? 
_exptl_crystal.size_min                    ? 
_exptl_crystal.size_rad                    ? 
_exptl_crystal.colour_lustre               ? 
_exptl_crystal.colour_modifier             ? 
_exptl_crystal.colour_primary              ? 
_exptl_crystal.density_meas                ? 
_exptl_crystal.density_meas_esd            ? 
_exptl_crystal.density_meas_gt             ? 
_exptl_crystal.density_meas_lt             ? 
_exptl_crystal.density_meas_temp           ? 
_exptl_crystal.density_meas_temp_esd       ? 
_exptl_crystal.density_meas_temp_gt        ? 
_exptl_crystal.density_meas_temp_lt        ? 
_exptl_crystal.pdbx_crystal_image_url      ? 
_exptl_crystal.pdbx_crystal_image_format   ? 
_exptl_crystal.pdbx_mosaicity              ? 
_exptl_crystal.pdbx_mosaicity_esd          ? 
# 
_exptl_crystal_grow.apparatus       ? 
_exptl_crystal_grow.atmosphere      ? 
_exptl_crystal_grow.crystal_id      1 
_exptl_crystal_grow.details         ? 
_exptl_crystal_grow.method          'VAPOR DIFFUSION, SITTING DROP' 
_exptl_crystal_grow.method_ref      ? 
_exptl_crystal_grow.pH              8.8 
_exptl_crystal_grow.pressure        ? 
_exptl_crystal_grow.pressure_esd    ? 
_exptl_crystal_grow.seeding         ? 
_exptl_crystal_grow.seeding_ref     ? 
_exptl_crystal_grow.temp            278 
_exptl_crystal_grow.temp_details    ? 
_exptl_crystal_grow.temp_esd        ? 
_exptl_crystal_grow.time            ? 
_exptl_crystal_grow.pdbx_details    '100mM Tris - HCl pH 8.8, 25%(w/v) PEG6000, 50mM olivetolic acid, 5%(v/v) methanol' 
_exptl_crystal_grow.pdbx_pH_range   ? 
# 
_diffrn.ambient_environment    ? 
_diffrn.ambient_temp           100 
_diffrn.ambient_temp_details   ? 
_diffrn.ambient_temp_esd       ? 
_diffrn.crystal_id             1 
_diffrn.crystal_support        ? 
_diffrn.crystal_treatment      ? 
_diffrn.details                ? 
_diffrn.id                     1 
_diffrn.ambient_pressure       ? 
_diffrn.ambient_pressure_esd   ? 
_diffrn.ambient_pressure_gt    ? 
_diffrn.ambient_pressure_lt    ? 
_diffrn.ambient_temp_gt        ? 
_diffrn.ambient_temp_lt        ? 
# 
_diffrn_detector.details                      ? 
_diffrn_detector.detector                     CCD 
_diffrn_detector.diffrn_id                    1 
_diffrn_detector.type                         'ADSC QUANTUM 270' 
_diffrn_detector.area_resol_mean              ? 
_diffrn_detector.dtime                        ? 
_diffrn_detector.pdbx_frames_total            ? 
_diffrn_detector.pdbx_collection_time_total   ? 
_diffrn_detector.pdbx_collection_date         2014-06-14 
# 
_diffrn_radiation.collimation                      ? 
_diffrn_radiation.diffrn_id                        1 
_diffrn_radiation.filter_edge                      ? 
_diffrn_radiation.inhomogeneity                    ? 
_diffrn_radiation.monochromator                    'Si(1 1 1)' 
_diffrn_radiation.polarisn_norm                    ? 
_diffrn_radiation.polarisn_ratio                   ? 
_diffrn_radiation.probe                            ? 
_diffrn_radiation.type                             ? 
_diffrn_radiation.xray_symbol                      ? 
_diffrn_radiation.wavelength_id                    1 
_diffrn_radiation.pdbx_monochromatic_or_laue_m_l   M 
_diffrn_radiation.pdbx_wavelength_list             ? 
_diffrn_radiation.pdbx_wavelength                  ? 
_diffrn_radiation.pdbx_diffrn_protocol             'SINGLE WAVELENGTH' 
_diffrn_radiation.pdbx_analyzer                    ? 
_diffrn_radiation.pdbx_scattering_type             x-ray 
# 
_diffrn_radiation_wavelength.id           1 
_diffrn_radiation_wavelength.wavelength   1.0000 
_diffrn_radiation_wavelength.wt           1.0 
# 
_diffrn_source.current                     ? 
_diffrn_source.details                     ? 
_diffrn_source.diffrn_id                   1 
_diffrn_source.power                       ? 
_diffrn_source.size                        ? 
_diffrn_source.source                      SYNCHROTRON 
_diffrn_source.target                      ? 
_diffrn_source.type                        'PHOTON FACTORY BEAMLINE AR-NE3A' 
_diffrn_source.voltage                     ? 
_diffrn_source.take-off_angle              ? 
_diffrn_source.pdbx_wavelength_list        1.0000 
_diffrn_source.pdbx_wavelength             ? 
_diffrn_source.pdbx_synchrotron_beamline   AR-NE3A 
_diffrn_source.pdbx_synchrotron_site       'Photon Factory' 
# 
_reflns.B_iso_Wilson_estimate            ? 
_reflns.entry_id                         5B09 
_reflns.data_reduction_details           ? 
_reflns.data_reduction_method            ? 
_reflns.d_resolution_high                1.70 
_reflns.d_resolution_low                 50.0 
_reflns.details                          ? 
_reflns.limit_h_max                      ? 
_reflns.limit_h_min                      ? 
_reflns.limit_k_max                      ? 
_reflns.limit_k_min                      ? 
_reflns.limit_l_max                      ? 
_reflns.limit_l_min                      ? 
_reflns.number_all                       ? 
_reflns.number_obs                       10098 
_reflns.observed_criterion               ? 
_reflns.observed_criterion_F_max         ? 
_reflns.observed_criterion_F_min         ? 
_reflns.observed_criterion_I_max         ? 
_reflns.observed_criterion_I_min         ? 
_reflns.observed_criterion_sigma_F       ? 
_reflns.observed_criterion_sigma_I       ? 
_reflns.percent_possible_obs             98.5 
_reflns.R_free_details                   ? 
_reflns.Rmerge_F_all                     ? 
_reflns.Rmerge_F_obs                     ? 
_reflns.Friedel_coverage                 ? 
_reflns.number_gt                        ? 
_reflns.threshold_expression             ? 
_reflns.pdbx_redundancy                  6.8 
_reflns.pdbx_Rmerge_I_obs                0.041 
_reflns.pdbx_Rmerge_I_all                ? 
_reflns.pdbx_Rsym_value                  ? 
_reflns.pdbx_netI_over_av_sigmaI         ? 
_reflns.pdbx_netI_over_sigmaI            27.9 
_reflns.pdbx_res_netI_over_av_sigmaI_2   ? 
_reflns.pdbx_res_netI_over_sigmaI_2      ? 
_reflns.pdbx_chi_squared                 ? 
_reflns.pdbx_scaling_rejects             ? 
_reflns.pdbx_d_res_high_opt              ? 
_reflns.pdbx_d_res_low_opt               ? 
_reflns.pdbx_d_res_opt_method            ? 
_reflns.phase_calculation_details        ? 
_reflns.pdbx_Rrim_I_all                  ? 
_reflns.pdbx_Rpim_I_all                  ? 
_reflns.pdbx_d_opt                       ? 
_reflns.pdbx_number_measured_all         ? 
_reflns.pdbx_diffrn_id                   1 
_reflns.pdbx_ordinal                     1 
_reflns.pdbx_CC_half                     ? 
_reflns.pdbx_R_split                     ? 
# 
_reflns_shell.d_res_high                  1.70 
_reflns_shell.d_res_low                   1.80 
_reflns_shell.meanI_over_sigI_all         ? 
_reflns_shell.meanI_over_sigI_obs         5.1 
_reflns_shell.number_measured_all         ? 
_reflns_shell.number_measured_obs         ? 
_reflns_shell.number_possible             ? 
_reflns_shell.number_unique_all           ? 
_reflns_shell.number_unique_obs           ? 
_reflns_shell.percent_possible_all        92.3 
_reflns_shell.percent_possible_obs        ? 
_reflns_shell.Rmerge_F_all                ? 
_reflns_shell.Rmerge_F_obs                ? 
_reflns_shell.Rmerge_I_all                ? 
_reflns_shell.Rmerge_I_obs                0.31 
_reflns_shell.meanI_over_sigI_gt          ? 
_reflns_shell.meanI_over_uI_all           ? 
_reflns_shell.meanI_over_uI_gt            ? 
_reflns_shell.number_measured_gt          ? 
_reflns_shell.number_unique_gt            ? 
_reflns_shell.percent_possible_gt         ? 
_reflns_shell.Rmerge_F_gt                 ? 
_reflns_shell.Rmerge_I_gt                 ? 
_reflns_shell.pdbx_redundancy             4.7 
_reflns_shell.pdbx_Rsym_value             ? 
_reflns_shell.pdbx_chi_squared            ? 
_reflns_shell.pdbx_netI_over_sigmaI_all   ? 
_reflns_shell.pdbx_netI_over_sigmaI_obs   ? 
_reflns_shell.pdbx_Rrim_I_all             ? 
_reflns_shell.pdbx_Rpim_I_all             ? 
_reflns_shell.pdbx_rejects                ? 
_reflns_shell.pdbx_ordinal                1 
_reflns_shell.pdbx_diffrn_id              1 
_reflns_shell.pdbx_CC_half                ? 
_reflns_shell.pdbx_R_split                ? 
# 
_refine.aniso_B[1][1]                            ? 
_refine.aniso_B[1][2]                            ? 
_refine.aniso_B[1][3]                            ? 
_refine.aniso_B[2][2]                            ? 
_refine.aniso_B[2][3]                            ? 
_refine.aniso_B[3][3]                            ? 
_refine.B_iso_max                                60.580 
_refine.B_iso_mean                               24.0696 
_refine.B_iso_min                                11.010 
_refine.correlation_coeff_Fo_to_Fc               ? 
_refine.correlation_coeff_Fo_to_Fc_free          ? 
_refine.details                                  ? 
_refine.diff_density_max                         ? 
_refine.diff_density_max_esd                     ? 
_refine.diff_density_min                         ? 
_refine.diff_density_min_esd                     ? 
_refine.diff_density_rms                         ? 
_refine.diff_density_rms_esd                     ? 
_refine.entry_id                                 5B09 
_refine.pdbx_refine_id                           'X-RAY DIFFRACTION' 
_refine.ls_abs_structure_details                 ? 
_refine.ls_abs_structure_Flack                   ? 
_refine.ls_abs_structure_Flack_esd               ? 
_refine.ls_abs_structure_Rogers                  ? 
_refine.ls_abs_structure_Rogers_esd              ? 
_refine.ls_d_res_high                            1.7000 
_refine.ls_d_res_low                             32.1120 
_refine.ls_extinction_coef                       ? 
_refine.ls_extinction_coef_esd                   ? 
_refine.ls_extinction_expression                 ? 
_refine.ls_extinction_method                     ? 
_refine.ls_goodness_of_fit_all                   ? 
_refine.ls_goodness_of_fit_all_esd               ? 
_refine.ls_goodness_of_fit_obs                   ? 
_refine.ls_goodness_of_fit_obs_esd               ? 
_refine.ls_hydrogen_treatment                    ? 
_refine.ls_matrix_type                           ? 
_refine.ls_number_constraints                    ? 
_refine.ls_number_parameters                     ? 
_refine.ls_number_reflns_all                     ? 
_refine.ls_number_reflns_obs                     10094 
_refine.ls_number_reflns_R_free                  505 
_refine.ls_number_reflns_R_work                  9589 
_refine.ls_number_restraints                     ? 
_refine.ls_percent_reflns_obs                    98.6500 
_refine.ls_percent_reflns_R_free                 5.0000 
_refine.ls_R_factor_all                          ? 
_refine.ls_R_factor_obs                          0.1981 
_refine.ls_R_factor_R_free                       0.2230 
_refine.ls_R_factor_R_free_error                 ? 
_refine.ls_R_factor_R_free_error_details         ? 
_refine.ls_R_factor_R_work                       0.1968 
_refine.ls_R_Fsqd_factor_obs                     ? 
_refine.ls_R_I_factor_obs                        ? 
_refine.ls_redundancy_reflns_all                 ? 
_refine.ls_redundancy_reflns_obs                 ? 
_refine.ls_restrained_S_all                      ? 
_refine.ls_restrained_S_obs                      ? 
_refine.ls_shift_over_esd_max                    ? 
_refine.ls_shift_over_esd_mean                   ? 
_refine.ls_structure_factor_coef                 ? 
_refine.ls_weighting_details                     ? 
_refine.ls_weighting_scheme                      ? 
_refine.ls_wR_factor_all                         ? 
_refine.ls_wR_factor_obs                         ? 
_refine.ls_wR_factor_R_free                      ? 
_refine.ls_wR_factor_R_work                      ? 
_refine.occupancy_max                            ? 
_refine.occupancy_min                            ? 
_refine.solvent_model_details                    'FLAT BULK SOLVENT MODEL' 
_refine.solvent_model_param_bsol                 ? 
_refine.solvent_model_param_ksol                 ? 
_refine.ls_R_factor_gt                           ? 
_refine.ls_goodness_of_fit_gt                    ? 
_refine.ls_goodness_of_fit_ref                   ? 
_refine.ls_shift_over_su_max                     ? 
_refine.ls_shift_over_su_max_lt                  ? 
_refine.ls_shift_over_su_mean                    ? 
_refine.ls_shift_over_su_mean_lt                 ? 
_refine.pdbx_ls_sigma_I                          ? 
_refine.pdbx_ls_sigma_F                          1.390 
_refine.pdbx_ls_sigma_Fsqd                       ? 
_refine.pdbx_data_cutoff_high_absF               ? 
_refine.pdbx_data_cutoff_high_rms_absF           ? 
_refine.pdbx_data_cutoff_low_absF                ? 
_refine.pdbx_isotropic_thermal_model             ? 
_refine.pdbx_ls_cross_valid_method               'FREE R-VALUE' 
_refine.pdbx_method_to_determine_struct          'MOLECULAR REPLACEMENT' 
_refine.pdbx_starting_model                      5B08 
_refine.pdbx_stereochemistry_target_values       ML 
_refine.pdbx_R_Free_selection_details            'Random selection' 
_refine.pdbx_stereochem_target_val_spec_case     ? 
_refine.pdbx_overall_ESU_R                       ? 
_refine.pdbx_overall_ESU_R_Free                  ? 
_refine.pdbx_solvent_vdw_probe_radii             1.1100 
_refine.pdbx_solvent_ion_probe_radii             ? 
_refine.pdbx_solvent_shrinkage_radii             0.9000 
_refine.pdbx_real_space_R                        ? 
_refine.pdbx_density_correlation                 ? 
_refine.pdbx_pd_number_of_powder_patterns        ? 
_refine.pdbx_pd_number_of_points                 ? 
_refine.pdbx_pd_meas_number_of_points            ? 
_refine.pdbx_pd_proc_ls_prof_R_factor            ? 
_refine.pdbx_pd_proc_ls_prof_wR_factor           ? 
_refine.pdbx_pd_Marquardt_correlation_coeff      ? 
_refine.pdbx_pd_Fsqrd_R_factor                   ? 
_refine.pdbx_pd_ls_matrix_band_width             ? 
_refine.pdbx_overall_phase_error                 25.5200 
_refine.pdbx_overall_SU_R_free_Cruickshank_DPI   ? 
_refine.pdbx_overall_SU_R_free_Blow_DPI          ? 
_refine.pdbx_overall_SU_R_Blow_DPI               ? 
_refine.pdbx_TLS_residual_ADP_flag               ? 
_refine.pdbx_diffrn_id                           1 
_refine.overall_SU_B                             ? 
_refine.overall_SU_ML                            0.1800 
_refine.overall_SU_R_Cruickshank_DPI             ? 
_refine.overall_SU_R_free                        ? 
_refine.overall_FOM_free_R_set                   ? 
_refine.overall_FOM_work_R_set                   ? 
_refine.pdbx_average_fsc_overall                 ? 
_refine.pdbx_average_fsc_work                    ? 
_refine.pdbx_average_fsc_free                    ? 
# 
_refine_hist.cycle_id                         final 
_refine_hist.pdbx_refine_id                   'X-RAY DIFFRACTION' 
_refine_hist.d_res_high                       1.7000 
_refine_hist.d_res_low                        32.1120 
_refine_hist.pdbx_number_atoms_ligand         16 
_refine_hist.number_atoms_solvent             56 
_refine_hist.number_atoms_total               883 
_refine_hist.pdbx_number_residues_total       96 
_refine_hist.pdbx_B_iso_mean_ligand           31.60 
_refine_hist.pdbx_B_iso_mean_solvent          30.50 
_refine_hist.pdbx_number_atoms_protein        811 
_refine_hist.pdbx_number_atoms_nucleic_acid   0 
# 
loop_
_refine_ls_restr.pdbx_refine_id 
_refine_ls_restr.criterion 
_refine_ls_restr.dev_ideal 
_refine_ls_restr.dev_ideal_target 
_refine_ls_restr.number 
_refine_ls_restr.rejects 
_refine_ls_restr.type 
_refine_ls_restr.weight 
_refine_ls_restr.pdbx_restraint_function 
'X-RAY DIFFRACTION' ? 0.010  ? 849  ? f_bond_d           ? ? 
'X-RAY DIFFRACTION' ? 1.156  ? 1149 ? f_angle_d          ? ? 
'X-RAY DIFFRACTION' ? 0.061  ? 124  ? f_chiral_restr     ? ? 
'X-RAY DIFFRACTION' ? 0.005  ? 141  ? f_plane_restr      ? ? 
'X-RAY DIFFRACTION' ? 14.538 ? 305  ? f_dihedral_angle_d ? ? 
# 
loop_
_refine_ls_shell.pdbx_refine_id 
_refine_ls_shell.d_res_high 
_refine_ls_shell.d_res_low 
_refine_ls_shell.number_reflns_all 
_refine_ls_shell.number_reflns_obs 
_refine_ls_shell.number_reflns_R_free 
_refine_ls_shell.number_reflns_R_work 
_refine_ls_shell.percent_reflns_obs 
_refine_ls_shell.percent_reflns_R_free 
_refine_ls_shell.R_factor_all 
_refine_ls_shell.R_factor_obs 
_refine_ls_shell.R_factor_R_free 
_refine_ls_shell.R_factor_R_free_error 
_refine_ls_shell.R_factor_R_work 
_refine_ls_shell.redundancy_reflns_all 
_refine_ls_shell.redundancy_reflns_obs 
_refine_ls_shell.wR_factor_all 
_refine_ls_shell.wR_factor_obs 
_refine_ls_shell.wR_factor_R_free 
_refine_ls_shell.wR_factor_R_work 
_refine_ls_shell.pdbx_total_number_of_bins_used 
_refine_ls_shell.pdbx_phase_error 
_refine_ls_shell.pdbx_fsc_work 
_refine_ls_shell.pdbx_fsc_free 
'X-RAY DIFFRACTION' 1.6998 1.8709  2390 . 119 2271 95.0000  . . . 0.2650 . 0.2179 . . . . . . 4 . . . 
'X-RAY DIFFRACTION' 1.8709 2.1416  2542 . 127 2415 100.0000 . . . 0.2430 . 0.1903 . . . . . . 4 . . . 
'X-RAY DIFFRACTION' 2.1416 2.6979  2543 . 128 2415 100.0000 . . . 0.2390 . 0.2100 . . . . . . 4 . . . 
'X-RAY DIFFRACTION' 2.6979 32.1174 2619 . 131 2488 100.0000 . . . 0.2043 . 0.1897 . . . . . . 4 . . . 
# 
_struct.entry_id                     5B09 
_struct.title                        'Polyketide cyclase OAC from Cannabis sativa bound with Olivetolic acid' 
_struct.pdbx_model_details           ? 
_struct.pdbx_formula_weight          ? 
_struct.pdbx_formula_weight_method   ? 
_struct.pdbx_model_type_details      ? 
_struct.pdbx_CASP_flag               ? 
# 
_struct_keywords.entry_id        5B09 
_struct_keywords.text            'Cannabis sativa, plant polyketide cyclase, LYASE' 
_struct_keywords.pdbx_keywords   LYASE 
# 
loop_
_struct_asym.id 
_struct_asym.pdbx_blank_PDB_chainid_flag 
_struct_asym.pdbx_modified 
_struct_asym.entity_id 
_struct_asym.details 
A N N 1 ? 
B N N 2 ? 
C N N 3 ? 
# 
loop_
_struct_conf.conf_type_id 
_struct_conf.id 
_struct_conf.pdbx_PDB_helix_id 
_struct_conf.beg_label_comp_id 
_struct_conf.beg_label_asym_id 
_struct_conf.beg_label_seq_id 
_struct_conf.pdbx_beg_PDB_ins_code 
_struct_conf.end_label_comp_id 
_struct_conf.end_label_asym_id 
_struct_conf.end_label_seq_id 
_struct_conf.pdbx_end_PDB_ins_code 
_struct_conf.beg_auth_comp_id 
_struct_conf.beg_auth_asym_id 
_struct_conf.beg_auth_seq_id 
_struct_conf.end_auth_comp_id 
_struct_conf.end_auth_asym_id 
_struct_conf.end_auth_seq_id 
_struct_conf.pdbx_PDB_helix_class 
_struct_conf.details 
_struct_conf.pdbx_PDB_helix_length 
HELX_P HELX_P1 AA1 THR A 19 ? LEU A 33 ? THR A 16 LEU A 30 1 ? 15 
HELX_P HELX_P2 AA2 VAL A 34 ? ILE A 36 ? VAL A 31 ILE A 33 5 ? 3  
HELX_P HELX_P3 AA3 SER A 68 ? ILE A 77 ? SER A 65 ILE A 74 1 ? 10 
HELX_P HELX_P4 AA4 HIS A 78 ? ARG A 89 ? HIS A 75 ARG A 86 1 ? 12 
# 
_struct_conf_type.id          HELX_P 
_struct_conf_type.criteria    ? 
_struct_conf_type.reference   ? 
# 
_struct_sheet.id               AA1 
_struct_sheet.type             ? 
_struct_sheet.number_strands   4 
_struct_sheet.details          ? 
# 
loop_
_struct_sheet_order.sheet_id 
_struct_sheet_order.range_id_1 
_struct_sheet_order.range_id_2 
_struct_sheet_order.offset 
_struct_sheet_order.sense 
AA1 1 2 ? anti-parallel 
AA1 2 3 ? anti-parallel 
AA1 3 4 ? anti-parallel 
# 
loop_
_struct_sheet_range.sheet_id 
_struct_sheet_range.id 
_struct_sheet_range.beg_label_comp_id 
_struct_sheet_range.beg_label_asym_id 
_struct_sheet_range.beg_label_seq_id 
_struct_sheet_range.pdbx_beg_PDB_ins_code 
_struct_sheet_range.end_label_comp_id 
_struct_sheet_range.end_label_asym_id 
_struct_sheet_range.end_label_seq_id 
_struct_sheet_range.pdbx_end_PDB_ins_code 
_struct_sheet_range.beg_auth_comp_id 
_struct_sheet_range.beg_auth_asym_id 
_struct_sheet_range.beg_auth_seq_id 
_struct_sheet_range.end_auth_comp_id 
_struct_sheet_range.end_auth_asym_id 
_struct_sheet_range.end_auth_seq_id 
AA1 1 ASP A 42 ? LYS A 47  ? ASP A 39 LYS A 44 
AA1 2 HIS A 60 ? THR A 65  ? HIS A 57 THR A 62 
AA1 3 LYS A 7  ? PHE A 14  ? LYS A 4  PHE A 11 
AA1 4 TRP A 92 ? TYR A 100 ? TRP A 89 TYR A 97 
# 
loop_
_pdbx_struct_sheet_hbond.sheet_id 
_pdbx_struct_sheet_hbond.range_id_1 
_pdbx_struct_sheet_hbond.range_id_2 
_pdbx_struct_sheet_hbond.range_1_label_atom_id 
_pdbx_struct_sheet_hbond.range_1_label_comp_id 
_pdbx_struct_sheet_hbond.range_1_label_asym_id 
_pdbx_struct_sheet_hbond.range_1_label_seq_id 
_pdbx_struct_sheet_hbond.range_1_PDB_ins_code 
_pdbx_struct_sheet_hbond.range_1_auth_atom_id 
_pdbx_struct_sheet_hbond.range_1_auth_comp_id 
_pdbx_struct_sheet_hbond.range_1_auth_asym_id 
_pdbx_struct_sheet_hbond.range_1_auth_seq_id 
_pdbx_struct_sheet_hbond.range_2_label_atom_id 
_pdbx_struct_sheet_hbond.range_2_label_comp_id 
_pdbx_struct_sheet_hbond.range_2_label_asym_id 
_pdbx_struct_sheet_hbond.range_2_label_seq_id 
_pdbx_struct_sheet_hbond.range_2_PDB_ins_code 
_pdbx_struct_sheet_hbond.range_2_auth_atom_id 
_pdbx_struct_sheet_hbond.range_2_auth_comp_id 
_pdbx_struct_sheet_hbond.range_2_auth_asym_id 
_pdbx_struct_sheet_hbond.range_2_auth_seq_id 
AA1 1 2 N TYR A 44 ? N TYR A 41 O GLU A 63  ? O GLU A 60 
AA1 2 3 O VAL A 64 ? O VAL A 61 N HIS A 8   ? N HIS A 5  
AA1 3 4 N LYS A 7  ? N LYS A 4  O TYR A 100 ? O TYR A 97 
# 
_struct_site.id                   AC1 
_struct_site.pdbx_evidence_code   Software 
_struct_site.pdbx_auth_asym_id    A 
_struct_site.pdbx_auth_comp_id    4MX 
_struct_site.pdbx_auth_seq_id     201 
_struct_site.pdbx_auth_ins_code   ? 
_struct_site.pdbx_num_residues    6 
_struct_site.details              'binding site for residue 4MX A 201' 
# 
loop_
_struct_site_gen.id 
_struct_site_gen.site_id 
_struct_site_gen.pdbx_num_res 
_struct_site_gen.label_comp_id 
_struct_site_gen.label_asym_id 
_struct_site_gen.label_seq_id 
_struct_site_gen.pdbx_auth_ins_code 
_struct_site_gen.auth_comp_id 
_struct_site_gen.auth_asym_id 
_struct_site_gen.auth_seq_id 
_struct_site_gen.label_atom_id 
_struct_site_gen.label_alt_id 
_struct_site_gen.symmetry 
_struct_site_gen.details 
1 AC1 6 HIS A 8  ? HIS A 5  . ? 1_555 ? 
2 AC1 6 TYR A 30 ? TYR A 27 . ? 1_555 ? 
3 AC1 6 LYS A 52 ? LYS A 49 . ? 2_555 ? 
4 AC1 6 TYR A 75 ? TYR A 72 . ? 1_555 ? 
5 AC1 6 ILE A 76 ? ILE A 73 . ? 1_555 ? 
6 AC1 6 HIS A 81 ? HIS A 78 . ? 1_555 ? 
# 
_atom_sites.entry_id                    5B09 
_atom_sites.fract_transf_matrix[1][1]   -0.01110392 
_atom_sites.fract_transf_matrix[1][2]   0.00081717 
_atom_sites.fract_transf_matrix[1][3]   0.00496519 
_atom_sites.fract_transf_matrix[2][1]   -0.00219497 
_atom_sites.fract_transf_matrix[2][2]   0.03120186 
_atom_sites.fract_transf_matrix[2][3]   -0.01004392 
_atom_sites.fract_transf_matrix[3][1]   -0.01928838 
_atom_sites.fract_transf_matrix[3][2]   -0.00767959 
_atom_sites.fract_transf_matrix[3][3]   -0.01964176 
_atom_sites.fract_transf_vector[1]      0.120584 
_atom_sites.fract_transf_vector[2]      0.710723 
_atom_sites.fract_transf_vector[3]      0.207821 
# 
loop_
_atom_type.symbol 
C 
N 
O 
S 
# 
loop_
_atom_site.group_PDB 
_atom_site.id 
_atom_site.type_symbol 
_atom_site.label_atom_id 
_atom_site.label_alt_id 
_atom_site.label_comp_id 
_atom_site.label_asym_id 
_atom_site.label_entity_id 
_atom_site.label_seq_id 
_atom_site.pdbx_PDB_ins_code 
_atom_site.Cartn_x 
_atom_site.Cartn_y 
_atom_site.Cartn_z 
_atom_site.occupancy 
_atom_site.B_iso_or_equiv 
_atom_site.pdbx_formal_charge 
_atom_site.auth_seq_id 
_atom_site.auth_comp_id 
_atom_site.auth_asym_id 
_atom_site.auth_atom_id 
_atom_site.pdbx_PDB_model_num 
ATOM   1   N N   . VAL A 1 6   ? 6.931   11.466  6.715   1.00 29.89 ? 3   VAL A N   1 
ATOM   2   C CA  . VAL A 1 6   ? 7.184   10.067  7.030   1.00 24.49 ? 3   VAL A CA  1 
ATOM   3   C C   . VAL A 1 6   ? 6.645   9.251   5.867   1.00 21.72 ? 3   VAL A C   1 
ATOM   4   O O   . VAL A 1 6   ? 5.603   9.574   5.284   1.00 24.89 ? 3   VAL A O   1 
ATOM   5   C CB  . VAL A 1 6   ? 6.535   9.624   8.357   1.00 25.16 ? 3   VAL A CB  1 
ATOM   6   C CG1 . VAL A 1 6   ? 6.725   8.176   8.559   1.00 23.55 ? 3   VAL A CG1 1 
ATOM   7   C CG2 . VAL A 1 6   ? 7.118   10.377  9.539   1.00 30.96 ? 3   VAL A CG2 1 
ATOM   8   N N   . LYS A 1 7   ? 7.387   8.222   5.497   1.00 21.37 ? 4   LYS A N   1 
ATOM   9   C CA  . LYS A 1 7   ? 6.959   7.358   4.420   1.00 16.69 ? 4   LYS A CA  1 
ATOM   10  C C   . LYS A 1 7   ? 6.514   6.041   5.007   1.00 16.78 ? 4   LYS A C   1 
ATOM   11  O O   . LYS A 1 7   ? 7.197   5.469   5.861   1.00 18.64 ? 4   LYS A O   1 
ATOM   12  C CB  . LYS A 1 7   ? 8.093   7.147   3.411   1.00 17.50 ? 4   LYS A CB  1 
ATOM   13  C CG  . LYS A 1 7   ? 7.679   6.313   2.227   1.00 23.65 ? 4   LYS A CG  1 
ATOM   14  C CD  . LYS A 1 7   ? 8.694   6.391   1.088   1.00 26.20 ? 4   LYS A CD  1 
ATOM   15  C CE  . LYS A 1 7   ? 8.795   7.793   0.501   1.00 26.10 ? 4   LYS A CE  1 
ATOM   16  N NZ  . LYS A 1 7   ? 9.632   7.766   -0.741  1.00 27.16 ? 4   LYS A NZ  1 
ATOM   17  N N   . HIS A 1 8   ? 5.362   5.571   4.551   1.00 16.34 ? 5   HIS A N   1 
ATOM   18  C CA  . HIS A 1 8   ? 4.821   4.288   4.940   1.00 14.71 ? 5   HIS A CA  1 
ATOM   19  C C   . HIS A 1 8   ? 5.029   3.384   3.736   1.00 16.35 ? 5   HIS A C   1 
ATOM   20  O O   . HIS A 1 8   ? 4.449   3.623   2.664   1.00 15.89 ? 5   HIS A O   1 
ATOM   21  C CB  . HIS A 1 8   ? 3.349   4.457   5.328   1.00 14.27 ? 5   HIS A CB  1 
ATOM   22  C CG  . HIS A 1 8   ? 2.607   3.186   5.606   1.00 16.25 ? 5   HIS A CG  1 
ATOM   23  N ND1 . HIS A 1 8   ? 2.751   2.473   6.773   1.00 19.37 ? 5   HIS A ND1 1 
ATOM   24  C CD2 . HIS A 1 8   ? 1.616   2.573   4.910   1.00 19.52 ? 5   HIS A CD2 1 
ATOM   25  C CE1 . HIS A 1 8   ? 1.927   1.440   6.761   1.00 19.90 ? 5   HIS A CE1 1 
ATOM   26  N NE2 . HIS A 1 8   ? 1.228   1.478   5.643   1.00 21.33 ? 5   HIS A NE2 1 
ATOM   27  N N   . LEU A 1 9   ? 5.900   2.383   3.883   1.00 13.90 ? 6   LEU A N   1 
ATOM   28  C CA  . LEU A 1 9   ? 6.343   1.581   2.734   1.00 13.51 ? 6   LEU A CA  1 
ATOM   29  C C   . LEU A 1 9   ? 5.789   0.178   2.814   1.00 15.16 ? 6   LEU A C   1 
ATOM   30  O O   . LEU A 1 9   ? 5.971   -0.514  3.809   1.00 15.57 ? 6   LEU A O   1 
ATOM   31  C CB  . LEU A 1 9   ? 7.891   1.539   2.670   1.00 12.04 ? 6   LEU A CB  1 
ATOM   32  C CG  . LEU A 1 9   ? 8.476   0.806   1.462   1.00 17.45 ? 6   LEU A CG  1 
ATOM   33  C CD1 . LEU A 1 9   ? 8.324   1.677   0.242   1.00 19.74 ? 6   LEU A CD1 1 
ATOM   34  C CD2 . LEU A 1 9   ? 9.935   0.455   1.690   1.00 19.06 ? 6   LEU A CD2 1 
ATOM   35  N N   . ILE A 1 10  ? 5.104   -0.253  1.759   1.00 13.55 ? 7   ILE A N   1 
ATOM   36  C CA  . ILE A 1 10  ? 4.547   -1.591  1.724   1.00 12.70 ? 7   ILE A CA  1 
ATOM   37  C C   . ILE A 1 10  ? 5.224   -2.395  0.625   1.00 14.34 ? 7   ILE A C   1 
ATOM   38  O O   . ILE A 1 10  ? 5.325   -1.928  -0.504  1.00 14.93 ? 7   ILE A O   1 
ATOM   39  C CB  . ILE A 1 10  ? 3.037   -1.545  1.478   1.00 14.74 ? 7   ILE A CB  1 
ATOM   40  C CG1 . ILE A 1 10  ? 2.365   -0.689  2.550   1.00 17.30 ? 7   ILE A CG1 1 
ATOM   41  C CG2 . ILE A 1 10  ? 2.435   -2.950  1.464   1.00 18.53 ? 7   ILE A CG2 1 
ATOM   42  C CD1 . ILE A 1 10  ? 1.082   -0.034  2.090   1.00 20.63 ? 7   ILE A CD1 1 
ATOM   43  N N   . VAL A 1 11  ? 5.683   -3.594  0.967   1.00 14.50 ? 8   VAL A N   1 
ATOM   44  C CA  . VAL A 1 11  ? 6.324   -4.486  0.001   1.00 15.68 ? 8   VAL A CA  1 
ATOM   45  C C   . VAL A 1 11  ? 5.430   -5.720  -0.079  1.00 16.37 ? 8   VAL A C   1 
ATOM   46  O O   . VAL A 1 11  ? 5.122   -6.317  0.935   1.00 15.07 ? 8   VAL A O   1 
ATOM   47  C CB  . VAL A 1 11  ? 7.760   -4.872  0.437   1.00 17.63 ? 8   VAL A CB  1 
ATOM   48  C CG1 . VAL A 1 11  ? 8.437   -5.704  -0.626  1.00 17.77 ? 8   VAL A CG1 1 
ATOM   49  C CG2 . VAL A 1 11  ? 8.587   -3.626  0.735   1.00 18.58 ? 8   VAL A CG2 1 
ATOM   50  N N   . LEU A 1 12  ? 4.966   -6.109  -1.250  1.00 15.49 ? 9   LEU A N   1 
ATOM   51  C CA  . LEU A 1 12  ? 4.033   -7.224  -1.211  1.00 18.98 ? 9   LEU A CA  1 
ATOM   52  C C   . LEU A 1 12  ? 4.181   -8.224  -2.333  1.00 15.77 ? 9   LEU A C   1 
ATOM   53  O O   . LEU A 1 12  ? 4.797   -7.955  -3.368  1.00 16.80 ? 9   LEU A O   1 
ATOM   54  C CB  . LEU A 1 12  ? 2.589   -6.705  -1.176  1.00 24.51 ? 9   LEU A CB  1 
ATOM   55  C CG  . LEU A 1 12  ? 1.926   -5.982  -2.346  1.00 22.03 ? 9   LEU A CG  1 
ATOM   56  C CD1 . LEU A 1 12  ? 1.420   -6.940  -3.431  1.00 21.77 ? 9   LEU A CD1 1 
ATOM   57  C CD2 . LEU A 1 12  ? 0.772   -5.132  -1.831  1.00 27.24 ? 9   LEU A CD2 1 
ATOM   58  N N   . LYS A 1 13  ? 3.611   -9.397  -2.088  1.00 16.01 ? 10  LYS A N   1 
ATOM   59  C CA  . LYS A 1 13  ? 3.450   -10.428 -3.099  1.00 17.70 ? 10  LYS A CA  1 
ATOM   60  C C   . LYS A 1 13  ? 1.974   -10.773 -3.230  1.00 18.29 ? 10  LYS A C   1 
ATOM   61  O O   . LYS A 1 13  ? 1.280   -10.909 -2.222  1.00 19.20 ? 10  LYS A O   1 
ATOM   62  C CB  . LYS A 1 13  ? 4.242   -11.681 -2.743  1.00 20.06 ? 10  LYS A CB  1 
ATOM   63  C CG  . LYS A 1 13  ? 4.335   -12.670 -3.902  1.00 18.96 ? 10  LYS A CG  1 
ATOM   64  C CD  . LYS A 1 13  ? 4.835   -14.017 -3.427  1.00 28.00 ? 10  LYS A CD  1 
ATOM   65  C CE  . LYS A 1 13  ? 4.704   -15.050 -4.532  1.00 30.47 ? 10  LYS A CE  1 
ATOM   66  N NZ  . LYS A 1 13  ? 5.077   -16.402 -4.043  1.00 36.43 ? 10  LYS A NZ  1 
ATOM   67  N N   . PHE A 1 14  ? 1.499   -10.905 -4.466  1.00 15.98 ? 11  PHE A N   1 
ATOM   68  C CA  . PHE A 1 14  ? 0.118   -11.326 -4.707  1.00 17.92 ? 11  PHE A CA  1 
ATOM   69  C C   . PHE A 1 14  ? 0.021   -12.844 -4.722  1.00 21.10 ? 11  PHE A C   1 
ATOM   70  O O   . PHE A 1 14  ? 0.988   -13.530 -5.045  1.00 19.38 ? 11  PHE A O   1 
ATOM   71  C CB  . PHE A 1 14  ? -0.408  -10.772 -6.035  1.00 16.45 ? 11  PHE A CB  1 
ATOM   72  C CG  . PHE A 1 14  ? -0.703  -9.292  -6.009  1.00 20.57 ? 11  PHE A CG  1 
ATOM   73  C CD1 . PHE A 1 14  ? -1.855  -8.816  -5.407  1.00 18.39 ? 11  PHE A CD1 1 
ATOM   74  C CD2 . PHE A 1 14  ? 0.161   -8.387  -6.609  1.00 19.09 ? 11  PHE A CD2 1 
ATOM   75  C CE1 . PHE A 1 14  ? -2.146  -7.466  -5.388  1.00 18.35 ? 11  PHE A CE1 1 
ATOM   76  C CE2 . PHE A 1 14  ? -0.119  -7.016  -6.589  1.00 18.15 ? 11  PHE A CE2 1 
ATOM   77  C CZ  . PHE A 1 14  ? -1.280  -6.560  -5.982  1.00 18.25 ? 11  PHE A CZ  1 
ATOM   78  N N   . LYS A 1 15  ? -1.161  -13.370 -4.398  1.00 19.41 ? 12  LYS A N   1 
ATOM   79  C CA  . LYS A 1 15  ? -1.406  -14.793 -4.594  1.00 21.42 ? 12  LYS A CA  1 
ATOM   80  C C   . LYS A 1 15  ? -1.401  -15.106 -6.093  1.00 24.86 ? 12  LYS A C   1 
ATOM   81  O O   . LYS A 1 15  ? -1.689  -14.242 -6.915  1.00 24.25 ? 12  LYS A O   1 
ATOM   82  C CB  . LYS A 1 15  ? -2.727  -15.209 -3.961  1.00 21.93 ? 12  LYS A CB  1 
ATOM   83  C CG  . LYS A 1 15  ? -2.723  -15.157 -2.438  1.00 24.21 ? 12  LYS A CG  1 
ATOM   84  C CD  . LYS A 1 15  ? -4.071  -15.596 -1.896  1.00 25.38 ? 12  LYS A CD  1 
ATOM   85  C CE  . LYS A 1 15  ? -4.175  -15.394 -0.388  1.00 28.12 ? 12  LYS A CE  1 
ATOM   86  N NZ  . LYS A 1 15  ? -5.547  -15.698 0.080   1.00 30.22 ? 12  LYS A NZ  1 
ATOM   87  N N   . ASP A 1 16  ? -1.066  -16.344 -6.441  1.00 27.61 ? 13  ASP A N   1 
ATOM   88  C CA  . ASP A 1 16  ? -0.902  -16.737 -7.839  1.00 27.33 ? 13  ASP A CA  1 
ATOM   89  C C   . ASP A 1 16  ? -2.187  -16.604 -8.650  1.00 21.86 ? 13  ASP A C   1 
ATOM   90  O O   . ASP A 1 16  ? -2.152  -16.348 -9.851  1.00 26.05 ? 13  ASP A O   1 
ATOM   91  C CB  . ASP A 1 16  ? -0.385  -18.176 -7.921  1.00 28.19 ? 13  ASP A CB  1 
ATOM   92  C CG  . ASP A 1 16  ? 1.120   -18.263 -7.766  1.00 36.44 ? 13  ASP A CG  1 
ATOM   93  O OD1 . ASP A 1 16  ? 1.768   -17.206 -7.622  1.00 33.38 ? 13  ASP A OD1 1 
ATOM   94  O OD2 . ASP A 1 16  ? 1.650   -19.393 -7.752  1.00 44.06 ? 13  ASP A OD2 1 
ATOM   95  N N   . GLU A 1 17  ? -3.323  -16.773 -7.981  1.00 25.60 ? 14  GLU A N   1 
ATOM   96  C CA  . GLU A 1 17  ? -4.618  -16.729 -8.644  1.00 24.14 ? 14  GLU A CA  1 
ATOM   97  C C   . GLU A 1 17  ? -5.039  -15.316 -9.064  1.00 23.21 ? 14  GLU A C   1 
ATOM   98  O O   . GLU A 1 17  ? -5.917  -15.154 -9.914  1.00 24.50 ? 14  GLU A O   1 
ATOM   99  C CB  . GLU A 1 17  ? -5.682  -17.342 -7.726  1.00 32.41 ? 14  GLU A CB  1 
ATOM   100 C CG  . GLU A 1 17  ? -5.794  -16.625 -6.378  1.00 37.95 ? 14  GLU A CG  1 
ATOM   101 C CD  . GLU A 1 17  ? -6.815  -17.263 -5.445  1.00 44.96 ? 14  GLU A CD  1 
ATOM   102 O OE1 . GLU A 1 17  ? -7.642  -18.059 -5.944  1.00 51.03 ? 14  GLU A OE1 1 
ATOM   103 O OE2 . GLU A 1 17  ? -6.798  -16.967 -4.223  1.00 46.11 ? 14  GLU A OE2 1 
ATOM   104 N N   . ILE A 1 18  ? -4.423  -14.292 -8.476  1.00 20.66 ? 15  ILE A N   1 
ATOM   105 C CA  . ILE A 1 18  ? -4.795  -12.914 -8.793  1.00 19.65 ? 15  ILE A CA  1 
ATOM   106 C C   . ILE A 1 18  ? -4.318  -12.534 -10.188 1.00 22.55 ? 15  ILE A C   1 
ATOM   107 O O   . ILE A 1 18  ? -3.159  -12.757 -10.515 1.00 18.72 ? 15  ILE A O   1 
ATOM   108 C CB  . ILE A 1 18  ? -4.202  -11.926 -7.758  1.00 18.23 ? 15  ILE A CB  1 
ATOM   109 C CG1 . ILE A 1 18  ? -4.542  -12.411 -6.349  1.00 22.47 ? 15  ILE A CG1 1 
ATOM   110 C CG2 . ILE A 1 18  ? -4.719  -10.507 -8.000  1.00 18.31 ? 15  ILE A CG2 1 
ATOM   111 C CD1 . ILE A 1 18  ? -6.045  -12.501 -6.091  1.00 24.76 ? 15  ILE A CD1 1 
ATOM   112 N N   . THR A 1 19  ? -5.203  -11.966 -11.004 1.00 18.74 ? 16  THR A N   1 
ATOM   113 C CA  . THR A 1 19  ? -4.857  -11.620 -12.385 1.00 19.23 ? 16  THR A CA  1 
ATOM   114 C C   . THR A 1 19  ? -4.311  -10.201 -12.484 1.00 20.60 ? 16  THR A C   1 
ATOM   115 O O   . THR A 1 19  ? -4.453  -9.414  -11.552 1.00 16.45 ? 16  THR A O   1 
ATOM   116 C CB  . THR A 1 19  ? -6.068  -11.739 -13.324 1.00 19.28 ? 16  THR A CB  1 
ATOM   117 O OG1 . THR A 1 19  ? -6.978  -10.661 -13.075 1.00 20.55 ? 16  THR A OG1 1 
ATOM   118 C CG2 . THR A 1 19  ? -6.776  -13.062 -13.106 1.00 19.83 ? 16  THR A CG2 1 
ATOM   119 N N   . GLU A 1 20  ? -3.682  -9.878  -13.616 1.00 15.07 ? 17  GLU A N   1 
ATOM   120 C CA  . GLU A 1 20  ? -3.154  -8.536  -13.833 1.00 18.06 ? 17  GLU A CA  1 
ATOM   121 C C   . GLU A 1 20  ? -4.220  -7.451  -13.717 1.00 18.57 ? 17  GLU A C   1 
ATOM   122 O O   . GLU A 1 20  ? -3.967  -6.378  -13.162 1.00 16.88 ? 17  GLU A O   1 
ATOM   123 C CB  . GLU A 1 20  ? -2.487  -8.447  -15.213 1.00 18.64 ? 17  GLU A CB  1 
ATOM   124 C CG  . GLU A 1 20  ? -1.298  -9.360  -15.357 1.00 23.88 ? 17  GLU A CG  1 
ATOM   125 C CD  . GLU A 1 20  ? -0.247  -9.089  -14.305 1.00 30.03 ? 17  GLU A CD  1 
ATOM   126 O OE1 . GLU A 1 20  ? 0.106   -7.905  -14.113 1.00 31.36 ? 17  GLU A OE1 1 
ATOM   127 O OE2 . GLU A 1 20  ? 0.211   -10.059 -13.667 1.00 37.86 ? 17  GLU A OE2 1 
ATOM   128 N N   . ALA A 1 21  ? -5.417  -7.724  -14.236 1.00 15.70 ? 18  ALA A N   1 
ATOM   129 C CA  . ALA A 1 21  ? -6.491  -6.751  -14.202 1.00 15.94 ? 18  ALA A CA  1 
ATOM   130 C C   . ALA A 1 21  ? -6.888  -6.478  -12.761 1.00 15.38 ? 18  ALA A C   1 
ATOM   131 O O   . ALA A 1 21  ? -7.143  -5.345  -12.378 1.00 17.10 ? 18  ALA A O   1 
ATOM   132 C CB  . ALA A 1 21  ? -7.688  -7.248  -14.978 1.00 15.14 ? 18  ALA A CB  1 
ATOM   133 N N   . GLN A 1 22  ? -6.948  -7.544  -11.978 1.00 15.03 ? 19  GLN A N   1 
ATOM   134 C CA  . GLN A 1 22  ? -7.259  -7.414  -10.552 1.00 13.10 ? 19  GLN A CA  1 
ATOM   135 C C   . GLN A 1 22  ? -6.211  -6.574  -9.828  1.00 17.75 ? 19  GLN A C   1 
ATOM   136 O O   . GLN A 1 22  ? -6.549  -5.735  -8.987  1.00 16.71 ? 19  GLN A O   1 
ATOM   137 C CB  . GLN A 1 22  ? -7.358  -8.789  -9.918  1.00 16.25 ? 19  GLN A CB  1 
ATOM   138 C CG  . GLN A 1 22  ? -8.609  -9.549  -10.332 1.00 18.64 ? 19  GLN A CG  1 
ATOM   139 C CD  . GLN A 1 22  ? -8.742  -10.850 -9.613  1.00 15.18 ? 19  GLN A CD  1 
ATOM   140 O OE1 . GLN A 1 22  ? -7.894  -11.731 -9.740  1.00 18.33 ? 19  GLN A OE1 1 
ATOM   141 N NE2 . GLN A 1 22  ? -9.822  -10.989 -8.835  1.00 17.27 ? 19  GLN A NE2 1 
ATOM   142 N N   . LYS A 1 23  ? -4.936  -6.800  -10.145 1.00 16.20 ? 20  LYS A N   1 
ATOM   143 C CA  . LYS A 1 23  ? -3.868  -6.031  -9.526  1.00 13.55 ? 20  LYS A CA  1 
ATOM   144 C C   . LYS A 1 23  ? -4.014  -4.557  -9.883  1.00 15.86 ? 20  LYS A C   1 
ATOM   145 O O   . LYS A 1 23  ? -3.842  -3.684  -9.039  1.00 16.18 ? 20  LYS A O   1 
ATOM   146 C CB  . LYS A 1 23  ? -2.488  -6.564  -9.962  1.00 13.72 ? 20  LYS A CB  1 
ATOM   147 C CG  . LYS A 1 23  ? -2.240  -7.998  -9.503  1.00 13.95 ? 20  LYS A CG  1 
ATOM   148 C CD  . LYS A 1 23  ? -0.970  -8.592  -10.092 1.00 20.22 ? 20  LYS A CD  1 
ATOM   149 C CE  . LYS A 1 23  ? -0.932  -10.101 -9.886  1.00 22.74 ? 20  LYS A CE  1 
ATOM   150 N NZ  . LYS A 1 23  ? 0.176   -10.737 -10.676 1.00 21.19 ? 20  LYS A NZ  1 
ATOM   151 N N   . GLU A 1 24  ? -4.358  -4.274  -11.139 1.00 16.13 ? 21  GLU A N   1 
ATOM   152 C CA  . GLU A 1 24  ? -4.502  -2.886  -11.557 1.00 16.24 ? 21  GLU A CA  1 
ATOM   153 C C   . GLU A 1 24  ? -5.623  -2.220  -10.770 1.00 18.42 ? 21  GLU A C   1 
ATOM   154 O O   . GLU A 1 24  ? -5.498  -1.070  -10.343 1.00 18.37 ? 21  GLU A O   1 
ATOM   155 C CB  . GLU A 1 24  ? -4.777  -2.788  -13.065 1.00 21.87 ? 21  GLU A CB  1 
ATOM   156 C CG  . GLU A 1 24  ? -3.612  -3.237  -13.936 1.00 27.44 ? 21  GLU A CG  1 
ATOM   157 C CD  . GLU A 1 24  ? -2.519  -2.183  -14.048 1.00 36.49 ? 21  GLU A CD  1 
ATOM   158 O OE1 . GLU A 1 24  ? -2.770  -1.015  -13.678 1.00 38.71 ? 21  GLU A OE1 1 
ATOM   159 O OE2 . GLU A 1 24  ? -1.406  -2.521  -14.513 1.00 40.82 ? 21  GLU A OE2 1 
ATOM   160 N N   . GLU A 1 25  ? -6.711  -2.960  -10.584 1.00 17.27 ? 22  GLU A N   1 
ATOM   161 C CA  . GLU A 1 25  ? -7.887  -2.440  -9.900  1.00 18.28 ? 22  GLU A CA  1 
ATOM   162 C C   . GLU A 1 25  ? -7.560  -2.198  -8.428  1.00 18.77 ? 22  GLU A C   1 
ATOM   163 O O   . GLU A 1 25  ? -7.963  -1.173  -7.842  1.00 18.51 ? 22  GLU A O   1 
ATOM   164 C CB  . GLU A 1 25  ? -9.076  -3.401  -10.026 1.00 25.45 ? 22  GLU A CB  1 
ATOM   165 C CG  . GLU A 1 25  ? -10.114 -3.226  -8.925  1.00 32.54 ? 22  GLU A CG  1 
ATOM   166 C CD  . GLU A 1 25  ? -11.204 -4.296  -8.934  1.00 42.34 ? 22  GLU A CD  1 
ATOM   167 O OE1 . GLU A 1 25  ? -11.454 -4.900  -10.001 1.00 45.19 ? 22  GLU A OE1 1 
ATOM   168 O OE2 . GLU A 1 25  ? -11.809 -4.532  -7.858  1.00 47.84 ? 22  GLU A OE2 1 
ATOM   169 N N   . PHE A 1 26  ? -6.844  -3.159  -7.847  1.00 16.61 ? 23  PHE A N   1 
ATOM   170 C CA  . PHE A 1 26  ? -6.355  -3.076  -6.462  1.00 15.42 ? 23  PHE A CA  1 
ATOM   171 C C   . PHE A 1 26  ? -5.581  -1.769  -6.238  1.00 17.37 ? 23  PHE A C   1 
ATOM   172 O O   . PHE A 1 26  ? -5.874  -1.020  -5.287  1.00 17.53 ? 23  PHE A O   1 
ATOM   173 C CB  . PHE A 1 26  ? -5.508  -4.334  -6.177  1.00 17.23 ? 23  PHE A CB  1 
ATOM   174 C CG  . PHE A 1 26  ? -4.801  -4.361  -4.843  1.00 17.08 ? 23  PHE A CG  1 
ATOM   175 C CD1 . PHE A 1 26  ? -3.545  -3.784  -4.697  1.00 16.13 ? 23  PHE A CD1 1 
ATOM   176 C CD2 . PHE A 1 26  ? -5.333  -5.074  -3.777  1.00 16.11 ? 23  PHE A CD2 1 
ATOM   177 C CE1 . PHE A 1 26  ? -2.879  -3.843  -3.476  1.00 15.62 ? 23  PHE A CE1 1 
ATOM   178 C CE2 . PHE A 1 26  ? -4.678  -5.132  -2.554  1.00 18.54 ? 23  PHE A CE2 1 
ATOM   179 C CZ  . PHE A 1 26  ? -3.435  -4.532  -2.413  1.00 18.72 ? 23  PHE A CZ  1 
ATOM   180 N N   . PHE A 1 27  ? -4.601  -1.468  -7.097  1.00 14.42 ? 24  PHE A N   1 
ATOM   181 C CA  . PHE A 1 27  ? -3.780  -0.272  -6.883  1.00 15.09 ? 24  PHE A CA  1 
ATOM   182 C C   . PHE A 1 27  ? -4.537  1.012   -7.196  1.00 18.40 ? 24  PHE A C   1 
ATOM   183 O O   . PHE A 1 27  ? -4.332  2.042   -6.557  1.00 16.59 ? 24  PHE A O   1 
ATOM   184 C CB  . PHE A 1 27  ? -2.493  -0.345  -7.706  1.00 16.61 ? 24  PHE A CB  1 
ATOM   185 C CG  . PHE A 1 27  ? -1.536  -1.378  -7.206  1.00 17.52 ? 24  PHE A CG  1 
ATOM   186 C CD1 . PHE A 1 27  ? -0.955  -1.241  -5.953  1.00 14.84 ? 24  PHE A CD1 1 
ATOM   187 C CD2 . PHE A 1 27  ? -1.214  -2.482  -7.977  1.00 17.07 ? 24  PHE A CD2 1 
ATOM   188 C CE1 . PHE A 1 27  ? -0.077  -2.189  -5.471  1.00 15.47 ? 24  PHE A CE1 1 
ATOM   189 C CE2 . PHE A 1 27  ? -0.328  -3.439  -7.507  1.00 14.05 ? 24  PHE A CE2 1 
ATOM   190 C CZ  . PHE A 1 27  ? 0.238   -3.288  -6.240  1.00 17.31 ? 24  PHE A CZ  1 
ATOM   191 N N   . LYS A 1 28  ? -5.439  0.944   -8.168  1.00 16.95 ? 25  LYS A N   1 
ATOM   192 C CA  . LYS A 1 28  ? -6.228  2.103   -8.529  1.00 16.47 ? 25  LYS A CA  1 
ATOM   193 C C   . LYS A 1 28  ? -7.067  2.528   -7.341  1.00 18.25 ? 25  LYS A C   1 
ATOM   194 O O   . LYS A 1 28  ? -7.088  3.695   -6.977  1.00 19.74 ? 25  LYS A O   1 
ATOM   195 C CB  . LYS A 1 28  ? -7.107  1.770   -9.736  1.00 20.99 ? 25  LYS A CB  1 
ATOM   196 C CG  . LYS A 1 28  ? -8.141  2.784   -10.069 1.00 24.86 ? 25  LYS A CG  1 
ATOM   197 C CD  . LYS A 1 28  ? -9.026  2.186   -11.147 1.00 28.98 ? 25  LYS A CD  1 
ATOM   198 C CE  . LYS A 1 28  ? -10.194 3.067   -11.458 1.00 38.08 ? 25  LYS A CE  1 
ATOM   199 N NZ  . LYS A 1 28  ? -9.766  4.292   -12.190 1.00 42.22 ? 25  LYS A NZ  1 
ATOM   200 N N   . THR A 1 29  ? -7.705  1.546   -6.717  1.00 16.76 ? 26  THR A N   1 
ATOM   201 C CA  . THR A 1 29  ? -8.538  1.762   -5.543  1.00 16.07 ? 26  THR A CA  1 
ATOM   202 C C   . THR A 1 29  ? -7.699  2.263   -4.370  1.00 19.70 ? 26  THR A C   1 
ATOM   203 O O   . THR A 1 29  ? -8.122  3.150   -3.621  1.00 19.14 ? 26  THR A O   1 
ATOM   204 C CB  . THR A 1 29  ? -9.266  0.466   -5.151  1.00 16.93 ? 26  THR A CB  1 
ATOM   205 O OG1 . THR A 1 29  ? -10.018 -0.011  -6.275  1.00 21.86 ? 26  THR A OG1 1 
ATOM   206 C CG2 . THR A 1 29  ? -10.222 0.707   -3.989  1.00 20.84 ? 26  THR A CG2 1 
ATOM   207 N N   . TYR A 1 30  ? -6.497  1.710   -4.218  1.00 16.77 ? 27  TYR A N   1 
ATOM   208 C CA  . TYR A 1 30  ? -5.674  2.106   -3.079  1.00 16.33 ? 27  TYR A CA  1 
ATOM   209 C C   . TYR A 1 30  ? -5.199  3.550   -3.254  1.00 16.11 ? 27  TYR A C   1 
ATOM   210 O O   . TYR A 1 30  ? -5.272  4.348   -2.324  1.00 17.84 ? 27  TYR A O   1 
ATOM   211 C CB  . TYR A 1 30  ? -4.481  1.169   -2.887  1.00 17.18 ? 27  TYR A CB  1 
ATOM   212 C CG  . TYR A 1 30  ? -3.747  1.491   -1.605  1.00 15.80 ? 27  TYR A CG  1 
ATOM   213 C CD1 . TYR A 1 30  ? -4.235  1.074   -0.374  1.00 15.97 ? 27  TYR A CD1 1 
ATOM   214 C CD2 . TYR A 1 30  ? -2.584  2.252   -1.630  1.00 14.73 ? 27  TYR A CD2 1 
ATOM   215 C CE1 . TYR A 1 30  ? -3.563  1.403   0.808   1.00 16.58 ? 27  TYR A CE1 1 
ATOM   216 C CE2 . TYR A 1 30  ? -1.922  2.578   -0.469  1.00 17.37 ? 27  TYR A CE2 1 
ATOM   217 C CZ  . TYR A 1 30  ? -2.417  2.152   0.742   1.00 16.68 ? 27  TYR A CZ  1 
ATOM   218 O OH  . TYR A 1 30  ? -1.742  2.478   1.896   1.00 19.51 ? 27  TYR A OH  1 
ATOM   219 N N   . VAL A 1 31  ? -4.720  3.884   -4.452  1.00 15.48 ? 28  VAL A N   1 
ATOM   220 C CA  . VAL A 1 31  ? -4.325  5.254   -4.764  1.00 16.54 ? 28  VAL A CA  1 
ATOM   221 C C   . VAL A 1 31  ? -5.451  6.250   -4.492  1.00 20.16 ? 28  VAL A C   1 
ATOM   222 O O   . VAL A 1 31  ? -5.211  7.337   -3.956  1.00 19.78 ? 28  VAL A O   1 
ATOM   223 C CB  . VAL A 1 31  ? -3.869  5.386   -6.239  1.00 19.87 ? 28  VAL A CB  1 
ATOM   224 C CG1 . VAL A 1 31  ? -3.779  6.847   -6.658  1.00 24.80 ? 28  VAL A CG1 1 
ATOM   225 C CG2 . VAL A 1 31  ? -2.528  4.694   -6.428  1.00 19.31 ? 28  VAL A CG2 1 
ATOM   226 N N   . ASN A 1 32  ? -6.678  5.871   -4.834  1.00 18.14 ? 29  ASN A N   1 
ATOM   227 C CA  . ASN A 1 32  ? -7.809  6.787   -4.662  1.00 17.74 ? 29  ASN A CA  1 
ATOM   228 C C   . ASN A 1 32  ? -8.189  7.011   -3.202  1.00 23.86 ? 29  ASN A C   1 
ATOM   229 O O   . ASN A 1 32  ? -8.957  7.926   -2.894  1.00 24.06 ? 29  ASN A O   1 
ATOM   230 C CB  . ASN A 1 32  ? -9.020  6.293   -5.460  1.00 22.54 ? 29  ASN A CB  1 
ATOM   231 C CG  . ASN A 1 32  ? -8.937  6.697   -6.932  1.00 29.69 ? 29  ASN A CG  1 
ATOM   232 O OD1 . ASN A 1 32  ? -8.716  7.868   -7.250  1.00 32.75 ? 29  ASN A OD1 1 
ATOM   233 N ND2 . ASN A 1 32  ? -9.109  5.733   -7.830  1.00 28.64 ? 29  ASN A ND2 1 
ATOM   234 N N   . LEU A 1 33  ? -7.634  6.211   -2.296  1.00 19.38 ? 30  LEU A N   1 
ATOM   235 C CA  . LEU A 1 33  ? -7.893  6.435   -0.873  1.00 19.45 ? 30  LEU A CA  1 
ATOM   236 C C   . LEU A 1 33  ? -7.367  7.789   -0.396  1.00 22.41 ? 30  LEU A C   1 
ATOM   237 O O   . LEU A 1 33  ? -7.860  8.330   0.601   1.00 22.36 ? 30  LEU A O   1 
ATOM   238 C CB  . LEU A 1 33  ? -7.285  5.326   -0.026  1.00 17.75 ? 30  LEU A CB  1 
ATOM   239 C CG  . LEU A 1 33  ? -7.958  3.961   -0.078  1.00 18.05 ? 30  LEU A CG  1 
ATOM   240 C CD1 . LEU A 1 33  ? -7.168  2.943   0.717   1.00 18.00 ? 30  LEU A CD1 1 
ATOM   241 C CD2 . LEU A 1 33  ? -9.403  4.025   0.423   1.00 21.81 ? 30  LEU A CD2 1 
ATOM   242 N N   . VAL A 1 34  ? -6.367  8.330   -1.094  1.00 22.88 ? 31  VAL A N   1 
ATOM   243 C CA  . VAL A 1 34  ? -5.798  9.628   -0.714  1.00 19.91 ? 31  VAL A CA  1 
ATOM   244 C C   . VAL A 1 34  ? -6.889  10.682  -0.634  1.00 24.27 ? 31  VAL A C   1 
ATOM   245 O O   . VAL A 1 34  ? -6.873  11.565  0.228   1.00 23.96 ? 31  VAL A O   1 
ATOM   246 C CB  . VAL A 1 34  ? -4.722  10.103  -1.702  1.00 23.29 ? 31  VAL A CB  1 
ATOM   247 C CG1 . VAL A 1 34  ? -4.258  11.513  -1.351  1.00 25.40 ? 31  VAL A CG1 1 
ATOM   248 C CG2 . VAL A 1 34  ? -3.556  9.164   -1.675  1.00 25.36 ? 31  VAL A CG2 1 
ATOM   249 N N   . ASN A 1 35  ? -7.858  10.554  -1.531  1.00 21.32 ? 32  ASN A N   1 
ATOM   250 C CA  . ASN A 1 35  ? -8.947  11.509  -1.593  1.00 22.82 ? 32  ASN A CA  1 
ATOM   251 C C   . ASN A 1 35  ? -9.931  11.359  -0.450  1.00 24.58 ? 32  ASN A C   1 
ATOM   252 O O   . ASN A 1 35  ? -10.663 12.294  -0.133  1.00 29.90 ? 32  ASN A O   1 
ATOM   253 C CB  . ASN A 1 35  ? -9.656  11.359  -2.926  1.00 24.37 ? 32  ASN A CB  1 
ATOM   254 C CG  . ASN A 1 35  ? -8.718  11.597  -4.083  1.00 25.10 ? 32  ASN A CG  1 
ATOM   255 O OD1 . ASN A 1 35  ? -8.065  12.641  -4.148  1.00 31.74 ? 32  ASN A OD1 1 
ATOM   256 N ND2 . ASN A 1 35  ? -8.590  10.616  -4.967  1.00 28.76 ? 32  ASN A ND2 1 
ATOM   257 N N   . ILE A 1 36  ? -9.927  10.185  0.171   1.00 20.33 ? 33  ILE A N   1 
ATOM   258 C CA  . ILE A 1 36  ? -10.908 9.831   1.194   1.00 21.13 ? 33  ILE A CA  1 
ATOM   259 C C   . ILE A 1 36  ? -10.343 9.938   2.608   1.00 23.54 ? 33  ILE A C   1 
ATOM   260 O O   . ILE A 1 36  ? -11.056 10.263  3.551   1.00 23.03 ? 33  ILE A O   1 
ATOM   261 C CB  . ILE A 1 36  ? -11.422 8.390   0.981   1.00 25.38 ? 33  ILE A CB  1 
ATOM   262 C CG1 . ILE A 1 36  ? -12.021 8.262   -0.405  1.00 28.50 ? 33  ILE A CG1 1 
ATOM   263 C CG2 . ILE A 1 36  ? -12.456 8.019   2.021   1.00 30.04 ? 33  ILE A CG2 1 
ATOM   264 C CD1 . ILE A 1 36  ? -13.140 9.250   -0.634  1.00 24.98 ? 33  ILE A CD1 1 
ATOM   265 N N   . ILE A 1 37  ? -9.058  9.646   2.748   1.00 20.83 ? 34  ILE A N   1 
ATOM   266 C CA  . ILE A 1 37  ? -8.426  9.597   4.062   1.00 20.18 ? 34  ILE A CA  1 
ATOM   267 C C   . ILE A 1 37  ? -7.532  10.813  4.251   1.00 20.39 ? 34  ILE A C   1 
ATOM   268 O O   . ILE A 1 37  ? -6.526  10.952  3.569   1.00 22.18 ? 34  ILE A O   1 
ATOM   269 C CB  . ILE A 1 37  ? -7.619  8.296   4.235   1.00 21.05 ? 34  ILE A CB  1 
ATOM   270 C CG1 . ILE A 1 37  ? -8.527  7.084   3.977   1.00 26.22 ? 34  ILE A CG1 1 
ATOM   271 C CG2 . ILE A 1 37  ? -6.963  8.237   5.630   1.00 25.14 ? 34  ILE A CG2 1 
ATOM   272 C CD1 . ILE A 1 37  ? -7.858  5.738   4.152   1.00 21.30 ? 34  ILE A CD1 1 
ATOM   273 N N   . PRO A 1 38  ? -7.913  11.718  5.175   1.00 24.06 ? 35  PRO A N   1 
ATOM   274 C CA  . PRO A 1 38  ? -7.151  12.950  5.401   1.00 23.88 ? 35  PRO A CA  1 
ATOM   275 C C   . PRO A 1 38  ? -5.655  12.704  5.640   1.00 23.78 ? 35  PRO A C   1 
ATOM   276 O O   . PRO A 1 38  ? -4.833  13.408  5.059   1.00 25.30 ? 35  PRO A O   1 
ATOM   277 C CB  . PRO A 1 38  ? -7.820  13.543  6.643   1.00 23.86 ? 35  PRO A CB  1 
ATOM   278 C CG  . PRO A 1 38  ? -9.243  13.086  6.534   1.00 26.54 ? 35  PRO A CG  1 
ATOM   279 C CD  . PRO A 1 38  ? -9.172  11.698  5.951   1.00 24.71 ? 35  PRO A CD  1 
ATOM   280 N N   . ALA A 1 39  ? -5.321  11.705  6.453   1.00 23.67 ? 36  ALA A N   1 
ATOM   281 C CA  . ALA A 1 39  ? -3.920  11.479  6.843   1.00 23.94 ? 36  ALA A CA  1 
ATOM   282 C C   . ALA A 1 39  ? -3.025  11.103  5.660   1.00 26.84 ? 36  ALA A C   1 
ATOM   283 O O   . ALA A 1 39  ? -1.831  11.428  5.648   1.00 20.94 ? 36  ALA A O   1 
ATOM   284 C CB  . ALA A 1 39  ? -3.844  10.407  7.913   1.00 24.85 ? 36  ALA A CB  1 
ATOM   285 N N   . MET A 1 40  ? -3.588  10.408  4.670   1.00 24.02 ? 37  MET A N   1 
ATOM   286 C CA  . MET A 1 40  ? -2.826  10.036  3.466   1.00 22.00 ? 37  MET A CA  1 
ATOM   287 C C   . MET A 1 40  ? -2.599  11.232  2.566   1.00 26.83 ? 37  MET A C   1 
ATOM   288 O O   . MET A 1 40  ? -3.566  11.785  2.022   1.00 25.65 ? 37  MET A O   1 
ATOM   289 C CB  . MET A 1 40  ? -3.552  8.976   2.626   1.00 22.39 ? 37  MET A CB  1 
ATOM   290 C CG  . MET A 1 40  ? -3.765  7.619   3.235   1.00 24.81 ? 37  MET A CG  1 
ATOM   291 S SD  . MET A 1 40  ? -4.569  6.533   2.015   1.00 21.88 ? 37  MET A SD  1 
ATOM   292 C CE  . MET A 1 40  ? -3.215  5.734   1.193   1.00 21.58 ? 37  MET A CE  1 
ATOM   293 N N   . LYS A 1 41  ? -1.341  11.603  2.362   1.00 22.27 ? 38  LYS A N   1 
ATOM   294 C CA  . LYS A 1 41  ? -1.026  12.766  1.544   1.00 23.04 ? 38  LYS A CA  1 
ATOM   295 C C   . LYS A 1 41  ? -0.746  12.411  0.091   1.00 25.79 ? 38  LYS A C   1 
ATOM   296 O O   . LYS A 1 41  ? -1.158  13.136  -0.809  1.00 27.68 ? 38  LYS A O   1 
ATOM   297 C CB  . LYS A 1 41  ? 0.172   13.513  2.121   1.00 23.30 ? 38  LYS A CB  1 
ATOM   298 C CG  . LYS A 1 41  ? -0.099  14.124  3.492   1.00 30.69 ? 38  LYS A CG  1 
ATOM   299 C CD  . LYS A 1 41  ? -1.415  14.898  3.498   1.00 32.21 ? 38  LYS A CD  1 
ATOM   300 C CE  . LYS A 1 41  ? -1.563  15.708  4.782   1.00 42.55 ? 38  LYS A CE  1 
ATOM   301 N NZ  . LYS A 1 41  ? -2.905  16.346  4.905   1.00 45.53 ? 38  LYS A NZ  1 
ATOM   302 N N   . ASP A 1 42  ? -0.033  11.311  -0.134  1.00 22.77 ? 39  ASP A N   1 
ATOM   303 C CA  . ASP A 1 42  ? 0.343   10.914  -1.494  1.00 21.16 ? 39  ASP A CA  1 
ATOM   304 C C   . ASP A 1 42  ? 0.565   9.408   -1.555  1.00 22.31 ? 39  ASP A C   1 
ATOM   305 O O   . ASP A 1 42  ? 0.823   8.772   -0.536  1.00 21.13 ? 39  ASP A O   1 
ATOM   306 C CB  . ASP A 1 42  ? 1.603   11.662  -1.943  1.00 27.30 ? 39  ASP A CB  1 
ATOM   307 C CG  . ASP A 1 42  ? 1.608   11.970  -3.431  1.00 28.48 ? 39  ASP A CG  1 
ATOM   308 O OD1 . ASP A 1 42  ? 0.727   11.458  -4.150  1.00 32.41 ? 39  ASP A OD1 1 
ATOM   309 O OD2 . ASP A 1 42  ? 2.493   12.726  -3.878  1.00 39.69 ? 39  ASP A OD2 1 
ATOM   310 N N   . VAL A 1 43  ? 0.439   8.838   -2.748  1.00 23.53 ? 40  VAL A N   1 
ATOM   311 C CA  . VAL A 1 43  ? 0.705   7.418   -2.960  1.00 20.08 ? 40  VAL A CA  1 
ATOM   312 C C   . VAL A 1 43  ? 1.390   7.231   -4.306  1.00 20.93 ? 40  VAL A C   1 
ATOM   313 O O   . VAL A 1 43  ? 0.954   7.796   -5.308  1.00 21.25 ? 40  VAL A O   1 
ATOM   314 C CB  . VAL A 1 43  ? -0.581  6.536   -2.968  1.00 20.13 ? 40  VAL A CB  1 
ATOM   315 C CG1 . VAL A 1 43  ? -0.230  5.100   -3.292  1.00 21.32 ? 40  VAL A CG1 1 
ATOM   316 C CG2 . VAL A 1 43  ? -1.311  6.571   -1.629  1.00 23.82 ? 40  VAL A CG2 1 
ATOM   317 N N   . TYR A 1 44  ? 2.459   6.446   -4.325  1.00 18.68 ? 41  TYR A N   1 
ATOM   318 C CA  . TYR A 1 44  ? 2.984   5.898   -5.565  1.00 19.20 ? 41  TYR A CA  1 
ATOM   319 C C   . TYR A 1 44  ? 3.125   4.397   -5.405  1.00 18.78 ? 41  TYR A C   1 
ATOM   320 O O   . TYR A 1 44  ? 3.250   3.893   -4.291  1.00 17.98 ? 41  TYR A O   1 
ATOM   321 C CB  . TYR A 1 44  ? 4.335   6.517   -5.936  1.00 20.90 ? 41  TYR A CB  1 
ATOM   322 C CG  . TYR A 1 44  ? 4.228   7.938   -6.431  1.00 21.21 ? 41  TYR A CG  1 
ATOM   323 C CD1 . TYR A 1 44  ? 4.351   9.012   -5.556  1.00 31.09 ? 41  TYR A CD1 1 
ATOM   324 C CD2 . TYR A 1 44  ? 3.989   8.204   -7.775  1.00 25.87 ? 41  TYR A CD2 1 
ATOM   325 C CE1 . TYR A 1 44  ? 4.247   10.308  -6.010  1.00 33.55 ? 41  TYR A CE1 1 
ATOM   326 C CE2 . TYR A 1 44  ? 3.879   9.493   -8.236  1.00 29.90 ? 41  TYR A CE2 1 
ATOM   327 C CZ  . TYR A 1 44  ? 4.015   10.540  -7.350  1.00 36.94 ? 41  TYR A CZ  1 
ATOM   328 O OH  . TYR A 1 44  ? 3.902   11.828  -7.815  1.00 46.13 ? 41  TYR A OH  1 
ATOM   329 N N   . TRP A 1 45  ? 3.088   3.675   -6.515  1.00 17.22 ? 42  TRP A N   1 
ATOM   330 C CA  . TRP A 1 45  ? 3.365   2.258   -6.441  1.00 14.77 ? 42  TRP A CA  1 
ATOM   331 C C   . TRP A 1 45  ? 4.134   1.832   -7.675  1.00 16.87 ? 42  TRP A C   1 
ATOM   332 O O   . TRP A 1 45  ? 4.247   2.590   -8.620  1.00 17.06 ? 42  TRP A O   1 
ATOM   333 C CB  . TRP A 1 45  ? 2.071   1.462   -6.291  1.00 16.78 ? 42  TRP A CB  1 
ATOM   334 C CG  . TRP A 1 45  ? 1.178   1.490   -7.499  1.00 18.52 ? 42  TRP A CG  1 
ATOM   335 C CD1 . TRP A 1 45  ? 0.213   2.421   -7.790  1.00 18.05 ? 42  TRP A CD1 1 
ATOM   336 C CD2 . TRP A 1 45  ? 1.153   0.539   -8.578  1.00 16.86 ? 42  TRP A CD2 1 
ATOM   337 N NE1 . TRP A 1 45  ? -0.405  2.103   -8.973  1.00 19.86 ? 42  TRP A NE1 1 
ATOM   338 C CE2 . TRP A 1 45  ? 0.158   0.955   -9.483  1.00 19.41 ? 42  TRP A CE2 1 
ATOM   339 C CE3 . TRP A 1 45  ? 1.873   -0.630  -8.862  1.00 17.77 ? 42  TRP A CE3 1 
ATOM   340 C CZ2 . TRP A 1 45  ? -0.135  0.251   -10.646 1.00 20.01 ? 42  TRP A CZ2 1 
ATOM   341 C CZ3 . TRP A 1 45  ? 1.588   -1.326  -10.028 1.00 18.77 ? 42  TRP A CZ3 1 
ATOM   342 C CH2 . TRP A 1 45  ? 0.593   -0.882  -10.905 1.00 24.88 ? 42  TRP A CH2 1 
ATOM   343 N N   . GLY A 1 46  ? 4.693   0.632   -7.646  1.00 14.41 ? 43  GLY A N   1 
ATOM   344 C CA  . GLY A 1 46  ? 5.365   0.118   -8.826  1.00 16.69 ? 43  GLY A CA  1 
ATOM   345 C C   . GLY A 1 46  ? 5.642   -1.365  -8.734  1.00 15.30 ? 43  GLY A C   1 
ATOM   346 O O   . GLY A 1 46  ? 5.556   -1.947  -7.661  1.00 16.14 ? 43  GLY A O   1 
ATOM   347 N N   . LYS A 1 47  ? 5.958   -1.981  -9.868  1.00 15.18 ? 44  LYS A N   1 
ATOM   348 C CA  . LYS A 1 47  ? 6.306   -3.394  -9.913  1.00 11.94 ? 44  LYS A CA  1 
ATOM   349 C C   . LYS A 1 47  ? 7.808   -3.550  -10.101 1.00 13.69 ? 44  LYS A C   1 
ATOM   350 O O   . LYS A 1 47  ? 8.390   -2.911  -10.982 1.00 15.97 ? 44  LYS A O   1 
ATOM   351 C CB  . LYS A 1 47  ? 5.582   -4.090  -11.061 1.00 15.82 ? 44  LYS A CB  1 
ATOM   352 C CG  . LYS A 1 47  ? 5.836   -5.597  -11.137 1.00 14.95 ? 44  LYS A CG  1 
ATOM   353 C CD  . LYS A 1 47  ? 4.976   -6.248  -12.237 1.00 22.04 ? 44  LYS A CD  1 
ATOM   354 C CE  . LYS A 1 47  ? 5.085   -7.768  -12.207 1.00 29.69 ? 44  LYS A CE  1 
ATOM   355 N NZ  . LYS A 1 47  ? 4.058   -8.438  -13.065 1.00 29.94 ? 44  LYS A NZ  1 
ATOM   356 N N   . ASP A 1 48  ? 8.429   -4.387  -9.269  1.00 13.54 ? 45  ASP A N   1 
ATOM   357 C CA  . ASP A 1 48  ? 9.854   -4.693  -9.393  1.00 11.75 ? 45  ASP A CA  1 
ATOM   358 C C   . ASP A 1 48  ? 10.103  -5.327  -10.752 1.00 14.41 ? 45  ASP A C   1 
ATOM   359 O O   . ASP A 1 48  ? 9.349   -6.218  -11.156 1.00 16.85 ? 45  ASP A O   1 
ATOM   360 C CB  . ASP A 1 48  ? 10.296  -5.634  -8.271  1.00 14.75 ? 45  ASP A CB  1 
ATOM   361 C CG  . ASP A 1 48  ? 11.682  -6.175  -8.480  1.00 16.73 ? 45  ASP A CG  1 
ATOM   362 O OD1 . ASP A 1 48  ? 12.604  -5.377  -8.745  1.00 16.90 ? 45  ASP A OD1 1 
ATOM   363 O OD2 . ASP A 1 48  ? 11.846  -7.409  -8.380  1.00 20.71 ? 45  ASP A OD2 1 
ATOM   364 N N   . VAL A 1 49  ? 11.134  -4.875  -11.468 1.00 16.22 ? 46  VAL A N   1 
ATOM   365 C CA  . VAL A 1 49  ? 11.430  -5.480  -12.765 1.00 14.73 ? 46  VAL A CA  1 
ATOM   366 C C   . VAL A 1 49  ? 12.612  -6.433  -12.701 1.00 18.59 ? 46  VAL A C   1 
ATOM   367 O O   . VAL A 1 49  ? 12.751  -7.298  -13.571 1.00 17.47 ? 46  VAL A O   1 
ATOM   368 C CB  . VAL A 1 49  ? 11.727  -4.416  -13.867 1.00 16.00 ? 46  VAL A CB  1 
ATOM   369 C CG1 . VAL A 1 49  ? 10.498  -3.579  -14.150 1.00 20.97 ? 46  VAL A CG1 1 
ATOM   370 C CG2 . VAL A 1 49  ? 12.894  -3.532  -13.480 1.00 19.43 ? 46  VAL A CG2 1 
ATOM   371 N N   . THR A 1 50  ? 13.450  -6.297  -11.666 1.00 16.49 ? 47  THR A N   1 
ATOM   372 C CA  . THR A 1 50  ? 14.735  -6.996  -11.642 1.00 18.23 ? 47  THR A CA  1 
ATOM   373 C C   . THR A 1 50  ? 14.648  -8.439  -11.164 1.00 21.50 ? 47  THR A C   1 
ATOM   374 O O   . THR A 1 50  ? 15.363  -9.311  -11.670 1.00 23.22 ? 47  THR A O   1 
ATOM   375 C CB  . THR A 1 50  ? 15.738  -6.240  -10.761 1.00 21.11 ? 47  THR A CB  1 
ATOM   376 O OG1 . THR A 1 50  ? 15.869  -4.906  -11.258 1.00 24.74 ? 47  THR A OG1 1 
ATOM   377 C CG2 . THR A 1 50  ? 17.100  -6.922  -10.779 1.00 26.87 ? 47  THR A CG2 1 
ATOM   378 N N   . GLN A 1 51  ? 13.763  -8.673  -10.199 1.00 19.82 ? 48  GLN A N   1 
ATOM   379 C CA  . GLN A 1 51  ? 13.529  -9.996  -9.638  1.00 22.59 ? 48  GLN A CA  1 
ATOM   380 C C   . GLN A 1 51  ? 14.819  -10.638 -9.139  1.00 27.74 ? 48  GLN A C   1 
ATOM   381 O O   . GLN A 1 51  ? 15.157  -11.746 -9.527  1.00 28.39 ? 48  GLN A O   1 
ATOM   382 C CB  . GLN A 1 51  ? 12.823  -10.881 -10.674 1.00 24.07 ? 48  GLN A CB  1 
ATOM   383 C CG  . GLN A 1 51  ? 11.552  -10.240 -11.162 1.00 22.01 ? 48  GLN A CG  1 
ATOM   384 C CD  . GLN A 1 51  ? 10.653  -11.200 -11.897 1.00 28.00 ? 48  GLN A CD  1 
ATOM   385 O OE1 . GLN A 1 51  ? 10.233  -12.221 -11.352 1.00 39.61 ? 48  GLN A OE1 1 
ATOM   386 N NE2 . GLN A 1 51  ? 10.343  -10.876 -13.138 1.00 23.77 ? 48  GLN A NE2 1 
ATOM   387 N N   . LYS A 1 52  ? 15.519  -9.921  -8.266  1.00 28.58 ? 49  LYS A N   1 
ATOM   388 C CA  . LYS A 1 52  ? 16.815  -10.354 -7.756  1.00 29.84 ? 49  LYS A CA  1 
ATOM   389 C C   . LYS A 1 52  ? 16.698  -11.263 -6.525  1.00 35.95 ? 49  LYS A C   1 
ATOM   390 O O   . LYS A 1 52  ? 17.619  -12.036 -6.233  1.00 40.82 ? 49  LYS A O   1 
ATOM   391 C CB  . LYS A 1 52  ? 17.674  -9.125  -7.429  1.00 31.49 ? 49  LYS A CB  1 
ATOM   392 C CG  . LYS A 1 52  ? 19.122  -9.428  -7.017  1.00 38.43 ? 49  LYS A CG  1 
ATOM   393 C CD  . LYS A 1 52  ? 19.748  -8.265  -6.257  1.00 43.80 ? 49  LYS A CD  1 
ATOM   394 C CE  . LYS A 1 52  ? 19.638  -6.959  -7.055  1.00 46.90 ? 49  LYS A CE  1 
ATOM   395 N NZ  . LYS A 1 52  ? 20.369  -5.833  -6.398  1.00 46.78 ? 49  LYS A NZ  1 
ATOM   396 N N   . ASN A 1 53  ? 15.569  -11.194 -5.824  1.00 30.24 ? 50  ASN A N   1 
ATOM   397 C CA  . ASN A 1 53  ? 15.435  -11.877 -4.540  1.00 31.66 ? 50  ASN A CA  1 
ATOM   398 C C   . ASN A 1 53  ? 14.778  -13.250 -4.640  1.00 37.33 ? 50  ASN A C   1 
ATOM   399 O O   . ASN A 1 53  ? 14.466  -13.735 -5.722  1.00 41.12 ? 50  ASN A O   1 
ATOM   400 C CB  . ASN A 1 53  ? 14.637  -11.014 -3.564  1.00 30.93 ? 50  ASN A CB  1 
ATOM   401 C CG  . ASN A 1 53  ? 14.960  -9.539  -3.686  1.00 30.43 ? 50  ASN A CG  1 
ATOM   402 O OD1 . ASN A 1 53  ? 14.074  -8.729  -3.987  1.00 29.61 ? 50  ASN A OD1 1 
ATOM   403 N ND2 . ASN A 1 53  ? 16.223  -9.176  -3.452  1.00 23.95 ? 50  ASN A ND2 1 
ATOM   404 N N   . GLY A 1 57  ? 9.724   -13.581 -2.632  1.00 27.11 ? 54  GLY A N   1 
ATOM   405 C CA  . GLY A 1 57  ? 9.302   -13.285 -3.992  1.00 28.91 ? 54  GLY A CA  1 
ATOM   406 C C   . GLY A 1 57  ? 8.350   -12.100 -4.079  1.00 27.82 ? 54  GLY A C   1 
ATOM   407 O O   . GLY A 1 57  ? 7.366   -12.129 -4.826  1.00 22.07 ? 54  GLY A O   1 
ATOM   408 N N   . TYR A 1 58  ? 8.640   -11.057 -3.303  1.00 21.73 ? 55  TYR A N   1 
ATOM   409 C CA  . TYR A 1 58  ? 7.889   -9.806  -3.376  1.00 17.80 ? 55  TYR A CA  1 
ATOM   410 C C   . TYR A 1 58  ? 8.006   -9.211  -4.768  1.00 19.65 ? 55  TYR A C   1 
ATOM   411 O O   . TYR A 1 58  ? 9.075   -9.280  -5.370  1.00 18.77 ? 55  TYR A O   1 
ATOM   412 C CB  . TYR A 1 58  ? 8.409   -8.807  -2.341  1.00 17.10 ? 55  TYR A CB  1 
ATOM   413 C CG  . TYR A 1 58  ? 8.337   -9.313  -0.922  1.00 17.50 ? 55  TYR A CG  1 
ATOM   414 C CD1 . TYR A 1 58  ? 9.467   -9.811  -0.277  1.00 22.58 ? 55  TYR A CD1 1 
ATOM   415 C CD2 . TYR A 1 58  ? 7.136   -9.290  -0.220  1.00 19.23 ? 55  TYR A CD2 1 
ATOM   416 C CE1 . TYR A 1 58  ? 9.398   -10.273 1.024   1.00 22.84 ? 55  TYR A CE1 1 
ATOM   417 C CE2 . TYR A 1 58  ? 7.059   -9.744  1.086   1.00 22.33 ? 55  TYR A CE2 1 
ATOM   418 C CZ  . TYR A 1 58  ? 8.190   -10.236 1.700   1.00 24.20 ? 55  TYR A CZ  1 
ATOM   419 O OH  . TYR A 1 58  ? 8.119   -10.686 2.999   1.00 26.82 ? 55  TYR A OH  1 
ATOM   420 N N   . THR A 1 59  ? 6.920   -8.620  -5.265  1.00 17.08 ? 56  THR A N   1 
ATOM   421 C CA  . THR A 1 59  ? 6.880   -8.094  -6.629  1.00 14.26 ? 56  THR A CA  1 
ATOM   422 C C   . THR A 1 59  ? 6.488   -6.633  -6.725  1.00 15.66 ? 56  THR A C   1 
ATOM   423 O O   . THR A 1 59  ? 6.735   -5.990  -7.748  1.00 16.38 ? 56  THR A O   1 
ATOM   424 C CB  . THR A 1 59  ? 5.878   -8.870  -7.471  1.00 14.51 ? 56  THR A CB  1 
ATOM   425 O OG1 . THR A 1 59  ? 4.620   -8.872  -6.770  1.00 17.42 ? 56  THR A OG1 1 
ATOM   426 C CG2 . THR A 1 59  ? 6.347   -10.302 -7.651  1.00 17.29 ? 56  THR A CG2 1 
ATOM   427 N N   . HIS A 1 60  ? 5.825   -6.121  -5.689  1.00 12.93 ? 57  HIS A N   1 
ATOM   428 C CA  . HIS A 1 60  ? 5.267   -4.771  -5.762  1.00 11.01 ? 57  HIS A CA  1 
ATOM   429 C C   . HIS A 1 60  ? 5.608   -3.915  -4.559  1.00 13.24 ? 57  HIS A C   1 
ATOM   430 O O   . HIS A 1 60  ? 5.710   -4.400  -3.437  1.00 13.73 ? 57  HIS A O   1 
ATOM   431 C CB  . HIS A 1 60  ? 3.740   -4.814  -5.920  1.00 13.89 ? 57  HIS A CB  1 
ATOM   432 C CG  . HIS A 1 60  ? 3.284   -5.253  -7.280  1.00 13.05 ? 57  HIS A CG  1 
ATOM   433 N ND1 . HIS A 1 60  ? 3.295   -6.573  -7.684  1.00 14.04 ? 57  HIS A ND1 1 
ATOM   434 C CD2 . HIS A 1 60  ? 2.780   -4.549  -8.323  1.00 15.61 ? 57  HIS A CD2 1 
ATOM   435 C CE1 . HIS A 1 60  ? 2.824   -6.661  -8.916  1.00 17.08 ? 57  HIS A CE1 1 
ATOM   436 N NE2 . HIS A 1 60  ? 2.508   -5.448  -9.328  1.00 15.78 ? 57  HIS A NE2 1 
ATOM   437 N N   . ILE A 1 61  ? 5.750   -2.622  -4.812  1.00 13.80 ? 58  ILE A N   1 
ATOM   438 C CA  . ILE A 1 61  ? 6.123   -1.658  -3.776  1.00 14.30 ? 58  ILE A CA  1 
ATOM   439 C C   . ILE A 1 61  ? 5.121   -0.523  -3.757  1.00 15.30 ? 58  ILE A C   1 
ATOM   440 O O   . ILE A 1 61  ? 4.774   -0.007  -4.819  1.00 16.37 ? 58  ILE A O   1 
ATOM   441 C CB  . ILE A 1 61  ? 7.506   -1.060  -4.040  1.00 13.82 ? 58  ILE A CB  1 
ATOM   442 C CG1 . ILE A 1 61  ? 8.546   -2.169  -4.244  1.00 17.22 ? 58  ILE A CG1 1 
ATOM   443 C CG2 . ILE A 1 61  ? 7.880   -0.068  -2.928  1.00 16.74 ? 58  ILE A CG2 1 
ATOM   444 C CD1 . ILE A 1 61  ? 8.902   -2.945  -3.018  1.00 23.10 ? 58  ILE A CD1 1 
ATOM   445 N N   . VAL A 1 62  ? 4.631   -0.146  -2.579  1.00 15.12 ? 59  VAL A N   1 
ATOM   446 C CA  . VAL A 1 62  ? 3.747   1.012   -2.450  1.00 12.82 ? 59  VAL A CA  1 
ATOM   447 C C   . VAL A 1 62  ? 4.355   2.023   -1.471  1.00 14.21 ? 59  VAL A C   1 
ATOM   448 O O   . VAL A 1 62  ? 4.777   1.646   -0.384  1.00 15.11 ? 59  VAL A O   1 
ATOM   449 C CB  . VAL A 1 62  ? 2.336   0.616   -1.960  1.00 15.26 ? 59  VAL A CB  1 
ATOM   450 C CG1 . VAL A 1 62  ? 1.424   1.830   -1.973  1.00 16.91 ? 59  VAL A CG1 1 
ATOM   451 C CG2 . VAL A 1 62  ? 1.737   -0.492  -2.848  1.00 15.68 ? 59  VAL A CG2 1 
ATOM   452 N N   . GLU A 1 63  ? 4.430   3.288   -1.881  1.00 15.64 ? 60  GLU A N   1 
ATOM   453 C CA  . GLU A 1 63  ? 4.980   4.343   -1.030  1.00 17.11 ? 60  GLU A CA  1 
ATOM   454 C C   . GLU A 1 63  ? 3.875   5.314   -0.680  1.00 17.61 ? 60  GLU A C   1 
ATOM   455 O O   . GLU A 1 63  ? 3.283   5.912   -1.571  1.00 18.97 ? 60  GLU A O   1 
ATOM   456 C CB  . GLU A 1 63  ? 6.105   5.115   -1.717  1.00 19.40 ? 60  GLU A CB  1 
ATOM   457 C CG  . GLU A 1 63  ? 7.212   4.277   -2.335  1.00 22.58 ? 60  GLU A CG  1 
ATOM   458 C CD  . GLU A 1 63  ? 8.221   5.135   -3.064  1.00 27.80 ? 60  GLU A CD  1 
ATOM   459 O OE1 . GLU A 1 63  ? 8.234   6.363   -2.800  1.00 28.67 ? 60  GLU A OE1 1 
ATOM   460 O OE2 . GLU A 1 63  ? 8.987   4.597   -3.898  1.00 26.33 ? 60  GLU A OE2 1 
ATOM   461 N N   . VAL A 1 64  ? 3.617   5.480   0.612   1.00 15.08 ? 61  VAL A N   1 
ATOM   462 C CA  . VAL A 1 64  ? 2.566   6.375   1.094   1.00 18.46 ? 61  VAL A CA  1 
ATOM   463 C C   . VAL A 1 64  ? 3.160   7.466   1.989   1.00 19.45 ? 61  VAL A C   1 
ATOM   464 O O   . VAL A 1 64  ? 3.940   7.184   2.908   1.00 17.65 ? 61  VAL A O   1 
ATOM   465 C CB  . VAL A 1 64  ? 1.489   5.590   1.854   1.00 21.55 ? 61  VAL A CB  1 
ATOM   466 C CG1 . VAL A 1 64  ? 0.336   6.496   2.223   1.00 21.57 ? 61  VAL A CG1 1 
ATOM   467 C CG2 . VAL A 1 64  ? 1.009   4.424   0.999   1.00 19.29 ? 61  VAL A CG2 1 
ATOM   468 N N   . THR A 1 65  ? 2.817   8.723   1.706   1.00 18.55 ? 62  THR A N   1 
ATOM   469 C CA  . THR A 1 65  ? 3.358   9.839   2.477   1.00 19.03 ? 62  THR A CA  1 
ATOM   470 C C   . THR A 1 65  ? 2.418   10.292  3.586   1.00 21.87 ? 62  THR A C   1 
ATOM   471 O O   . THR A 1 65  ? 1.227   10.469  3.354   1.00 24.26 ? 62  THR A O   1 
ATOM   472 C CB  . THR A 1 65  ? 3.658   11.040  1.571   1.00 24.32 ? 62  THR A CB  1 
ATOM   473 O OG1 . THR A 1 65  ? 4.677   10.679  0.634   1.00 26.93 ? 62  THR A OG1 1 
ATOM   474 C CG2 . THR A 1 65  ? 4.131   12.221  2.396   1.00 27.10 ? 62  THR A CG2 1 
ATOM   475 N N   . PHE A 1 66  ? 2.963   10.455  4.790   1.00 23.74 ? 63  PHE A N   1 
ATOM   476 C CA  . PHE A 1 66  ? 2.210   11.012  5.915   1.00 25.84 ? 63  PHE A CA  1 
ATOM   477 C C   . PHE A 1 66  ? 2.947   12.214  6.502   1.00 27.82 ? 63  PHE A C   1 
ATOM   478 O O   . PHE A 1 66  ? 4.151   12.359  6.304   1.00 29.14 ? 63  PHE A O   1 
ATOM   479 C CB  . PHE A 1 66  ? 1.997   9.960   6.998   1.00 22.94 ? 63  PHE A CB  1 
ATOM   480 C CG  . PHE A 1 66  ? 1.093   8.849   6.599   1.00 22.88 ? 63  PHE A CG  1 
ATOM   481 C CD1 . PHE A 1 66  ? 1.595   7.703   6.008   1.00 23.29 ? 63  PHE A CD1 1 
ATOM   482 C CD2 . PHE A 1 66  ? -0.267  8.938   6.826   1.00 23.78 ? 63  PHE A CD2 1 
ATOM   483 C CE1 . PHE A 1 66  ? 0.757   6.675   5.646   1.00 22.42 ? 63  PHE A CE1 1 
ATOM   484 C CE2 . PHE A 1 66  ? -1.115  7.906   6.456   1.00 23.35 ? 63  PHE A CE2 1 
ATOM   485 C CZ  . PHE A 1 66  ? -0.604  6.771   5.870   1.00 23.61 ? 63  PHE A CZ  1 
ATOM   486 N N   . GLU A 1 67  ? 2.243   13.066  7.242   1.00 28.77 ? 64  GLU A N   1 
ATOM   487 C CA  . GLU A 1 67  ? 2.894   14.227  7.856   1.00 35.71 ? 64  GLU A CA  1 
ATOM   488 C C   . GLU A 1 67  ? 3.797   13.792  9.018   1.00 32.42 ? 64  GLU A C   1 
ATOM   489 O O   . GLU A 1 67  ? 4.794   14.443  9.316   1.00 37.78 ? 64  GLU A O   1 
ATOM   490 C CB  . GLU A 1 67  ? 1.849   15.246  8.342   1.00 34.99 ? 64  GLU A CB  1 
ATOM   491 C CG  . GLU A 1 67  ? 0.964   14.718  9.462   1.00 45.25 ? 64  GLU A CG  1 
ATOM   492 C CD  . GLU A 1 67  ? -0.099  15.718  9.896   1.00 53.42 ? 64  GLU A CD  1 
ATOM   493 O OE1 . GLU A 1 67  ? 0.257   16.804  10.409  1.00 57.26 ? 64  GLU A OE1 1 
ATOM   494 O OE2 . GLU A 1 67  ? -1.301  15.423  9.704   1.00 60.58 ? 64  GLU A OE2 1 
ATOM   495 N N   . SER A 1 68  ? 3.444   12.686  9.667   1.00 32.83 ? 65  SER A N   1 
ATOM   496 C CA  . SER A 1 68  ? 4.131   12.239  10.873  1.00 33.69 ? 65  SER A CA  1 
ATOM   497 C C   . SER A 1 68  ? 3.692   10.811  11.214  1.00 33.68 ? 65  SER A C   1 
ATOM   498 O O   . SER A 1 68  ? 2.654   10.340  10.731  1.00 30.00 ? 65  SER A O   1 
ATOM   499 C CB  . SER A 1 68  ? 3.828   13.175  12.031  1.00 36.19 ? 65  SER A CB  1 
ATOM   500 O OG  . SER A 1 68  ? 2.455   13.093  12.360  1.00 34.04 ? 65  SER A OG  1 
ATOM   501 N N   . VAL A 1 69  ? 4.456   10.141  12.065  1.00 30.69 ? 66  VAL A N   1 
ATOM   502 C CA  . VAL A 1 69  ? 4.185   8.778   12.448  1.00 30.42 ? 66  VAL A CA  1 
ATOM   503 C C   . VAL A 1 69  ? 2.876   8.677   13.140  1.00 31.25 ? 66  VAL A C   1 
ATOM   504 O O   . VAL A 1 69  ? 2.156   7.775   12.981  1.00 33.44 ? 66  VAL A O   1 
ATOM   505 C CB  . VAL A 1 69  ? 5.314   8.255   13.356  1.00 33.22 ? 66  VAL A CB  1 
ATOM   506 C CG1 . VAL A 1 69  ? 5.226   6.777   13.565  1.00 34.35 ? 66  VAL A CG1 1 
ATOM   507 C CG2 . VAL A 1 69  ? 6.641   8.654   12.797  1.00 38.81 ? 66  VAL A CG2 1 
ATOM   508 N N   . GLU A 1 70  ? 2.592   9.697   13.913  1.00 36.34 ? 67  GLU A N   1 
ATOM   509 C CA  . GLU A 1 70  ? 1.343   9.813   14.663  1.00 35.68 ? 67  GLU A CA  1 
ATOM   510 C C   . GLU A 1 70  ? 0.105   9.660   13.770  1.00 35.35 ? 67  GLU A C   1 
ATOM   511 O O   . GLU A 1 70  ? -0.844  8.960   14.128  1.00 39.20 ? 67  GLU A O   1 
ATOM   512 C CB  . GLU A 1 70  ? 1.287   11.159  15.405  1.00 37.60 ? 67  GLU A CB  1 
ATOM   513 C CG  . GLU A 1 70  ? 2.438   11.433  16.403  1.00 37.27 ? 67  GLU A CG  1 
ATOM   514 C CD  . GLU A 1 70  ? 3.801   11.683  15.756  1.00 38.66 ? 67  GLU A CD  1 
ATOM   515 O OE1 . GLU A 1 70  ? 3.921   11.537  14.525  1.00 46.49 ? 67  GLU A OE1 1 
ATOM   516 O OE2 . GLU A 1 70  ? 4.758   12.023  16.492  1.00 50.39 ? 67  GLU A OE2 1 
ATOM   517 N N   . THR A 1 71  ? 0.107   10.324  12.617  1.00 33.35 ? 68  THR A N   1 
ATOM   518 C CA  . THR A 1 71  ? -1.073  10.322  11.761  1.00 33.02 ? 68  THR A CA  1 
ATOM   519 C C   . THR A 1 71  ? -1.225  9.031   10.962  1.00 30.71 ? 68  THR A C   1 
ATOM   520 O O   . THR A 1 71  ? -2.249  8.831   10.309  1.00 29.63 ? 68  THR A O   1 
ATOM   521 C CB  . THR A 1 71  ? -1.074  11.519  10.791  1.00 30.80 ? 68  THR A CB  1 
ATOM   522 O OG1 . THR A 1 71  ? 0.064   11.470  9.912   1.00 29.43 ? 68  THR A OG1 1 
ATOM   523 C CG2 . THR A 1 71  ? -1.054  12.814  11.578  1.00 36.17 ? 68  THR A CG2 1 
ATOM   524 N N   . ILE A 1 72  ? -0.225  8.156   11.008  1.00 29.63 ? 69  ILE A N   1 
ATOM   525 C CA  . ILE A 1 72  ? -0.363  6.850   10.373  1.00 27.88 ? 69  ILE A CA  1 
ATOM   526 C C   . ILE A 1 72  ? -1.455  6.050   11.080  1.00 31.69 ? 69  ILE A C   1 
ATOM   527 O O   . ILE A 1 72  ? -2.197  5.307   10.444  1.00 27.91 ? 69  ILE A O   1 
ATOM   528 C CB  . ILE A 1 72  ? 0.964   6.069   10.378  1.00 27.28 ? 69  ILE A CB  1 
ATOM   529 C CG1 . ILE A 1 72  ? 1.996   6.795   9.514   1.00 24.89 ? 69  ILE A CG1 1 
ATOM   530 C CG2 . ILE A 1 72  ? 0.768   4.638   9.875   1.00 27.21 ? 69  ILE A CG2 1 
ATOM   531 C CD1 . ILE A 1 72  ? 3.373   6.151   9.524   1.00 21.90 ? 69  ILE A CD1 1 
ATOM   532 N N   . GLN A 1 73  ? -1.581  6.252   12.382  1.00 29.42 ? 70  GLN A N   1 
ATOM   533 C CA  . GLN A 1 73  ? -2.618  5.599   13.117  1.00 31.53 ? 70  GLN A CA  1 
ATOM   534 C C   . GLN A 1 73  ? -3.958  6.061   12.698  1.00 31.04 ? 70  GLN A C   1 
ATOM   535 O O   . GLN A 1 73  ? -4.860  5.310   12.724  1.00 34.27 ? 70  GLN A O   1 
ATOM   536 C CB  . GLN A 1 73  ? -2.489  5.831   14.612  1.00 36.93 ? 70  GLN A CB  1 
ATOM   537 C CG  . GLN A 1 73  ? -1.277  5.207   15.165  1.00 36.85 ? 70  GLN A CG  1 
ATOM   538 C CD  . GLN A 1 73  ? -1.206  3.758   14.835  1.00 39.34 ? 70  GLN A CD  1 
ATOM   539 O OE1 . GLN A 1 73  ? -2.116  3.019   15.135  1.00 41.40 ? 70  GLN A OE1 1 
ATOM   540 N NE2 . GLN A 1 73  ? -0.110  3.341   14.214  1.00 39.07 ? 70  GLN A NE2 1 
ATOM   541 N N   . ASP A 1 74  ? -4.090  7.317   12.360  1.00 27.41 ? 71  ASP A N   1 
ATOM   542 C CA  . ASP A 1 74  ? -5.358  7.891   11.907  1.00 29.45 ? 71  ASP A CA  1 
ATOM   543 C C   . ASP A 1 74  ? -5.824  7.176   10.651  1.00 30.00 ? 71  ASP A C   1 
ATOM   544 O O   . ASP A 1 74  ? -7.014  6.925   10.459  1.00 31.30 ? 71  ASP A O   1 
ATOM   545 C CB  . ASP A 1 74  ? -5.216  9.384   11.626  1.00 26.13 ? 71  ASP A CB  1 
ATOM   546 C CG  . ASP A 1 74  ? -4.922  10.185  12.877  1.00 36.08 ? 71  ASP A CG  1 
ATOM   547 O OD1 . ASP A 1 74  ? -5.323  9.723   13.967  1.00 38.93 ? 71  ASP A OD1 1 
ATOM   548 O OD2 . ASP A 1 74  ? -4.293  11.261  12.764  1.00 31.91 ? 71  ASP A OD2 1 
ATOM   549 N N   . TYR A 1 75  ? -4.858  6.858   9.797   1.00 24.54 ? 72  TYR A N   1 
ATOM   550 C CA  . TYR A 1 75  ? -5.100  6.112   8.565   1.00 26.60 ? 72  TYR A CA  1 
ATOM   551 C C   . TYR A 1 75  ? -5.471  4.661   8.862   1.00 27.37 ? 72  TYR A C   1 
ATOM   552 O O   . TYR A 1 75  ? -6.404  4.106   8.274   1.00 25.80 ? 72  TYR A O   1 
ATOM   553 C CB  . TYR A 1 75  ? -3.856  6.201   7.679   1.00 23.12 ? 72  TYR A CB  1 
ATOM   554 C CG  . TYR A 1 75  ? -3.575  5.027   6.752   1.00 23.31 ? 72  TYR A CG  1 
ATOM   555 C CD1 . TYR A 1 75  ? -4.147  4.961   5.487   1.00 23.15 ? 72  TYR A CD1 1 
ATOM   556 C CD2 . TYR A 1 75  ? -2.712  4.000   7.136   1.00 22.81 ? 72  TYR A CD2 1 
ATOM   557 C CE1 . TYR A 1 75  ? -3.876  3.896   4.636   1.00 24.44 ? 72  TYR A CE1 1 
ATOM   558 C CE2 . TYR A 1 75  ? -2.441  2.930   6.294   1.00 24.17 ? 72  TYR A CE2 1 
ATOM   559 C CZ  . TYR A 1 75  ? -3.019  2.886   5.043   1.00 25.09 ? 72  TYR A CZ  1 
ATOM   560 O OH  . TYR A 1 75  ? -2.746  1.824   4.192   1.00 26.26 ? 72  TYR A OH  1 
ATOM   561 N N   . ILE A 1 76  ? -4.727  4.054   9.780   1.00 25.99 ? 73  ILE A N   1 
ATOM   562 C CA  . ILE A 1 76  ? -4.915  2.652   10.129  1.00 27.32 ? 73  ILE A CA  1 
ATOM   563 C C   . ILE A 1 76  ? -6.336  2.363   10.616  1.00 30.07 ? 73  ILE A C   1 
ATOM   564 O O   . ILE A 1 76  ? -6.930  1.340   10.260  1.00 33.32 ? 73  ILE A O   1 
ATOM   565 C CB  . ILE A 1 76  ? -3.889  2.221   11.204  1.00 32.95 ? 73  ILE A CB  1 
ATOM   566 C CG1 . ILE A 1 76  ? -2.499  2.143   10.582  1.00 31.22 ? 73  ILE A CG1 1 
ATOM   567 C CG2 . ILE A 1 76  ? -4.245  0.872   11.801  1.00 31.43 ? 73  ILE A CG2 1 
ATOM   568 C CD1 . ILE A 1 76  ? -2.397  1.132   9.474   1.00 34.62 ? 73  ILE A CD1 1 
ATOM   569 N N   . ILE A 1 77  ? -6.895  3.276   11.396  1.00 30.22 ? 74  ILE A N   1 
ATOM   570 C CA  . ILE A 1 77  ? -8.212  3.040   11.982  1.00 33.71 ? 74  ILE A CA  1 
ATOM   571 C C   . ILE A 1 77  ? -9.328  3.642   11.136  1.00 29.26 ? 74  ILE A C   1 
ATOM   572 O O   . ILE A 1 77  ? -10.500 3.538   11.493  1.00 32.94 ? 74  ILE A O   1 
ATOM   573 C CB  . ILE A 1 77  ? -8.307  3.606   13.431  1.00 39.36 ? 74  ILE A CB  1 
ATOM   574 C CG1 . ILE A 1 77  ? -8.083  5.120   13.453  1.00 35.11 ? 74  ILE A CG1 1 
ATOM   575 C CG2 . ILE A 1 77  ? -7.310  2.915   14.354  1.00 41.65 ? 74  ILE A CG2 1 
ATOM   576 C CD1 . ILE A 1 77  ? -9.352  5.941   13.529  1.00 44.55 ? 74  ILE A CD1 1 
ATOM   577 N N   . HIS A 1 78  ? -8.972  4.281   10.023  1.00 29.17 ? 75  HIS A N   1 
ATOM   578 C CA  . HIS A 1 78  ? -9.977  4.936   9.188   1.00 25.48 ? 75  HIS A CA  1 
ATOM   579 C C   . HIS A 1 78  ? -10.848 3.894   8.497   1.00 23.39 ? 75  HIS A C   1 
ATOM   580 O O   . HIS A 1 78  ? -10.326 2.933   7.931   1.00 22.87 ? 75  HIS A O   1 
ATOM   581 C CB  . HIS A 1 78  ? -9.313  5.848   8.157   1.00 26.72 ? 75  HIS A CB  1 
ATOM   582 C CG  . HIS A 1 78  ? -10.265 6.771   7.467   1.00 21.54 ? 75  HIS A CG  1 
ATOM   583 N ND1 . HIS A 1 78  ? -11.277 6.321   6.642   1.00 24.26 ? 75  HIS A ND1 1 
ATOM   584 C CD2 . HIS A 1 78  ? -10.356 8.120   7.466   1.00 24.59 ? 75  HIS A CD2 1 
ATOM   585 C CE1 . HIS A 1 78  ? -11.951 7.352   6.172   1.00 23.74 ? 75  HIS A CE1 1 
ATOM   586 N NE2 . HIS A 1 78  ? -11.415 8.458   6.658   1.00 23.38 ? 75  HIS A NE2 1 
ATOM   587 N N   . PRO A 1 79  ? -12.184 4.069   8.552   1.00 24.61 ? 76  PRO A N   1 
ATOM   588 C CA  . PRO A 1 79  ? -13.106 3.102   7.948   1.00 23.80 ? 76  PRO A CA  1 
ATOM   589 C C   . PRO A 1 79  ? -12.791 2.789   6.481   1.00 20.33 ? 76  PRO A C   1 
ATOM   590 O O   . PRO A 1 79  ? -13.016 1.660   6.070   1.00 21.06 ? 76  PRO A O   1 
ATOM   591 C CB  . PRO A 1 79  ? -14.469 3.789   8.083   1.00 24.10 ? 76  PRO A CB  1 
ATOM   592 C CG  . PRO A 1 79  ? -14.325 4.617   9.315   1.00 23.71 ? 76  PRO A CG  1 
ATOM   593 C CD  . PRO A 1 79  ? -12.904 5.116   9.302   1.00 26.98 ? 76  PRO A CD  1 
ATOM   594 N N   . ALA A 1 80  ? -12.268 3.754   5.728   1.00 20.99 ? 77  ALA A N   1 
ATOM   595 C CA  . ALA A 1 80  ? -11.926 3.526   4.323   1.00 20.90 ? 77  ALA A CA  1 
ATOM   596 C C   . ALA A 1 80  ? -10.736 2.584   4.184   1.00 19.20 ? 77  ALA A C   1 
ATOM   597 O O   . ALA A 1 80  ? -10.688 1.764   3.265   1.00 20.25 ? 77  ALA A O   1 
ATOM   598 C CB  . ALA A 1 80  ? -11.633 4.834   3.625   1.00 20.34 ? 77  ALA A CB  1 
ATOM   599 N N   . HIS A 1 81  ? -9.777  2.676   5.071   1.00 19.63 ? 78  HIS A N   1 
ATOM   600 C CA  . HIS A 1 81  ? -8.666  1.735   5.053   1.00 19.17 ? 78  HIS A CA  1 
ATOM   601 C C   . HIS A 1 81  ? -9.065  0.377   5.564   1.00 22.90 ? 78  HIS A C   1 
ATOM   602 O O   . HIS A 1 81  ? -8.735  -0.628  5.022   1.00 20.60 ? 78  HIS A O   1 
ATOM   603 C CB  . HIS A 1 81  ? -7.520  2.252   5.906   1.00 23.01 ? 78  HIS A CB  1 
ATOM   604 C CG  . HIS A 1 81  ? -6.394  1.284   6.036   1.00 28.56 ? 78  HIS A CG  1 
ATOM   605 N ND1 . HIS A 1 81  ? -6.170  0.548   7.171   1.00 32.14 ? 78  HIS A ND1 1 
ATOM   606 C CD2 . HIS A 1 81  ? -5.425  0.937   5.171   1.00 27.39 ? 78  HIS A CD2 1 
ATOM   607 C CE1 . HIS A 1 81  ? -5.124  -0.223  6.989   1.00 31.46 ? 78  HIS A CE1 1 
ATOM   608 N NE2 . HIS A 1 81  ? -4.646  0.009   5.789   1.00 30.72 ? 78  HIS A NE2 1 
ATOM   609 N N   . VAL A 1 82  ? -9.824  0.383   6.639   1.00 20.68 ? 79  VAL A N   1 
ATOM   610 C CA  . VAL A 1 82  ? -10.361 -0.879  7.126   1.00 21.07 ? 79  VAL A CA  1 
ATOM   611 C C   . VAL A 1 82  ? -11.178 -1.537  6.018   1.00 19.91 ? 79  VAL A C   1 
ATOM   612 O O   . VAL A 1 82  ? -11.123 -2.752  5.830   1.00 21.34 ? 79  VAL A O   1 
ATOM   613 C CB  . VAL A 1 82  ? -11.237 -0.673  8.370   1.00 22.35 ? 79  VAL A CB  1 
ATOM   614 C CG1 . VAL A 1 82  ? -11.970 -1.951  8.736   1.00 26.54 ? 79  VAL A CG1 1 
ATOM   615 C CG2 . VAL A 1 82  ? -10.384 -0.184  9.524   1.00 24.65 ? 79  VAL A CG2 1 
ATOM   616 N N   . GLY A 1 83  ? -11.918 -0.713  5.283   1.00 21.43 ? 80  GLY A N   1 
ATOM   617 C CA  . GLY A 1 83  ? -12.778 -1.196  4.219   1.00 20.78 ? 80  GLY A CA  1 
ATOM   618 C C   . GLY A 1 83  ? -11.954 -1.739  3.067   1.00 19.41 ? 80  GLY A C   1 
ATOM   619 O O   . GLY A 1 83  ? -12.310 -2.757  2.467   1.00 22.82 ? 80  GLY A O   1 
ATOM   620 N N   . PHE A 1 84  ? -10.847 -1.068  2.762   1.00 19.84 ? 81  PHE A N   1 
ATOM   621 C CA  . PHE A 1 84  ? -9.979  -1.544  1.691   1.00 18.39 ? 81  PHE A CA  1 
ATOM   622 C C   . PHE A 1 84  ? -9.458  -2.936  2.024   1.00 20.05 ? 81  PHE A C   1 
ATOM   623 O O   . PHE A 1 84  ? -9.481  -3.841  1.194   1.00 18.64 ? 81  PHE A O   1 
ATOM   624 C CB  . PHE A 1 84  ? -8.811  -0.599  1.452   1.00 19.29 ? 81  PHE A CB  1 
ATOM   625 C CG  . PHE A 1 84  ? -7.871  -1.076  0.383   1.00 17.20 ? 81  PHE A CG  1 
ATOM   626 C CD1 . PHE A 1 84  ? -8.143  -0.819  -0.950  1.00 19.97 ? 81  PHE A CD1 1 
ATOM   627 C CD2 . PHE A 1 84  ? -6.732  -1.805  0.701   1.00 18.82 ? 81  PHE A CD2 1 
ATOM   628 C CE1 . PHE A 1 84  ? -7.292  -1.256  -1.954  1.00 17.11 ? 81  PHE A CE1 1 
ATOM   629 C CE2 . PHE A 1 84  ? -5.880  -2.254  -0.298  1.00 17.03 ? 81  PHE A CE2 1 
ATOM   630 C CZ  . PHE A 1 84  ? -6.159  -1.980  -1.627  1.00 19.88 ? 81  PHE A CZ  1 
ATOM   631 N N   . GLY A 1 85  ? -8.982  -3.100  3.251   1.00 18.51 ? 82  GLY A N   1 
ATOM   632 C CA  . GLY A 1 85  ? -8.535  -4.399  3.711   1.00 18.30 ? 82  GLY A CA  1 
ATOM   633 C C   . GLY A 1 85  ? -9.632  -5.445  3.677   1.00 21.99 ? 82  GLY A C   1 
ATOM   634 O O   . GLY A 1 85  ? -9.397  -6.584  3.286   1.00 23.24 ? 82  GLY A O   1 
ATOM   635 N N   . ASP A 1 86  ? -10.840 -5.059  4.077   1.00 22.74 ? 83  ASP A N   1 
ATOM   636 C CA  . ASP A 1 86  ? -11.968 -5.989  4.083   1.00 20.55 ? 83  ASP A CA  1 
ATOM   637 C C   . ASP A 1 86  ? -12.314 -6.517  2.689   1.00 22.07 ? 83  ASP A C   1 
ATOM   638 O O   . ASP A 1 86  ? -12.807 -7.637  2.545   1.00 25.30 ? 83  ASP A O   1 
ATOM   639 C CB  . ASP A 1 86  ? -13.200 -5.326  4.693   1.00 26.15 ? 83  ASP A CB  1 
ATOM   640 C CG  . ASP A 1 86  ? -13.072 -5.143  6.184   1.00 29.48 ? 83  ASP A CG  1 
ATOM   641 O OD1 . ASP A 1 86  ? -12.250 -5.861  6.795   1.00 30.10 ? 83  ASP A OD1 1 
ATOM   642 O OD2 . ASP A 1 86  ? -13.807 -4.303  6.746   1.00 30.22 ? 83  ASP A OD2 1 
ATOM   643 N N   . VAL A 1 87  ? -12.041 -5.718  1.668   1.00 21.84 ? 84  VAL A N   1 
ATOM   644 C CA  . VAL A 1 87  ? -12.343 -6.139  0.304   1.00 18.39 ? 84  VAL A CA  1 
ATOM   645 C C   . VAL A 1 87  ? -11.183 -6.918  -0.313  1.00 20.43 ? 84  VAL A C   1 
ATOM   646 O O   . VAL A 1 87  ? -11.386 -7.919  -0.994  1.00 18.32 ? 84  VAL A O   1 
ATOM   647 C CB  . VAL A 1 87  ? -12.686 -4.930  -0.590  1.00 20.58 ? 84  VAL A CB  1 
ATOM   648 C CG1 . VAL A 1 87  ? -12.843 -5.357  -2.054  1.00 19.78 ? 84  VAL A CG1 1 
ATOM   649 C CG2 . VAL A 1 87  ? -13.954 -4.263  -0.098  1.00 25.26 ? 84  VAL A CG2 1 
ATOM   650 N N   . TYR A 1 88  ? -9.953  -6.477  -0.053  1.00 17.30 ? 85  TYR A N   1 
ATOM   651 C CA  . TYR A 1 88  ? -8.814  -6.955  -0.846  1.00 21.04 ? 85  TYR A CA  1 
ATOM   652 C C   . TYR A 1 88  ? -7.789  -7.834  -0.126  1.00 21.82 ? 85  TYR A C   1 
ATOM   653 O O   . TYR A 1 88  ? -6.845  -8.305  -0.746  1.00 17.82 ? 85  TYR A O   1 
ATOM   654 C CB  . TYR A 1 88  ? -8.085  -5.754  -1.447  1.00 19.01 ? 85  TYR A CB  1 
ATOM   655 C CG  . TYR A 1 88  ? -8.881  -5.064  -2.527  1.00 18.26 ? 85  TYR A CG  1 
ATOM   656 C CD1 . TYR A 1 88  ? -9.434  -3.812  -2.307  1.00 20.96 ? 85  TYR A CD1 1 
ATOM   657 C CD2 . TYR A 1 88  ? -9.091  -5.679  -3.775  1.00 19.45 ? 85  TYR A CD2 1 
ATOM   658 C CE1 . TYR A 1 88  ? -10.171 -3.179  -3.286  1.00 25.99 ? 85  TYR A CE1 1 
ATOM   659 C CE2 . TYR A 1 88  ? -9.827  -5.045  -4.764  1.00 21.35 ? 85  TYR A CE2 1 
ATOM   660 C CZ  . TYR A 1 88  ? -10.366 -3.793  -4.504  1.00 22.84 ? 85  TYR A CZ  1 
ATOM   661 O OH  . TYR A 1 88  ? -11.102 -3.129  -5.452  1.00 28.36 ? 85  TYR A OH  1 
ATOM   662 N N   . ARG A 1 89  ? -7.940  -8.072  1.146   1.00 22.03 ? 86  ARG A N   1 
ATOM   663 C CA  . ARG A 1 89  ? -6.918  -8.785  1.819   1.00 18.78 ? 86  ARG A CA  1 
ATOM   664 C C   . ARG A 1 89  ? -6.669  -10.189 1.290   1.00 21.96 ? 86  ARG A C   1 
ATOM   665 O O   . ARG A 1 89  ? -5.612  -10.690 1.456   1.00 24.51 ? 86  ARG A O   1 
ATOM   666 C CB  . ARG A 1 89  ? -7.103  -8.771  3.330   1.00 25.61 ? 86  ARG A CB  1 
ATOM   667 C CG  . ARG A 1 89  ? -8.132  -9.710  3.822   1.00 26.41 ? 86  ARG A CG  1 
ATOM   668 C CD  . ARG A 1 89  ? -8.118  -9.838  5.363   1.00 33.79 ? 86  ARG A CD  1 
ATOM   669 N NE  . ARG A 1 89  ? -8.459  -8.601  6.018   1.00 32.28 ? 86  ARG A NE  1 
ATOM   670 C CZ  . ARG A 1 89  ? -9.679  -8.258  6.357   1.00 31.18 ? 86  ARG A CZ  1 
ATOM   671 N NH1 . ARG A 1 89  ? -10.696 -9.046  6.119   1.00 32.39 ? 86  ARG A NH1 1 
ATOM   672 N NH2 . ARG A 1 89  ? -9.872  -7.108  6.883   1.00 34.94 ? 86  ARG A NH2 1 
ATOM   673 N N   . SER A 1 90  ? -7.635  -10.806 0.633   1.00 18.06 ? 87  SER A N   1 
ATOM   674 C CA  . SER A 1 90  ? -7.389  -12.119 0.051   1.00 23.91 ? 87  SER A CA  1 
ATOM   675 C C   . SER A 1 90  ? -6.455  -12.065 -1.157  1.00 21.48 ? 87  SER A C   1 
ATOM   676 O O   . SER A 1 90  ? -6.042  -13.104 -1.662  1.00 23.03 ? 87  SER A O   1 
ATOM   677 C CB  . SER A 1 90  ? -8.705  -12.769 -0.366  1.00 25.28 ? 87  SER A CB  1 
ATOM   678 O OG  . SER A 1 90  ? -9.293  -12.057 -1.434  1.00 27.47 ? 87  SER A OG  1 
ATOM   679 N N   . PHE A 1 91  ? -6.133  -10.860 -1.619  1.00 22.61 ? 88  PHE A N   1 
ATOM   680 C CA  . PHE A 1 91  ? -5.270  -10.708 -2.796  1.00 17.55 ? 88  PHE A CA  1 
ATOM   681 C C   . PHE A 1 91  ? -3.788  -10.954 -2.499  1.00 20.72 ? 88  PHE A C   1 
ATOM   682 O O   . PHE A 1 91  ? -3.049  -11.400 -3.373  1.00 19.83 ? 88  PHE A O   1 
ATOM   683 C CB  . PHE A 1 91  ? -5.418  -9.306  -3.411  1.00 18.21 ? 88  PHE A CB  1 
ATOM   684 C CG  . PHE A 1 91  ? -6.635  -9.133  -4.283  1.00 20.29 ? 88  PHE A CG  1 
ATOM   685 C CD1 . PHE A 1 91  ? -7.803  -9.843  -4.044  1.00 20.23 ? 88  PHE A CD1 1 
ATOM   686 C CD2 . PHE A 1 91  ? -6.610  -8.238  -5.348  1.00 19.33 ? 88  PHE A CD2 1 
ATOM   687 C CE1 . PHE A 1 91  ? -8.919  -9.666  -4.861  1.00 20.82 ? 88  PHE A CE1 1 
ATOM   688 C CE2 . PHE A 1 91  ? -7.718  -8.058  -6.160  1.00 22.03 ? 88  PHE A CE2 1 
ATOM   689 C CZ  . PHE A 1 91  ? -8.872  -8.772  -5.913  1.00 20.11 ? 88  PHE A CZ  1 
ATOM   690 N N   . TRP A 1 92  ? -3.335  -10.640 -1.287  1.00 19.81 ? 89  TRP A N   1 
ATOM   691 C CA  . TRP A 1 92  ? -1.898  -10.714 -1.030  1.00 17.03 ? 89  TRP A CA  1 
ATOM   692 C C   . TRP A 1 92  ? -1.472  -11.974 -0.270  1.00 19.83 ? 89  TRP A C   1 
ATOM   693 O O   . TRP A 1 92  ? -2.181  -12.463 0.606   1.00 26.43 ? 89  TRP A O   1 
ATOM   694 C CB  . TRP A 1 92  ? -1.404  -9.445  -0.304  1.00 21.16 ? 89  TRP A CB  1 
ATOM   695 C CG  . TRP A 1 92  ? -2.033  -9.070  1.038   1.00 18.59 ? 89  TRP A CG  1 
ATOM   696 C CD1 . TRP A 1 92  ? -1.775  -9.644  2.261   1.00 22.65 ? 89  TRP A CD1 1 
ATOM   697 C CD2 . TRP A 1 92  ? -2.915  -7.964  1.300   1.00 18.71 ? 89  TRP A CD2 1 
ATOM   698 N NE1 . TRP A 1 92  ? -2.490  -8.996  3.250   1.00 23.36 ? 89  TRP A NE1 1 
ATOM   699 C CE2 . TRP A 1 92  ? -3.190  -7.961  2.687   1.00 21.08 ? 89  TRP A CE2 1 
ATOM   700 C CE3 . TRP A 1 92  ? -3.519  -6.991  0.496   1.00 18.71 ? 89  TRP A CE3 1 
ATOM   701 C CZ2 . TRP A 1 92  ? -4.033  -7.027  3.275   1.00 20.25 ? 89  TRP A CZ2 1 
ATOM   702 C CZ3 . TRP A 1 92  ? -4.354  -6.061  1.086   1.00 21.49 ? 89  TRP A CZ3 1 
ATOM   703 C CH2 . TRP A 1 92  ? -4.611  -6.090  2.463   1.00 20.77 ? 89  TRP A CH2 1 
ATOM   704 N N   . GLU A 1 93  ? -0.308  -12.500 -0.647  1.00 20.25 ? 90  GLU A N   1 
ATOM   705 C CA  . GLU A 1 93  ? 0.256   -13.709 -0.053  1.00 23.22 ? 90  GLU A CA  1 
ATOM   706 C C   . GLU A 1 93  ? 1.165   -13.357 1.120   1.00 28.53 ? 90  GLU A C   1 
ATOM   707 O O   . GLU A 1 93  ? 1.240   -14.084 2.109   1.00 28.86 ? 90  GLU A O   1 
ATOM   708 C CB  . GLU A 1 93  ? 1.030   -14.514 -1.098  1.00 25.55 ? 90  GLU A CB  1 
ATOM   709 C CG  . GLU A 1 93  ? 1.678   -15.767 -0.553  1.00 30.44 ? 90  GLU A CG  1 
ATOM   710 C CD  . GLU A 1 93  ? 2.470   -16.528 -1.602  1.00 36.51 ? 90  GLU A CD  1 
ATOM   711 O OE1 . GLU A 1 93  ? 2.031   -16.575 -2.771  1.00 34.29 ? 90  GLU A OE1 1 
ATOM   712 O OE2 . GLU A 1 93  ? 3.541   -17.070 -1.254  1.00 42.25 ? 90  GLU A OE2 1 
ATOM   713 N N   . LYS A 1 94  ? 1.858   -12.250 0.969   1.00 23.76 ? 91  LYS A N   1 
ATOM   714 C CA  . LYS A 1 94  ? 2.872   -11.788 1.900   1.00 26.18 ? 91  LYS A CA  1 
ATOM   715 C C   . LYS A 1 94  ? 3.005   -10.283 1.864   1.00 21.77 ? 91  LYS A C   1 
ATOM   716 O O   . LYS A 1 94  ? 2.927   -9.739  0.835   1.00 19.78 ? 91  LYS A O   1 
ATOM   717 C CB  . LYS A 1 94  ? 4.219   -12.281 1.414   1.00 30.16 ? 91  LYS A CB  1 
ATOM   718 C CG  . LYS A 1 94  ? 4.808   -13.480 2.073   1.00 38.61 ? 91  LYS A CG  1 
ATOM   719 C CD  . LYS A 1 94  ? 5.794   -14.064 1.095   1.00 39.22 ? 91  LYS A CD  1 
ATOM   720 C CE  . LYS A 1 94  ? 6.937   -14.710 1.826   1.00 46.54 ? 91  LYS A CE  1 
ATOM   721 N NZ  . LYS A 1 94  ? 7.839   -15.462 0.926   1.00 52.08 ? 91  LYS A NZ  1 
ATOM   722 N N   . LEU A 1 95  ? 3.251   -9.594  2.988   1.00 21.22 ? 92  LEU A N   1 
ATOM   723 C CA  . LEU A 1 95  ? 3.631   -8.211  2.848   1.00 21.62 ? 92  LEU A CA  1 
ATOM   724 C C   . LEU A 1 95  ? 4.531   -7.781  3.978   1.00 21.61 ? 92  LEU A C   1 
ATOM   725 O O   . LEU A 1 95  ? 4.558   -8.382  5.048   1.00 22.75 ? 92  LEU A O   1 
ATOM   726 C CB  . LEU A 1 95  ? 2.406   -7.308  2.749   1.00 30.36 ? 92  LEU A CB  1 
ATOM   727 C CG  . LEU A 1 95  ? 1.432   -7.166  3.905   1.00 29.66 ? 92  LEU A CG  1 
ATOM   728 C CD1 . LEU A 1 95  ? 1.929   -6.153  4.897   1.00 35.01 ? 92  LEU A CD1 1 
ATOM   729 C CD2 . LEU A 1 95  ? 0.086   -6.720  3.373   1.00 30.25 ? 92  LEU A CD2 1 
ATOM   730 N N   . LEU A 1 96  ? 5.293   -6.742  3.696   1.00 16.01 ? 93  LEU A N   1 
ATOM   731 C CA  . LEU A 1 96  ? 6.150   -6.142  4.695   1.00 17.59 ? 93  LEU A CA  1 
ATOM   732 C C   . LEU A 1 96  ? 5.770   -4.688  4.795   1.00 19.48 ? 93  LEU A C   1 
ATOM   733 O O   . LEU A 1 96  ? 5.447   -4.056  3.791   1.00 18.39 ? 93  LEU A O   1 
ATOM   734 C CB  . LEU A 1 96  ? 7.616   -6.285  4.325   1.00 21.25 ? 93  LEU A CB  1 
ATOM   735 C CG  . LEU A 1 96  ? 8.212   -7.688  4.206   1.00 24.82 ? 93  LEU A CG  1 
ATOM   736 C CD1 . LEU A 1 96  ? 9.591   -7.603  3.592   1.00 25.28 ? 93  LEU A CD1 1 
ATOM   737 C CD2 . LEU A 1 96  ? 8.276   -8.367  5.569   1.00 27.94 ? 93  LEU A CD2 1 
ATOM   738 N N   . ILE A 1 97  ? 5.824   -4.153  6.001   1.00 16.50 ? 94  ILE A N   1 
ATOM   739 C CA  . ILE A 1 97  ? 5.501   -2.759  6.218   1.00 16.68 ? 94  ILE A CA  1 
ATOM   740 C C   . ILE A 1 97  ? 6.644   -2.057  6.917   1.00 14.60 ? 94  ILE A C   1 
ATOM   741 O O   . ILE A 1 97  ? 7.186   -2.580  7.892   1.00 19.08 ? 94  ILE A O   1 
ATOM   742 C CB  . ILE A 1 97  ? 4.249   -2.595  7.090   1.00 18.74 ? 94  ILE A CB  1 
ATOM   743 C CG1 . ILE A 1 97  ? 3.065   -3.354  6.495   1.00 27.16 ? 94  ILE A CG1 1 
ATOM   744 C CG2 . ILE A 1 97  ? 3.936   -1.126  7.285   1.00 26.04 ? 94  ILE A CG2 1 
ATOM   745 C CD1 . ILE A 1 97  ? 2.307   -4.178  7.486   1.00 38.21 ? 94  ILE A CD1 1 
ATOM   746 N N   . PHE A 1 98  ? 7.000   -0.866  6.438   1.00 15.50 ? 95  PHE A N   1 
ATOM   747 C CA  . PHE A 1 98  ? 8.005   -0.047  7.105   1.00 15.56 ? 95  PHE A CA  1 
ATOM   748 C C   . PHE A 1 98  ? 7.524   1.391   7.223   1.00 15.83 ? 95  PHE A C   1 
ATOM   749 O O   . PHE A 1 98  ? 6.813   1.875   6.351   1.00 16.78 ? 95  PHE A O   1 
ATOM   750 C CB  . PHE A 1 98  ? 9.338   -0.083  6.337   1.00 14.85 ? 95  PHE A CB  1 
ATOM   751 C CG  . PHE A 1 98  ? 9.860   -1.469  6.079   1.00 16.12 ? 95  PHE A CG  1 
ATOM   752 C CD1 . PHE A 1 98  ? 10.589  -2.141  7.052   1.00 17.90 ? 95  PHE A CD1 1 
ATOM   753 C CD2 . PHE A 1 98  ? 9.634   -2.096  4.861   1.00 16.29 ? 95  PHE A CD2 1 
ATOM   754 C CE1 . PHE A 1 98  ? 11.069  -3.414  6.831   1.00 15.96 ? 95  PHE A CE1 1 
ATOM   755 C CE2 . PHE A 1 98  ? 10.109  -3.363  4.630   1.00 20.08 ? 95  PHE A CE2 1 
ATOM   756 C CZ  . PHE A 1 98  ? 10.836  -4.028  5.612   1.00 16.56 ? 95  PHE A CZ  1 
ATOM   757 N N   . ASP A 1 99  ? 7.902   2.067   8.304   1.00 13.32 ? 96  ASP A N   1 
ATOM   758 C CA  . ASP A 1 99  ? 7.609   3.491   8.450   1.00 13.09 ? 96  ASP A CA  1 
ATOM   759 C C   . ASP A 1 99  ? 8.899   4.205   8.780   1.00 13.61 ? 96  ASP A C   1 
ATOM   760 O O   . ASP A 1 99  ? 9.565   3.843   9.747   1.00 16.33 ? 96  ASP A O   1 
ATOM   761 C CB  . ASP A 1 99  ? 6.578   3.739   9.556   1.00 13.42 ? 96  ASP A CB  1 
ATOM   762 C CG  . ASP A 1 99  ? 5.237   3.104   9.242   1.00 19.52 ? 96  ASP A CG  1 
ATOM   763 O OD1 . ASP A 1 99  ? 4.688   3.439   8.177   1.00 19.22 ? 96  ASP A OD1 1 
ATOM   764 O OD2 . ASP A 1 99  ? 4.757   2.270   10.037  1.00 22.38 ? 96  ASP A OD2 1 
ATOM   765 N N   . TYR A 1 100 ? 9.256   5.213   7.990   1.00 15.75 ? 97  TYR A N   1 
ATOM   766 C CA  . TYR A 1 100 ? 10.536  5.885   8.204   1.00 13.56 ? 97  TYR A CA  1 
ATOM   767 C C   . TYR A 1 100 ? 10.499  7.304   7.673   1.00 18.70 ? 97  TYR A C   1 
ATOM   768 O O   . TYR A 1 100 ? 9.637   7.663   6.863   1.00 17.79 ? 97  TYR A O   1 
ATOM   769 C CB  . TYR A 1 100 ? 11.684  5.101   7.549   1.00 16.09 ? 97  TYR A CB  1 
ATOM   770 C CG  . TYR A 1 100 ? 11.590  4.998   6.050   1.00 15.62 ? 97  TYR A CG  1 
ATOM   771 C CD1 . TYR A 1 100 ? 10.833  3.997   5.456   1.00 18.47 ? 97  TYR A CD1 1 
ATOM   772 C CD2 . TYR A 1 100 ? 12.269  5.888   5.224   1.00 16.16 ? 97  TYR A CD2 1 
ATOM   773 C CE1 . TYR A 1 100 ? 10.745  3.890   4.088   1.00 17.54 ? 97  TYR A CE1 1 
ATOM   774 C CE2 . TYR A 1 100 ? 12.178  5.787   3.837   1.00 19.83 ? 97  TYR A CE2 1 
ATOM   775 C CZ  . TYR A 1 100 ? 11.401  4.783   3.281   1.00 20.83 ? 97  TYR A CZ  1 
ATOM   776 O OH  . TYR A 1 100 ? 11.293  4.642   1.909   1.00 24.71 ? 97  TYR A OH  1 
ATOM   777 N N   . THR A 1 101 ? 11.428  8.114   8.164   1.00 18.17 ? 98  THR A N   1 
ATOM   778 C CA  . THR A 1 101 ? 11.622  9.447   7.633   1.00 16.72 ? 98  THR A CA  1 
ATOM   779 C C   . THR A 1 101 ? 12.845  9.417   6.720   1.00 18.70 ? 98  THR A C   1 
ATOM   780 O O   . THR A 1 101 ? 13.959  9.154   7.182   1.00 18.97 ? 98  THR A O   1 
ATOM   781 C CB  . THR A 1 101 ? 11.812  10.479  8.756   1.00 21.27 ? 98  THR A CB  1 
ATOM   782 O OG1 . THR A 1 101 ? 10.690  10.421  9.650   1.00 23.02 ? 98  THR A OG1 1 
ATOM   783 C CG2 . THR A 1 101 ? 11.935  11.874  8.179   1.00 24.62 ? 98  THR A CG2 1 
ATOM   784 N N   . PRO A 1 102 ? 12.631  9.645   5.413   1.00 15.74 ? 99  PRO A N   1 
ATOM   785 C CA  . PRO A 1 102 ? 13.745  9.707   4.454   1.00 18.69 ? 99  PRO A CA  1 
ATOM   786 C C   . PRO A 1 102 ? 14.676  10.865  4.763   1.00 19.85 ? 99  PRO A C   1 
ATOM   787 O O   . PRO A 1 102 ? 14.224  11.996  4.956   1.00 24.63 ? 99  PRO A O   1 
ATOM   788 C CB  . PRO A 1 102 ? 13.049  9.901   3.097   1.00 24.86 ? 99  PRO A CB  1 
ATOM   789 C CG  . PRO A 1 102 ? 11.651  10.311  3.418   1.00 26.87 ? 99  PRO A CG  1 
ATOM   790 C CD  . PRO A 1 102 ? 11.318  9.728   4.751   1.00 22.91 ? 99  PRO A CD  1 
ATOM   791 N N   . ARG A 1 103 ? 15.977  10.614  4.812   1.00 18.08 ? 100 ARG A N   1 
ATOM   792 C CA  . ARG A 1 103 ? 16.964  11.600  5.172   1.00 20.18 ? 100 ARG A CA  1 
ATOM   793 C C   . ARG A 1 103 ? 18.232  11.350  4.372   1.00 22.30 ? 100 ARG A C   1 
ATOM   794 O O   . ARG A 1 103 ? 18.331  10.392  3.669   1.00 19.47 ? 100 ARG A O   1 
ATOM   795 C CB  . ARG A 1 103 ? 17.323  11.495  6.645   1.00 22.03 ? 100 ARG A CB  1 
ATOM   796 C CG  . ARG A 1 103 ? 17.718  10.088  7.066   1.00 24.64 ? 100 ARG A CG  1 
ATOM   797 C CD  . ARG A 1 103 ? 18.426  10.057  8.374   1.00 33.52 ? 100 ARG A CD  1 
ATOM   798 N NE  . ARG A 1 103 ? 19.728  10.660  8.183   1.00 31.38 ? 100 ARG A NE  1 
ATOM   799 C CZ  . ARG A 1 103 ? 20.510  11.088  9.144   1.00 37.83 ? 100 ARG A CZ  1 
ATOM   800 N NH1 . ARG A 1 103 ? 20.167  10.959  10.378  1.00 44.09 ? 100 ARG A NH1 1 
ATOM   801 N NH2 . ARG A 1 103 ? 21.652  11.643  8.854   1.00 39.39 ? 100 ARG A NH2 1 
ATOM   802 N N   . LYS A 1 104 ? 19.189  12.241  4.515   1.00 23.34 ? 101 LYS A N   1 
ATOM   803 C CA  . LYS A 1 104 ? 20.498  12.069  3.905   1.00 25.19 ? 101 LYS A CA  1 
ATOM   804 C C   . LYS A 1 104 ? 21.556  11.988  4.989   1.00 28.97 ? 101 LYS A C   1 
ATOM   805 O O   . LYS A 1 104 ? 21.261  12.199  6.158   1.00 30.62 ? 101 LYS A O   1 
ATOM   806 C CB  . LYS A 1 104 ? 20.803  13.207  2.934   1.00 30.61 ? 101 LYS A CB  1 
ATOM   807 C CG  . LYS A 1 104 ? 20.317  12.930  1.532   1.00 30.73 ? 101 LYS A CG  1 
ATOM   808 C CD  . LYS A 1 104 ? 20.282  14.178  0.684   1.00 30.90 ? 101 LYS A CD  1 
ATOM   809 C CE  . LYS A 1 104 ? 19.977  13.825  -0.766  1.00 37.47 ? 101 LYS A CE  1 
ATOM   810 N NZ  . LYS A 1 104 ? 18.812  14.610  -1.270  1.00 40.04 ? 101 LYS A NZ  1 
ATOM   811 O OXT . LYS A 1 104 ? 22.726  11.700  4.725   1.00 36.73 ? 101 LYS A OXT 1 
HETATM 812 C C1  . 4MX B 2 .   ? -1.661  -2.632  0.907   1.00 25.21 ? 201 4MX A C1  1 
HETATM 813 O O1  . 4MX B 2 .   ? -1.237  -0.206  5.236   1.00 26.28 ? 201 4MX A O1  1 
HETATM 814 O O2  . 4MX B 2 .   ? -1.501  -2.142  8.841   1.00 41.27 ? 201 4MX A O2  1 
HETATM 815 C C2  . 4MX B 2 .   ? -2.671  -1.856  1.738   1.00 24.18 ? 201 4MX A C2  1 
HETATM 816 C C3  . 4MX B 2 .   ? -2.962  -2.559  3.057   1.00 32.42 ? 201 4MX A C3  1 
HETATM 817 C C4  . 4MX B 2 .   ? -1.645  -2.744  3.787   1.00 32.38 ? 201 4MX A C4  1 
HETATM 818 C C5  . 4MX B 2 .   ? -1.839  -3.198  5.218   1.00 31.53 ? 201 4MX A C5  1 
HETATM 819 C C6  . 4MX B 2 .   ? -2.284  -4.495  5.455   1.00 35.71 ? 201 4MX A C6  1 
HETATM 820 C C7  . 4MX B 2 .   ? -2.470  -4.989  6.744   1.00 34.12 ? 201 4MX A C7  1 
HETATM 821 C C8  . 4MX B 2 .   ? -2.207  -4.202  7.865   1.00 35.06 ? 201 4MX A C8  1 
HETATM 822 C C9  . 4MX B 2 .   ? -1.752  -2.894  7.730   1.00 35.62 ? 201 4MX A C9  1 
HETATM 823 C C10 . 4MX B 2 .   ? -1.542  -2.319  6.377   1.00 26.24 ? 201 4MX A C10 1 
HETATM 824 C C11 . 4MX B 2 .   ? -1.046  -0.900  6.260   1.00 31.44 ? 201 4MX A C11 1 
HETATM 825 O O   . 4MX B 2 .   ? -0.459  -0.420  7.249   1.00 31.57 ? 201 4MX A O   1 
HETATM 826 O O3  . 4MX B 2 .   ? -2.916  -6.267  6.903   1.00 42.87 ? 201 4MX A O3  1 
HETATM 827 C C   . 4MX B 2 .   ? -1.518  -1.987  -0.453  1.00 19.75 ? 201 4MX A C   1 
HETATM 828 O O   . HOH C 3 .   ? -5.794  12.562  1.987   1.00 18.10 ? 301 HOH A O   1 
HETATM 829 O O   . HOH C 3 .   ? 1.877   -7.675  -12.499 1.00 34.65 ? 302 HOH A O   1 
HETATM 830 O O   . HOH C 3 .   ? 1.250   14.451  13.963  1.00 35.72 ? 303 HOH A O   1 
HETATM 831 O O   . HOH C 3 .   ? -12.463 -5.154  9.183   1.00 40.83 ? 304 HOH A O   1 
HETATM 832 O O   . HOH C 3 .   ? 2.979   -10.796 -6.926  1.00 18.16 ? 305 HOH A O   1 
HETATM 833 O O   . HOH C 3 .   ? 0.689   -6.184  -15.880 1.00 37.38 ? 306 HOH A O   1 
HETATM 834 O O   . HOH C 3 .   ? -10.227 -10.236 0.072   1.00 24.92 ? 307 HOH A O   1 
HETATM 835 O O   . HOH C 3 .   ? -7.948  -14.750 -3.628  1.00 36.15 ? 308 HOH A O   1 
HETATM 836 O O   . HOH C 3 .   ? -4.642  15.386  3.210   1.00 44.07 ? 309 HOH A O   1 
HETATM 837 O O   . HOH C 3 .   ? 7.930   -2.414  10.410  1.00 24.55 ? 310 HOH A O   1 
HETATM 838 O O   . HOH C 3 .   ? 10.025  -9.267  -7.981  1.00 18.23 ? 311 HOH A O   1 
HETATM 839 O O   . HOH C 3 .   ? -9.068  -11.025 -14.667 1.00 25.34 ? 312 HOH A O   1 
HETATM 840 O O   . HOH C 3 .   ? -8.653  -14.293 -9.554  1.00 28.08 ? 313 HOH A O   1 
HETATM 841 O O   . HOH C 3 .   ? -0.845  -5.603  -13.112 1.00 34.52 ? 314 HOH A O   1 
HETATM 842 O O   . HOH C 3 .   ? -12.614 1.687   1.391   1.00 22.64 ? 315 HOH A O   1 
HETATM 843 O O   . HOH C 3 .   ? 8.323   -0.748  -12.636 1.00 18.36 ? 316 HOH A O   1 
HETATM 844 O O   . HOH C 3 .   ? 15.077  7.726   9.237   1.00 26.53 ? 317 HOH A O   1 
HETATM 845 O O   . HOH C 3 .   ? -14.234 -8.773  4.597   1.00 30.86 ? 318 HOH A O   1 
HETATM 846 O O   . HOH C 3 .   ? 2.585   -10.004 -9.572  1.00 22.58 ? 319 HOH A O   1 
HETATM 847 O O   . HOH C 3 .   ? -2.930  12.655  14.723  1.00 36.10 ? 320 HOH A O   1 
HETATM 848 O O   . HOH C 3 .   ? 10.642  8.396   11.534  1.00 34.37 ? 321 HOH A O   1 
HETATM 849 O O   . HOH C 3 .   ? -10.731 3.929   -3.128  1.00 20.37 ? 322 HOH A O   1 
HETATM 850 O O   . HOH C 3 .   ? -13.646 11.203  3.859   1.00 25.63 ? 323 HOH A O   1 
HETATM 851 O O   . HOH C 3 .   ? 6.698   8.651   -2.474  1.00 34.72 ? 324 HOH A O   1 
HETATM 852 O O   . HOH C 3 .   ? -3.862  -12.421 2.822   1.00 28.26 ? 325 HOH A O   1 
HETATM 853 O O   . HOH C 3 .   ? 8.834   -12.701 -14.602 1.00 32.18 ? 326 HOH A O   1 
HETATM 854 O O   . HOH C 3 .   ? -0.472  -13.300 -9.237  1.00 30.06 ? 327 HOH A O   1 
HETATM 855 O O   . HOH C 3 .   ? 8.174   -8.550  -10.162 1.00 24.20 ? 328 HOH A O   1 
HETATM 856 O O   . HOH C 3 .   ? -11.345 6.420   -2.701  1.00 31.57 ? 329 HOH A O   1 
HETATM 857 O O   . HOH C 3 .   ? 1.489   -4.799  -11.928 1.00 27.49 ? 330 HOH A O   1 
HETATM 858 O O   . HOH C 3 .   ? -8.178  -3.406  -14.238 1.00 28.22 ? 331 HOH A O   1 
HETATM 859 O O   . HOH C 3 .   ? -12.072 -10.384 2.086   1.00 24.81 ? 332 HOH A O   1 
HETATM 860 O O   . HOH C 3 .   ? -3.885  0.950   -11.637 1.00 25.09 ? 333 HOH A O   1 
HETATM 861 O O   . HOH C 3 .   ? 4.444   8.700   -1.478  1.00 29.58 ? 334 HOH A O   1 
HETATM 862 O O   . HOH C 3 .   ? 10.250  -11.890 -8.467  1.00 33.55 ? 335 HOH A O   1 
HETATM 863 O O   . HOH C 3 .   ? -9.101  -4.310  7.498   1.00 27.22 ? 336 HOH A O   1 
HETATM 864 O O   . HOH C 3 .   ? 18.385  14.884  5.646   1.00 36.34 ? 337 HOH A O   1 
HETATM 865 O O   . HOH C 3 .   ? -12.960 11.004  6.927   1.00 28.52 ? 338 HOH A O   1 
HETATM 866 O O   . HOH C 3 .   ? -10.222 -13.469 -7.204  1.00 23.84 ? 339 HOH A O   1 
HETATM 867 O O   . HOH C 3 .   ? -4.486  -14.884 2.794   1.00 41.13 ? 340 HOH A O   1 
HETATM 868 O O   . HOH C 3 .   ? -0.080  -18.321 -4.311  1.00 37.83 ? 341 HOH A O   1 
HETATM 869 O O   . HOH C 3 .   ? -7.340  10.626  8.539   1.00 32.17 ? 342 HOH A O   1 
HETATM 870 O O   . HOH C 3 .   ? -8.000  13.763  2.102   1.00 27.11 ? 343 HOH A O   1 
HETATM 871 O O   . HOH C 3 .   ? -4.946  14.617  1.347   1.00 33.99 ? 344 HOH A O   1 
HETATM 872 O O   . HOH C 3 .   ? 4.548   -1.108  -12.643 1.00 34.06 ? 345 HOH A O   1 
HETATM 873 O O   . HOH C 3 .   ? -9.847  -13.598 -4.281  1.00 32.39 ? 346 HOH A O   1 
HETATM 874 O O   . HOH C 3 .   ? 6.573   10.042  18.447  1.00 34.71 ? 347 HOH A O   1 
HETATM 875 O O   . HOH C 3 .   ? 7.089   -10.760 -11.579 1.00 32.16 ? 348 HOH A O   1 
HETATM 876 O O   . HOH C 3 .   ? 3.918   -13.374 -7.330  1.00 28.00 ? 349 HOH A O   1 
HETATM 877 O O   . HOH C 3 .   ? -3.584  -19.104 0.379   1.00 44.03 ? 350 HOH A O   1 
HETATM 878 O O   . HOH C 3 .   ? -10.148 -14.434 -11.846 1.00 30.58 ? 351 HOH A O   1 
HETATM 879 O O   . HOH C 3 .   ? -12.646 -13.657 0.390   1.00 33.68 ? 352 HOH A O   1 
HETATM 880 O O   . HOH C 3 .   ? -2.098  -17.163 2.192   1.00 43.62 ? 353 HOH A O   1 
HETATM 881 O O   . HOH C 3 .   ? 17.914  -6.778  -14.682 1.00 34.88 ? 354 HOH A O   1 
HETATM 882 O O   . HOH C 3 .   ? 2.914   -2.543  -13.517 1.00 30.76 ? 355 HOH A O   1 
HETATM 883 O O   . HOH C 3 .   ? -5.873  -3.428  -16.188 1.00 33.27 ? 356 HOH A O   1 
# 
loop_
_pdbx_poly_seq_scheme.asym_id 
_pdbx_poly_seq_scheme.entity_id 
_pdbx_poly_seq_scheme.seq_id 
_pdbx_poly_seq_scheme.mon_id 
_pdbx_poly_seq_scheme.ndb_seq_num 
_pdbx_poly_seq_scheme.pdb_seq_num 
_pdbx_poly_seq_scheme.auth_seq_num 
_pdbx_poly_seq_scheme.pdb_mon_id 
_pdbx_poly_seq_scheme.auth_mon_id 
_pdbx_poly_seq_scheme.pdb_strand_id 
_pdbx_poly_seq_scheme.pdb_ins_code 
_pdbx_poly_seq_scheme.hetero 
A 1 1   GLY 1   -2  ?   ?   ?   A . n 
A 1 2   PRO 2   -1  ?   ?   ?   A . n 
A 1 3   GLY 3   0   ?   ?   ?   A . n 
A 1 4   MET 4   1   ?   ?   ?   A . n 
A 1 5   ALA 5   2   ?   ?   ?   A . n 
A 1 6   VAL 6   3   3   VAL VAL A . n 
A 1 7   LYS 7   4   4   LYS LYS A . n 
A 1 8   HIS 8   5   5   HIS HIS A . n 
A 1 9   LEU 9   6   6   LEU LEU A . n 
A 1 10  ILE 10  7   7   ILE ILE A . n 
A 1 11  VAL 11  8   8   VAL VAL A . n 
A 1 12  LEU 12  9   9   LEU LEU A . n 
A 1 13  LYS 13  10  10  LYS LYS A . n 
A 1 14  PHE 14  11  11  PHE PHE A . n 
A 1 15  LYS 15  12  12  LYS LYS A . n 
A 1 16  ASP 16  13  13  ASP ASP A . n 
A 1 17  GLU 17  14  14  GLU GLU A . n 
A 1 18  ILE 18  15  15  ILE ILE A . n 
A 1 19  THR 19  16  16  THR THR A . n 
A 1 20  GLU 20  17  17  GLU GLU A . n 
A 1 21  ALA 21  18  18  ALA ALA A . n 
A 1 22  GLN 22  19  19  GLN GLN A . n 
A 1 23  LYS 23  20  20  LYS LYS A . n 
A 1 24  GLU 24  21  21  GLU GLU A . n 
A 1 25  GLU 25  22  22  GLU GLU A . n 
A 1 26  PHE 26  23  23  PHE PHE A . n 
A 1 27  PHE 27  24  24  PHE PHE A . n 
A 1 28  LYS 28  25  25  LYS LYS A . n 
A 1 29  THR 29  26  26  THR THR A . n 
A 1 30  TYR 30  27  27  TYR TYR A . n 
A 1 31  VAL 31  28  28  VAL VAL A . n 
A 1 32  ASN 32  29  29  ASN ASN A . n 
A 1 33  LEU 33  30  30  LEU LEU A . n 
A 1 34  VAL 34  31  31  VAL VAL A . n 
A 1 35  ASN 35  32  32  ASN ASN A . n 
A 1 36  ILE 36  33  33  ILE ILE A . n 
A 1 37  ILE 37  34  34  ILE ILE A . n 
A 1 38  PRO 38  35  35  PRO PRO A . n 
A 1 39  ALA 39  36  36  ALA ALA A . n 
A 1 40  MET 40  37  37  MET MET A . n 
A 1 41  LYS 41  38  38  LYS LYS A . n 
A 1 42  ASP 42  39  39  ASP ASP A . n 
A 1 43  VAL 43  40  40  VAL VAL A . n 
A 1 44  TYR 44  41  41  TYR TYR A . n 
A 1 45  TRP 45  42  42  TRP TRP A . n 
A 1 46  GLY 46  43  43  GLY GLY A . n 
A 1 47  LYS 47  44  44  LYS LYS A . n 
A 1 48  ASP 48  45  45  ASP ASP A . n 
A 1 49  VAL 49  46  46  VAL VAL A . n 
A 1 50  THR 50  47  47  THR THR A . n 
A 1 51  GLN 51  48  48  GLN GLN A . n 
A 1 52  LYS 52  49  49  LYS LYS A . n 
A 1 53  ASN 53  50  50  ASN ASN A . n 
A 1 54  LYS 54  51  ?   ?   ?   A . n 
A 1 55  GLU 55  52  ?   ?   ?   A . n 
A 1 56  GLU 56  53  ?   ?   ?   A . n 
A 1 57  GLY 57  54  54  GLY GLY A . n 
A 1 58  TYR 58  55  55  TYR TYR A . n 
A 1 59  THR 59  56  56  THR THR A . n 
A 1 60  HIS 60  57  57  HIS HIS A . n 
A 1 61  ILE 61  58  58  ILE ILE A . n 
A 1 62  VAL 62  59  59  VAL VAL A . n 
A 1 63  GLU 63  60  60  GLU GLU A . n 
A 1 64  VAL 64  61  61  VAL VAL A . n 
A 1 65  THR 65  62  62  THR THR A . n 
A 1 66  PHE 66  63  63  PHE PHE A . n 
A 1 67  GLU 67  64  64  GLU GLU A . n 
A 1 68  SER 68  65  65  SER SER A . n 
A 1 69  VAL 69  66  66  VAL VAL A . n 
A 1 70  GLU 70  67  67  GLU GLU A . n 
A 1 71  THR 71  68  68  THR THR A . n 
A 1 72  ILE 72  69  69  ILE ILE A . n 
A 1 73  GLN 73  70  70  GLN GLN A . n 
A 1 74  ASP 74  71  71  ASP ASP A . n 
A 1 75  TYR 75  72  72  TYR TYR A . n 
A 1 76  ILE 76  73  73  ILE ILE A . n 
A 1 77  ILE 77  74  74  ILE ILE A . n 
A 1 78  HIS 78  75  75  HIS HIS A . n 
A 1 79  PRO 79  76  76  PRO PRO A . n 
A 1 80  ALA 80  77  77  ALA ALA A . n 
A 1 81  HIS 81  78  78  HIS HIS A . n 
A 1 82  VAL 82  79  79  VAL VAL A . n 
A 1 83  GLY 83  80  80  GLY GLY A . n 
A 1 84  PHE 84  81  81  PHE PHE A . n 
A 1 85  GLY 85  82  82  GLY GLY A . n 
A 1 86  ASP 86  83  83  ASP ASP A . n 
A 1 87  VAL 87  84  84  VAL VAL A . n 
A 1 88  TYR 88  85  85  TYR TYR A . n 
A 1 89  ARG 89  86  86  ARG ARG A . n 
A 1 90  SER 90  87  87  SER SER A . n 
A 1 91  PHE 91  88  88  PHE PHE A . n 
A 1 92  TRP 92  89  89  TRP TRP A . n 
A 1 93  GLU 93  90  90  GLU GLU A . n 
A 1 94  LYS 94  91  91  LYS LYS A . n 
A 1 95  LEU 95  92  92  LEU LEU A . n 
A 1 96  LEU 96  93  93  LEU LEU A . n 
A 1 97  ILE 97  94  94  ILE ILE A . n 
A 1 98  PHE 98  95  95  PHE PHE A . n 
A 1 99  ASP 99  96  96  ASP ASP A . n 
A 1 100 TYR 100 97  97  TYR TYR A . n 
A 1 101 THR 101 98  98  THR THR A . n 
A 1 102 PRO 102 99  99  PRO PRO A . n 
A 1 103 ARG 103 100 100 ARG ARG A . n 
A 1 104 LYS 104 101 101 LYS LYS A . n 
# 
loop_
_pdbx_nonpoly_scheme.asym_id 
_pdbx_nonpoly_scheme.entity_id 
_pdbx_nonpoly_scheme.mon_id 
_pdbx_nonpoly_scheme.ndb_seq_num 
_pdbx_nonpoly_scheme.pdb_seq_num 
_pdbx_nonpoly_scheme.auth_seq_num 
_pdbx_nonpoly_scheme.pdb_mon_id 
_pdbx_nonpoly_scheme.auth_mon_id 
_pdbx_nonpoly_scheme.pdb_strand_id 
_pdbx_nonpoly_scheme.pdb_ins_code 
B 2 4MX 1  201 1  4MX OLA A . 
C 3 HOH 1  301 14 HOH HOH A . 
C 3 HOH 2  302 31 HOH HOH A . 
C 3 HOH 3  303 59 HOH HOH A . 
C 3 HOH 4  304 48 HOH HOH A . 
C 3 HOH 5  305 3  HOH HOH A . 
C 3 HOH 6  306 58 HOH HOH A . 
C 3 HOH 7  307 17 HOH HOH A . 
C 3 HOH 8  308 52 HOH HOH A . 
C 3 HOH 9  309 45 HOH HOH A . 
C 3 HOH 10 310 19 HOH HOH A . 
C 3 HOH 11 311 1  HOH HOH A . 
C 3 HOH 12 312 28 HOH HOH A . 
C 3 HOH 13 313 30 HOH HOH A . 
C 3 HOH 14 314 26 HOH HOH A . 
C 3 HOH 15 315 9  HOH HOH A . 
C 3 HOH 16 316 4  HOH HOH A . 
C 3 HOH 17 317 5  HOH HOH A . 
C 3 HOH 18 318 47 HOH HOH A . 
C 3 HOH 19 319 12 HOH HOH A . 
C 3 HOH 20 320 37 HOH HOH A . 
C 3 HOH 21 321 33 HOH HOH A . 
C 3 HOH 22 322 2  HOH HOH A . 
C 3 HOH 23 323 8  HOH HOH A . 
C 3 HOH 24 324 53 HOH HOH A . 
C 3 HOH 25 325 36 HOH HOH A . 
C 3 HOH 26 326 27 HOH HOH A . 
C 3 HOH 27 327 10 HOH HOH A . 
C 3 HOH 28 328 7  HOH HOH A . 
C 3 HOH 29 329 15 HOH HOH A . 
C 3 HOH 30 330 24 HOH HOH A . 
C 3 HOH 31 331 22 HOH HOH A . 
C 3 HOH 32 332 29 HOH HOH A . 
C 3 HOH 33 333 35 HOH HOH A . 
C 3 HOH 34 334 6  HOH HOH A . 
C 3 HOH 35 335 43 HOH HOH A . 
C 3 HOH 36 336 11 HOH HOH A . 
C 3 HOH 37 337 67 HOH HOH A . 
C 3 HOH 38 338 34 HOH HOH A . 
C 3 HOH 39 339 16 HOH HOH A . 
C 3 HOH 40 340 66 HOH HOH A . 
C 3 HOH 41 341 25 HOH HOH A . 
C 3 HOH 42 342 21 HOH HOH A . 
C 3 HOH 43 343 18 HOH HOH A . 
C 3 HOH 44 344 39 HOH HOH A . 
C 3 HOH 45 345 41 HOH HOH A . 
C 3 HOH 46 346 49 HOH HOH A . 
C 3 HOH 47 347 69 HOH HOH A . 
C 3 HOH 48 348 46 HOH HOH A . 
C 3 HOH 49 349 13 HOH HOH A . 
C 3 HOH 50 350 42 HOH HOH A . 
C 3 HOH 51 351 54 HOH HOH A . 
C 3 HOH 52 352 64 HOH HOH A . 
C 3 HOH 53 353 44 HOH HOH A . 
C 3 HOH 54 354 61 HOH HOH A . 
C 3 HOH 55 355 23 HOH HOH A . 
C 3 HOH 56 356 55 HOH HOH A . 
# 
_pdbx_struct_assembly.id                   1 
_pdbx_struct_assembly.details              author_and_software_defined_assembly 
_pdbx_struct_assembly.method_details       PISA 
_pdbx_struct_assembly.oligomeric_details   dimeric 
_pdbx_struct_assembly.oligomeric_count     2 
# 
_pdbx_struct_assembly_gen.assembly_id       1 
_pdbx_struct_assembly_gen.oper_expression   1,2 
_pdbx_struct_assembly_gen.asym_id_list      A,B,C 
# 
loop_
_pdbx_struct_assembly_prop.biol_id 
_pdbx_struct_assembly_prop.type 
_pdbx_struct_assembly_prop.value 
_pdbx_struct_assembly_prop.details 
1 'ABSA (A^2)' 2860 ? 
1 MORE         -9   ? 
1 'SSA (A^2)'  9660 ? 
# 
loop_
_pdbx_struct_oper_list.id 
_pdbx_struct_oper_list.type 
_pdbx_struct_oper_list.name 
_pdbx_struct_oper_list.symmetry_operation 
_pdbx_struct_oper_list.matrix[1][1] 
_pdbx_struct_oper_list.matrix[1][2] 
_pdbx_struct_oper_list.matrix[1][3] 
_pdbx_struct_oper_list.vector[1] 
_pdbx_struct_oper_list.matrix[2][1] 
_pdbx_struct_oper_list.matrix[2][2] 
_pdbx_struct_oper_list.matrix[2][3] 
_pdbx_struct_oper_list.vector[2] 
_pdbx_struct_oper_list.matrix[3][1] 
_pdbx_struct_oper_list.matrix[3][2] 
_pdbx_struct_oper_list.matrix[3][3] 
_pdbx_struct_oper_list.vector[3] 
1 'identity operation'         1_555 x,y,z   1.0000000000  0.0000000000  0.0000000000 0.0000000000  0.0000000000  1.0000000000 0.0000000000  0.0000000000 0.0000000000 0.0000000000  1.0000000000  0.0000000000  
2 'crystal symmetry operation' 2_555 -x,y,-z -0.9910718287 -0.1269155569 0.0408542738 21.5729160737 -0.1269155569 0.8041274215 -0.5807508342 1.3411931797 0.0408542738 -0.5807508342 -0.8130555928 -0.5480065574 
# 
loop_
_pdbx_audit_revision_history.ordinal 
_pdbx_audit_revision_history.data_content_type 
_pdbx_audit_revision_history.major_revision 
_pdbx_audit_revision_history.minor_revision 
_pdbx_audit_revision_history.revision_date 
1 'Structure model' 1 0 2016-01-27 
2 'Structure model' 1 1 2016-04-06 
3 'Structure model' 1 2 2020-02-26 
4 'Structure model' 1 3 2023-11-08 
# 
_pdbx_audit_revision_details.ordinal             1 
_pdbx_audit_revision_details.revision_ordinal    1 
_pdbx_audit_revision_details.data_content_type   'Structure model' 
_pdbx_audit_revision_details.provider            repository 
_pdbx_audit_revision_details.type                'Initial release' 
_pdbx_audit_revision_details.description         ? 
_pdbx_audit_revision_details.details             ? 
# 
loop_
_pdbx_audit_revision_group.ordinal 
_pdbx_audit_revision_group.revision_ordinal 
_pdbx_audit_revision_group.data_content_type 
_pdbx_audit_revision_group.group 
1 2 'Structure model' 'Database references'    
2 3 'Structure model' 'Data collection'        
3 3 'Structure model' 'Derived calculations'   
4 4 'Structure model' 'Data collection'        
5 4 'Structure model' 'Database references'    
6 4 'Structure model' 'Refinement description' 
# 
loop_
_pdbx_audit_revision_category.ordinal 
_pdbx_audit_revision_category.revision_ordinal 
_pdbx_audit_revision_category.data_content_type 
_pdbx_audit_revision_category.category 
1 3 'Structure model' diffrn_source                 
2 3 'Structure model' pdbx_struct_oper_list         
3 4 'Structure model' chem_comp_atom                
4 4 'Structure model' chem_comp_bond                
5 4 'Structure model' database_2                    
6 4 'Structure model' pdbx_initial_refinement_model 
# 
loop_
_pdbx_audit_revision_item.ordinal 
_pdbx_audit_revision_item.revision_ordinal 
_pdbx_audit_revision_item.data_content_type 
_pdbx_audit_revision_item.item 
1 3 'Structure model' '_diffrn_source.pdbx_synchrotron_site'      
2 3 'Structure model' '_pdbx_struct_oper_list.symmetry_operation' 
3 4 'Structure model' '_database_2.pdbx_DOI'                      
4 4 'Structure model' '_database_2.pdbx_database_accession'       
# 
_pdbx_phasing_MR.entry_id                     5B09 
_pdbx_phasing_MR.method_rotation              ? 
_pdbx_phasing_MR.method_translation           ? 
_pdbx_phasing_MR.model_details                ? 
_pdbx_phasing_MR.R_factor                     ? 
_pdbx_phasing_MR.R_rigid_body                 ? 
_pdbx_phasing_MR.correlation_coeff_Fo_to_Fc   ? 
_pdbx_phasing_MR.correlation_coeff_Io_to_Ic   ? 
_pdbx_phasing_MR.d_res_high_rotation          2.960 
_pdbx_phasing_MR.d_res_low_rotation           32.110 
_pdbx_phasing_MR.d_res_high_translation       2.960 
_pdbx_phasing_MR.d_res_low_translation        32.110 
_pdbx_phasing_MR.packing                      ? 
_pdbx_phasing_MR.reflns_percent_rotation      ? 
_pdbx_phasing_MR.reflns_percent_translation   ? 
_pdbx_phasing_MR.sigma_F_rotation             ? 
_pdbx_phasing_MR.sigma_F_translation          ? 
_pdbx_phasing_MR.sigma_I_rotation             ? 
_pdbx_phasing_MR.sigma_I_translation          ? 
# 
_phasing.method   MR 
# 
loop_
_software.citation_id 
_software.classification 
_software.compiler_name 
_software.compiler_version 
_software.contact_author 
_software.contact_author_email 
_software.date 
_software.description 
_software.dependencies 
_software.hardware 
_software.language 
_software.location 
_software.mods 
_software.name 
_software.os 
_software.os_version 
_software.type 
_software.version 
_software.pdbx_ordinal 
? phasing           ? ? ? ? ? ? ? ? ? ? ? PHASER      ? ? ? 2.5.6                       1 
? refinement        ? ? ? ? ? ? ? ? ? ? ? PHENIX      ? ? ? '(phenix.refine: 1.9_1692)' 2 
? 'data extraction' ? ? ? ? ? ? ? ? ? ? ? PDB_EXTRACT ? ? ? 3.15                        3 
? 'data reduction'  ? ? ? ? ? ? ? ? ? ? ? XDS         ? ? ? .                           4 
? 'data scaling'    ? ? ? ? ? ? ? ? ? ? ? Aimless     ? ? ? .                           5 
# 
_pdbx_validate_close_contact.id               1 
_pdbx_validate_close_contact.PDB_model_num    1 
_pdbx_validate_close_contact.auth_atom_id_1   O 
_pdbx_validate_close_contact.auth_asym_id_1   A 
_pdbx_validate_close_contact.auth_comp_id_1   HOH 
_pdbx_validate_close_contact.auth_seq_id_1    309 
_pdbx_validate_close_contact.PDB_ins_code_1   ? 
_pdbx_validate_close_contact.label_alt_id_1   ? 
_pdbx_validate_close_contact.auth_atom_id_2   O 
_pdbx_validate_close_contact.auth_asym_id_2   A 
_pdbx_validate_close_contact.auth_comp_id_2   HOH 
_pdbx_validate_close_contact.auth_seq_id_2    344 
_pdbx_validate_close_contact.PDB_ins_code_2   ? 
_pdbx_validate_close_contact.label_alt_id_2   ? 
_pdbx_validate_close_contact.dist             2.04 
# 
_pdbx_validate_symm_contact.id                1 
_pdbx_validate_symm_contact.PDB_model_num     1 
_pdbx_validate_symm_contact.auth_atom_id_1    O 
_pdbx_validate_symm_contact.auth_asym_id_1    A 
_pdbx_validate_symm_contact.auth_comp_id_1    HOH 
_pdbx_validate_symm_contact.auth_seq_id_1     317 
_pdbx_validate_symm_contact.PDB_ins_code_1    ? 
_pdbx_validate_symm_contact.label_alt_id_1    ? 
_pdbx_validate_symm_contact.site_symmetry_1   1_555 
_pdbx_validate_symm_contact.auth_atom_id_2    O 
_pdbx_validate_symm_contact.auth_asym_id_2    A 
_pdbx_validate_symm_contact.auth_comp_id_2    HOH 
_pdbx_validate_symm_contact.auth_seq_id_2     345 
_pdbx_validate_symm_contact.PDB_ins_code_2    ? 
_pdbx_validate_symm_contact.label_alt_id_2    ? 
_pdbx_validate_symm_contact.site_symmetry_2   2_555 
_pdbx_validate_symm_contact.dist              2.15 
# 
loop_
_pdbx_unobs_or_zero_occ_residues.id 
_pdbx_unobs_or_zero_occ_residues.PDB_model_num 
_pdbx_unobs_or_zero_occ_residues.polymer_flag 
_pdbx_unobs_or_zero_occ_residues.occupancy_flag 
_pdbx_unobs_or_zero_occ_residues.auth_asym_id 
_pdbx_unobs_or_zero_occ_residues.auth_comp_id 
_pdbx_unobs_or_zero_occ_residues.auth_seq_id 
_pdbx_unobs_or_zero_occ_residues.PDB_ins_code 
_pdbx_unobs_or_zero_occ_residues.label_asym_id 
_pdbx_unobs_or_zero_occ_residues.label_comp_id 
_pdbx_unobs_or_zero_occ_residues.label_seq_id 
1 1 Y 1 A GLY -2 ? A GLY 1  
2 1 Y 1 A PRO -1 ? A PRO 2  
3 1 Y 1 A GLY 0  ? A GLY 3  
4 1 Y 1 A MET 1  ? A MET 4  
5 1 Y 1 A ALA 2  ? A ALA 5  
6 1 Y 1 A LYS 51 ? A LYS 54 
7 1 Y 1 A GLU 52 ? A GLU 55 
8 1 Y 1 A GLU 53 ? A GLU 56 
# 
loop_
_chem_comp_atom.comp_id 
_chem_comp_atom.atom_id 
_chem_comp_atom.type_symbol 
_chem_comp_atom.pdbx_aromatic_flag 
_chem_comp_atom.pdbx_stereo_config 
_chem_comp_atom.pdbx_ordinal 
4MX C1   C N N 1   
4MX O1   O N N 2   
4MX O2   O N N 3   
4MX C2   C N N 4   
4MX C3   C N N 5   
4MX C4   C N N 6   
4MX C5   C Y N 7   
4MX C6   C Y N 8   
4MX C7   C Y N 9   
4MX C8   C Y N 10  
4MX C9   C Y N 11  
4MX C10  C Y N 12  
4MX C11  C N N 13  
4MX O    O N N 14  
4MX O3   O N N 15  
4MX C    C N N 16  
4MX H1   H N N 17  
4MX H2   H N N 18  
4MX H3   H N N 19  
4MX H4   H N N 20  
4MX H5   H N N 21  
4MX H6   H N N 22  
4MX H7   H N N 23  
4MX H8   H N N 24  
4MX H9   H N N 25  
4MX H10  H N N 26  
4MX H11  H N N 27  
4MX H12  H N N 28  
4MX H13  H N N 29  
4MX H14  H N N 30  
4MX H15  H N N 31  
4MX H16  H N N 32  
ALA N    N N N 33  
ALA CA   C N S 34  
ALA C    C N N 35  
ALA O    O N N 36  
ALA CB   C N N 37  
ALA OXT  O N N 38  
ALA H    H N N 39  
ALA H2   H N N 40  
ALA HA   H N N 41  
ALA HB1  H N N 42  
ALA HB2  H N N 43  
ALA HB3  H N N 44  
ALA HXT  H N N 45  
ARG N    N N N 46  
ARG CA   C N S 47  
ARG C    C N N 48  
ARG O    O N N 49  
ARG CB   C N N 50  
ARG CG   C N N 51  
ARG CD   C N N 52  
ARG NE   N N N 53  
ARG CZ   C N N 54  
ARG NH1  N N N 55  
ARG NH2  N N N 56  
ARG OXT  O N N 57  
ARG H    H N N 58  
ARG H2   H N N 59  
ARG HA   H N N 60  
ARG HB2  H N N 61  
ARG HB3  H N N 62  
ARG HG2  H N N 63  
ARG HG3  H N N 64  
ARG HD2  H N N 65  
ARG HD3  H N N 66  
ARG HE   H N N 67  
ARG HH11 H N N 68  
ARG HH12 H N N 69  
ARG HH21 H N N 70  
ARG HH22 H N N 71  
ARG HXT  H N N 72  
ASN N    N N N 73  
ASN CA   C N S 74  
ASN C    C N N 75  
ASN O    O N N 76  
ASN CB   C N N 77  
ASN CG   C N N 78  
ASN OD1  O N N 79  
ASN ND2  N N N 80  
ASN OXT  O N N 81  
ASN H    H N N 82  
ASN H2   H N N 83  
ASN HA   H N N 84  
ASN HB2  H N N 85  
ASN HB3  H N N 86  
ASN HD21 H N N 87  
ASN HD22 H N N 88  
ASN HXT  H N N 89  
ASP N    N N N 90  
ASP CA   C N S 91  
ASP C    C N N 92  
ASP O    O N N 93  
ASP CB   C N N 94  
ASP CG   C N N 95  
ASP OD1  O N N 96  
ASP OD2  O N N 97  
ASP OXT  O N N 98  
ASP H    H N N 99  
ASP H2   H N N 100 
ASP HA   H N N 101 
ASP HB2  H N N 102 
ASP HB3  H N N 103 
ASP HD2  H N N 104 
ASP HXT  H N N 105 
GLN N    N N N 106 
GLN CA   C N S 107 
GLN C    C N N 108 
GLN O    O N N 109 
GLN CB   C N N 110 
GLN CG   C N N 111 
GLN CD   C N N 112 
GLN OE1  O N N 113 
GLN NE2  N N N 114 
GLN OXT  O N N 115 
GLN H    H N N 116 
GLN H2   H N N 117 
GLN HA   H N N 118 
GLN HB2  H N N 119 
GLN HB3  H N N 120 
GLN HG2  H N N 121 
GLN HG3  H N N 122 
GLN HE21 H N N 123 
GLN HE22 H N N 124 
GLN HXT  H N N 125 
GLU N    N N N 126 
GLU CA   C N S 127 
GLU C    C N N 128 
GLU O    O N N 129 
GLU CB   C N N 130 
GLU CG   C N N 131 
GLU CD   C N N 132 
GLU OE1  O N N 133 
GLU OE2  O N N 134 
GLU OXT  O N N 135 
GLU H    H N N 136 
GLU H2   H N N 137 
GLU HA   H N N 138 
GLU HB2  H N N 139 
GLU HB3  H N N 140 
GLU HG2  H N N 141 
GLU HG3  H N N 142 
GLU HE2  H N N 143 
GLU HXT  H N N 144 
GLY N    N N N 145 
GLY CA   C N N 146 
GLY C    C N N 147 
GLY O    O N N 148 
GLY OXT  O N N 149 
GLY H    H N N 150 
GLY H2   H N N 151 
GLY HA2  H N N 152 
GLY HA3  H N N 153 
GLY HXT  H N N 154 
HIS N    N N N 155 
HIS CA   C N S 156 
HIS C    C N N 157 
HIS O    O N N 158 
HIS CB   C N N 159 
HIS CG   C Y N 160 
HIS ND1  N Y N 161 
HIS CD2  C Y N 162 
HIS CE1  C Y N 163 
HIS NE2  N Y N 164 
HIS OXT  O N N 165 
HIS H    H N N 166 
HIS H2   H N N 167 
HIS HA   H N N 168 
HIS HB2  H N N 169 
HIS HB3  H N N 170 
HIS HD1  H N N 171 
HIS HD2  H N N 172 
HIS HE1  H N N 173 
HIS HE2  H N N 174 
HIS HXT  H N N 175 
HOH O    O N N 176 
HOH H1   H N N 177 
HOH H2   H N N 178 
ILE N    N N N 179 
ILE CA   C N S 180 
ILE C    C N N 181 
ILE O    O N N 182 
ILE CB   C N S 183 
ILE CG1  C N N 184 
ILE CG2  C N N 185 
ILE CD1  C N N 186 
ILE OXT  O N N 187 
ILE H    H N N 188 
ILE H2   H N N 189 
ILE HA   H N N 190 
ILE HB   H N N 191 
ILE HG12 H N N 192 
ILE HG13 H N N 193 
ILE HG21 H N N 194 
ILE HG22 H N N 195 
ILE HG23 H N N 196 
ILE HD11 H N N 197 
ILE HD12 H N N 198 
ILE HD13 H N N 199 
ILE HXT  H N N 200 
LEU N    N N N 201 
LEU CA   C N S 202 
LEU C    C N N 203 
LEU O    O N N 204 
LEU CB   C N N 205 
LEU CG   C N N 206 
LEU CD1  C N N 207 
LEU CD2  C N N 208 
LEU OXT  O N N 209 
LEU H    H N N 210 
LEU H2   H N N 211 
LEU HA   H N N 212 
LEU HB2  H N N 213 
LEU HB3  H N N 214 
LEU HG   H N N 215 
LEU HD11 H N N 216 
LEU HD12 H N N 217 
LEU HD13 H N N 218 
LEU HD21 H N N 219 
LEU HD22 H N N 220 
LEU HD23 H N N 221 
LEU HXT  H N N 222 
LYS N    N N N 223 
LYS CA   C N S 224 
LYS C    C N N 225 
LYS O    O N N 226 
LYS CB   C N N 227 
LYS CG   C N N 228 
LYS CD   C N N 229 
LYS CE   C N N 230 
LYS NZ   N N N 231 
LYS OXT  O N N 232 
LYS H    H N N 233 
LYS H2   H N N 234 
LYS HA   H N N 235 
LYS HB2  H N N 236 
LYS HB3  H N N 237 
LYS HG2  H N N 238 
LYS HG3  H N N 239 
LYS HD2  H N N 240 
LYS HD3  H N N 241 
LYS HE2  H N N 242 
LYS HE3  H N N 243 
LYS HZ1  H N N 244 
LYS HZ2  H N N 245 
LYS HZ3  H N N 246 
LYS HXT  H N N 247 
MET N    N N N 248 
MET CA   C N S 249 
MET C    C N N 250 
MET O    O N N 251 
MET CB   C N N 252 
MET CG   C N N 253 
MET SD   S N N 254 
MET CE   C N N 255 
MET OXT  O N N 256 
MET H    H N N 257 
MET H2   H N N 258 
MET HA   H N N 259 
MET HB2  H N N 260 
MET HB3  H N N 261 
MET HG2  H N N 262 
MET HG3  H N N 263 
MET HE1  H N N 264 
MET HE2  H N N 265 
MET HE3  H N N 266 
MET HXT  H N N 267 
PHE N    N N N 268 
PHE CA   C N S 269 
PHE C    C N N 270 
PHE O    O N N 271 
PHE CB   C N N 272 
PHE CG   C Y N 273 
PHE CD1  C Y N 274 
PHE CD2  C Y N 275 
PHE CE1  C Y N 276 
PHE CE2  C Y N 277 
PHE CZ   C Y N 278 
PHE OXT  O N N 279 
PHE H    H N N 280 
PHE H2   H N N 281 
PHE HA   H N N 282 
PHE HB2  H N N 283 
PHE HB3  H N N 284 
PHE HD1  H N N 285 
PHE HD2  H N N 286 
PHE HE1  H N N 287 
PHE HE2  H N N 288 
PHE HZ   H N N 289 
PHE HXT  H N N 290 
PRO N    N N N 291 
PRO CA   C N S 292 
PRO C    C N N 293 
PRO O    O N N 294 
PRO CB   C N N 295 
PRO CG   C N N 296 
PRO CD   C N N 297 
PRO OXT  O N N 298 
PRO H    H N N 299 
PRO HA   H N N 300 
PRO HB2  H N N 301 
PRO HB3  H N N 302 
PRO HG2  H N N 303 
PRO HG3  H N N 304 
PRO HD2  H N N 305 
PRO HD3  H N N 306 
PRO HXT  H N N 307 
SER N    N N N 308 
SER CA   C N S 309 
SER C    C N N 310 
SER O    O N N 311 
SER CB   C N N 312 
SER OG   O N N 313 
SER OXT  O N N 314 
SER H    H N N 315 
SER H2   H N N 316 
SER HA   H N N 317 
SER HB2  H N N 318 
SER HB3  H N N 319 
SER HG   H N N 320 
SER HXT  H N N 321 
THR N    N N N 322 
THR CA   C N S 323 
THR C    C N N 324 
THR O    O N N 325 
THR CB   C N R 326 
THR OG1  O N N 327 
THR CG2  C N N 328 
THR OXT  O N N 329 
THR H    H N N 330 
THR H2   H N N 331 
THR HA   H N N 332 
THR HB   H N N 333 
THR HG1  H N N 334 
THR HG21 H N N 335 
THR HG22 H N N 336 
THR HG23 H N N 337 
THR HXT  H N N 338 
TRP N    N N N 339 
TRP CA   C N S 340 
TRP C    C N N 341 
TRP O    O N N 342 
TRP CB   C N N 343 
TRP CG   C Y N 344 
TRP CD1  C Y N 345 
TRP CD2  C Y N 346 
TRP NE1  N Y N 347 
TRP CE2  C Y N 348 
TRP CE3  C Y N 349 
TRP CZ2  C Y N 350 
TRP CZ3  C Y N 351 
TRP CH2  C Y N 352 
TRP OXT  O N N 353 
TRP H    H N N 354 
TRP H2   H N N 355 
TRP HA   H N N 356 
TRP HB2  H N N 357 
TRP HB3  H N N 358 
TRP HD1  H N N 359 
TRP HE1  H N N 360 
TRP HE3  H N N 361 
TRP HZ2  H N N 362 
TRP HZ3  H N N 363 
TRP HH2  H N N 364 
TRP HXT  H N N 365 
TYR N    N N N 366 
TYR CA   C N S 367 
TYR C    C N N 368 
TYR O    O N N 369 
TYR CB   C N N 370 
TYR CG   C Y N 371 
TYR CD1  C Y N 372 
TYR CD2  C Y N 373 
TYR CE1  C Y N 374 
TYR CE2  C Y N 375 
TYR CZ   C Y N 376 
TYR OH   O N N 377 
TYR OXT  O N N 378 
TYR H    H N N 379 
TYR H2   H N N 380 
TYR HA   H N N 381 
TYR HB2  H N N 382 
TYR HB3  H N N 383 
TYR HD1  H N N 384 
TYR HD2  H N N 385 
TYR HE1  H N N 386 
TYR HE2  H N N 387 
TYR HH   H N N 388 
TYR HXT  H N N 389 
VAL N    N N N 390 
VAL CA   C N S 391 
VAL C    C N N 392 
VAL O    O N N 393 
VAL CB   C N N 394 
VAL CG1  C N N 395 
VAL CG2  C N N 396 
VAL OXT  O N N 397 
VAL H    H N N 398 
VAL H2   H N N 399 
VAL HA   H N N 400 
VAL HB   H N N 401 
VAL HG11 H N N 402 
VAL HG12 H N N 403 
VAL HG13 H N N 404 
VAL HG21 H N N 405 
VAL HG22 H N N 406 
VAL HG23 H N N 407 
VAL HXT  H N N 408 
# 
loop_
_chem_comp_bond.comp_id 
_chem_comp_bond.atom_id_1 
_chem_comp_bond.atom_id_2 
_chem_comp_bond.value_order 
_chem_comp_bond.pdbx_aromatic_flag 
_chem_comp_bond.pdbx_stereo_config 
_chem_comp_bond.pdbx_ordinal 
4MX O   C11  doub N N 1   
4MX O2  C9   sing N N 2   
4MX C11 C10  sing N N 3   
4MX C11 O1   sing N N 4   
4MX C9  C8   doub Y N 5   
4MX C9  C10  sing Y N 6   
4MX C8  C7   sing Y N 7   
4MX C10 C5   doub Y N 8   
4MX C7  O3   sing N N 9   
4MX C7  C6   doub Y N 10  
4MX C5  C6   sing Y N 11  
4MX C5  C4   sing N N 12  
4MX C4  C3   sing N N 13  
4MX C3  C2   sing N N 14  
4MX C2  C1   sing N N 15  
4MX C1  C    sing N N 16  
4MX C1  H1   sing N N 17  
4MX C1  H2   sing N N 18  
4MX O1  H3   sing N N 19  
4MX O2  H4   sing N N 20  
4MX C2  H5   sing N N 21  
4MX C2  H6   sing N N 22  
4MX C3  H7   sing N N 23  
4MX C3  H8   sing N N 24  
4MX C4  H9   sing N N 25  
4MX C4  H10  sing N N 26  
4MX C6  H11  sing N N 27  
4MX C8  H12  sing N N 28  
4MX O3  H13  sing N N 29  
4MX C   H14  sing N N 30  
4MX C   H15  sing N N 31  
4MX C   H16  sing N N 32  
ALA N   CA   sing N N 33  
ALA N   H    sing N N 34  
ALA N   H2   sing N N 35  
ALA CA  C    sing N N 36  
ALA CA  CB   sing N N 37  
ALA CA  HA   sing N N 38  
ALA C   O    doub N N 39  
ALA C   OXT  sing N N 40  
ALA CB  HB1  sing N N 41  
ALA CB  HB2  sing N N 42  
ALA CB  HB3  sing N N 43  
ALA OXT HXT  sing N N 44  
ARG N   CA   sing N N 45  
ARG N   H    sing N N 46  
ARG N   H2   sing N N 47  
ARG CA  C    sing N N 48  
ARG CA  CB   sing N N 49  
ARG CA  HA   sing N N 50  
ARG C   O    doub N N 51  
ARG C   OXT  sing N N 52  
ARG CB  CG   sing N N 53  
ARG CB  HB2  sing N N 54  
ARG CB  HB3  sing N N 55  
ARG CG  CD   sing N N 56  
ARG CG  HG2  sing N N 57  
ARG CG  HG3  sing N N 58  
ARG CD  NE   sing N N 59  
ARG CD  HD2  sing N N 60  
ARG CD  HD3  sing N N 61  
ARG NE  CZ   sing N N 62  
ARG NE  HE   sing N N 63  
ARG CZ  NH1  sing N N 64  
ARG CZ  NH2  doub N N 65  
ARG NH1 HH11 sing N N 66  
ARG NH1 HH12 sing N N 67  
ARG NH2 HH21 sing N N 68  
ARG NH2 HH22 sing N N 69  
ARG OXT HXT  sing N N 70  
ASN N   CA   sing N N 71  
ASN N   H    sing N N 72  
ASN N   H2   sing N N 73  
ASN CA  C    sing N N 74  
ASN CA  CB   sing N N 75  
ASN CA  HA   sing N N 76  
ASN C   O    doub N N 77  
ASN C   OXT  sing N N 78  
ASN CB  CG   sing N N 79  
ASN CB  HB2  sing N N 80  
ASN CB  HB3  sing N N 81  
ASN CG  OD1  doub N N 82  
ASN CG  ND2  sing N N 83  
ASN ND2 HD21 sing N N 84  
ASN ND2 HD22 sing N N 85  
ASN OXT HXT  sing N N 86  
ASP N   CA   sing N N 87  
ASP N   H    sing N N 88  
ASP N   H2   sing N N 89  
ASP CA  C    sing N N 90  
ASP CA  CB   sing N N 91  
ASP CA  HA   sing N N 92  
ASP C   O    doub N N 93  
ASP C   OXT  sing N N 94  
ASP CB  CG   sing N N 95  
ASP CB  HB2  sing N N 96  
ASP CB  HB3  sing N N 97  
ASP CG  OD1  doub N N 98  
ASP CG  OD2  sing N N 99  
ASP OD2 HD2  sing N N 100 
ASP OXT HXT  sing N N 101 
GLN N   CA   sing N N 102 
GLN N   H    sing N N 103 
GLN N   H2   sing N N 104 
GLN CA  C    sing N N 105 
GLN CA  CB   sing N N 106 
GLN CA  HA   sing N N 107 
GLN C   O    doub N N 108 
GLN C   OXT  sing N N 109 
GLN CB  CG   sing N N 110 
GLN CB  HB2  sing N N 111 
GLN CB  HB3  sing N N 112 
GLN CG  CD   sing N N 113 
GLN CG  HG2  sing N N 114 
GLN CG  HG3  sing N N 115 
GLN CD  OE1  doub N N 116 
GLN CD  NE2  sing N N 117 
GLN NE2 HE21 sing N N 118 
GLN NE2 HE22 sing N N 119 
GLN OXT HXT  sing N N 120 
GLU N   CA   sing N N 121 
GLU N   H    sing N N 122 
GLU N   H2   sing N N 123 
GLU CA  C    sing N N 124 
GLU CA  CB   sing N N 125 
GLU CA  HA   sing N N 126 
GLU C   O    doub N N 127 
GLU C   OXT  sing N N 128 
GLU CB  CG   sing N N 129 
GLU CB  HB2  sing N N 130 
GLU CB  HB3  sing N N 131 
GLU CG  CD   sing N N 132 
GLU CG  HG2  sing N N 133 
GLU CG  HG3  sing N N 134 
GLU CD  OE1  doub N N 135 
GLU CD  OE2  sing N N 136 
GLU OE2 HE2  sing N N 137 
GLU OXT HXT  sing N N 138 
GLY N   CA   sing N N 139 
GLY N   H    sing N N 140 
GLY N   H2   sing N N 141 
GLY CA  C    sing N N 142 
GLY CA  HA2  sing N N 143 
GLY CA  HA3  sing N N 144 
GLY C   O    doub N N 145 
GLY C   OXT  sing N N 146 
GLY OXT HXT  sing N N 147 
HIS N   CA   sing N N 148 
HIS N   H    sing N N 149 
HIS N   H2   sing N N 150 
HIS CA  C    sing N N 151 
HIS CA  CB   sing N N 152 
HIS CA  HA   sing N N 153 
HIS C   O    doub N N 154 
HIS C   OXT  sing N N 155 
HIS CB  CG   sing N N 156 
HIS CB  HB2  sing N N 157 
HIS CB  HB3  sing N N 158 
HIS CG  ND1  sing Y N 159 
HIS CG  CD2  doub Y N 160 
HIS ND1 CE1  doub Y N 161 
HIS ND1 HD1  sing N N 162 
HIS CD2 NE2  sing Y N 163 
HIS CD2 HD2  sing N N 164 
HIS CE1 NE2  sing Y N 165 
HIS CE1 HE1  sing N N 166 
HIS NE2 HE2  sing N N 167 
HIS OXT HXT  sing N N 168 
HOH O   H1   sing N N 169 
HOH O   H2   sing N N 170 
ILE N   CA   sing N N 171 
ILE N   H    sing N N 172 
ILE N   H2   sing N N 173 
ILE CA  C    sing N N 174 
ILE CA  CB   sing N N 175 
ILE CA  HA   sing N N 176 
ILE C   O    doub N N 177 
ILE C   OXT  sing N N 178 
ILE CB  CG1  sing N N 179 
ILE CB  CG2  sing N N 180 
ILE CB  HB   sing N N 181 
ILE CG1 CD1  sing N N 182 
ILE CG1 HG12 sing N N 183 
ILE CG1 HG13 sing N N 184 
ILE CG2 HG21 sing N N 185 
ILE CG2 HG22 sing N N 186 
ILE CG2 HG23 sing N N 187 
ILE CD1 HD11 sing N N 188 
ILE CD1 HD12 sing N N 189 
ILE CD1 HD13 sing N N 190 
ILE OXT HXT  sing N N 191 
LEU N   CA   sing N N 192 
LEU N   H    sing N N 193 
LEU N   H2   sing N N 194 
LEU CA  C    sing N N 195 
LEU CA  CB   sing N N 196 
LEU CA  HA   sing N N 197 
LEU C   O    doub N N 198 
LEU C   OXT  sing N N 199 
LEU CB  CG   sing N N 200 
LEU CB  HB2  sing N N 201 
LEU CB  HB3  sing N N 202 
LEU CG  CD1  sing N N 203 
LEU CG  CD2  sing N N 204 
LEU CG  HG   sing N N 205 
LEU CD1 HD11 sing N N 206 
LEU CD1 HD12 sing N N 207 
LEU CD1 HD13 sing N N 208 
LEU CD2 HD21 sing N N 209 
LEU CD2 HD22 sing N N 210 
LEU CD2 HD23 sing N N 211 
LEU OXT HXT  sing N N 212 
LYS N   CA   sing N N 213 
LYS N   H    sing N N 214 
LYS N   H2   sing N N 215 
LYS CA  C    sing N N 216 
LYS CA  CB   sing N N 217 
LYS CA  HA   sing N N 218 
LYS C   O    doub N N 219 
LYS C   OXT  sing N N 220 
LYS CB  CG   sing N N 221 
LYS CB  HB2  sing N N 222 
LYS CB  HB3  sing N N 223 
LYS CG  CD   sing N N 224 
LYS CG  HG2  sing N N 225 
LYS CG  HG3  sing N N 226 
LYS CD  CE   sing N N 227 
LYS CD  HD2  sing N N 228 
LYS CD  HD3  sing N N 229 
LYS CE  NZ   sing N N 230 
LYS CE  HE2  sing N N 231 
LYS CE  HE3  sing N N 232 
LYS NZ  HZ1  sing N N 233 
LYS NZ  HZ2  sing N N 234 
LYS NZ  HZ3  sing N N 235 
LYS OXT HXT  sing N N 236 
MET N   CA   sing N N 237 
MET N   H    sing N N 238 
MET N   H2   sing N N 239 
MET CA  C    sing N N 240 
MET CA  CB   sing N N 241 
MET CA  HA   sing N N 242 
MET C   O    doub N N 243 
MET C   OXT  sing N N 244 
MET CB  CG   sing N N 245 
MET CB  HB2  sing N N 246 
MET CB  HB3  sing N N 247 
MET CG  SD   sing N N 248 
MET CG  HG2  sing N N 249 
MET CG  HG3  sing N N 250 
MET SD  CE   sing N N 251 
MET CE  HE1  sing N N 252 
MET CE  HE2  sing N N 253 
MET CE  HE3  sing N N 254 
MET OXT HXT  sing N N 255 
PHE N   CA   sing N N 256 
PHE N   H    sing N N 257 
PHE N   H2   sing N N 258 
PHE CA  C    sing N N 259 
PHE CA  CB   sing N N 260 
PHE CA  HA   sing N N 261 
PHE C   O    doub N N 262 
PHE C   OXT  sing N N 263 
PHE CB  CG   sing N N 264 
PHE CB  HB2  sing N N 265 
PHE CB  HB3  sing N N 266 
PHE CG  CD1  doub Y N 267 
PHE CG  CD2  sing Y N 268 
PHE CD1 CE1  sing Y N 269 
PHE CD1 HD1  sing N N 270 
PHE CD2 CE2  doub Y N 271 
PHE CD2 HD2  sing N N 272 
PHE CE1 CZ   doub Y N 273 
PHE CE1 HE1  sing N N 274 
PHE CE2 CZ   sing Y N 275 
PHE CE2 HE2  sing N N 276 
PHE CZ  HZ   sing N N 277 
PHE OXT HXT  sing N N 278 
PRO N   CA   sing N N 279 
PRO N   CD   sing N N 280 
PRO N   H    sing N N 281 
PRO CA  C    sing N N 282 
PRO CA  CB   sing N N 283 
PRO CA  HA   sing N N 284 
PRO C   O    doub N N 285 
PRO C   OXT  sing N N 286 
PRO CB  CG   sing N N 287 
PRO CB  HB2  sing N N 288 
PRO CB  HB3  sing N N 289 
PRO CG  CD   sing N N 290 
PRO CG  HG2  sing N N 291 
PRO CG  HG3  sing N N 292 
PRO CD  HD2  sing N N 293 
PRO CD  HD3  sing N N 294 
PRO OXT HXT  sing N N 295 
SER N   CA   sing N N 296 
SER N   H    sing N N 297 
SER N   H2   sing N N 298 
SER CA  C    sing N N 299 
SER CA  CB   sing N N 300 
SER CA  HA   sing N N 301 
SER C   O    doub N N 302 
SER C   OXT  sing N N 303 
SER CB  OG   sing N N 304 
SER CB  HB2  sing N N 305 
SER CB  HB3  sing N N 306 
SER OG  HG   sing N N 307 
SER OXT HXT  sing N N 308 
THR N   CA   sing N N 309 
THR N   H    sing N N 310 
THR N   H2   sing N N 311 
THR CA  C    sing N N 312 
THR CA  CB   sing N N 313 
THR CA  HA   sing N N 314 
THR C   O    doub N N 315 
THR C   OXT  sing N N 316 
THR CB  OG1  sing N N 317 
THR CB  CG2  sing N N 318 
THR CB  HB   sing N N 319 
THR OG1 HG1  sing N N 320 
THR CG2 HG21 sing N N 321 
THR CG2 HG22 sing N N 322 
THR CG2 HG23 sing N N 323 
THR OXT HXT  sing N N 324 
TRP N   CA   sing N N 325 
TRP N   H    sing N N 326 
TRP N   H2   sing N N 327 
TRP CA  C    sing N N 328 
TRP CA  CB   sing N N 329 
TRP CA  HA   sing N N 330 
TRP C   O    doub N N 331 
TRP C   OXT  sing N N 332 
TRP CB  CG   sing N N 333 
TRP CB  HB2  sing N N 334 
TRP CB  HB3  sing N N 335 
TRP CG  CD1  doub Y N 336 
TRP CG  CD2  sing Y N 337 
TRP CD1 NE1  sing Y N 338 
TRP CD1 HD1  sing N N 339 
TRP CD2 CE2  doub Y N 340 
TRP CD2 CE3  sing Y N 341 
TRP NE1 CE2  sing Y N 342 
TRP NE1 HE1  sing N N 343 
TRP CE2 CZ2  sing Y N 344 
TRP CE3 CZ3  doub Y N 345 
TRP CE3 HE3  sing N N 346 
TRP CZ2 CH2  doub Y N 347 
TRP CZ2 HZ2  sing N N 348 
TRP CZ3 CH2  sing Y N 349 
TRP CZ3 HZ3  sing N N 350 
TRP CH2 HH2  sing N N 351 
TRP OXT HXT  sing N N 352 
TYR N   CA   sing N N 353 
TYR N   H    sing N N 354 
TYR N   H2   sing N N 355 
TYR CA  C    sing N N 356 
TYR CA  CB   sing N N 357 
TYR CA  HA   sing N N 358 
TYR C   O    doub N N 359 
TYR C   OXT  sing N N 360 
TYR CB  CG   sing N N 361 
TYR CB  HB2  sing N N 362 
TYR CB  HB3  sing N N 363 
TYR CG  CD1  doub Y N 364 
TYR CG  CD2  sing Y N 365 
TYR CD1 CE1  sing Y N 366 
TYR CD1 HD1  sing N N 367 
TYR CD2 CE2  doub Y N 368 
TYR CD2 HD2  sing N N 369 
TYR CE1 CZ   doub Y N 370 
TYR CE1 HE1  sing N N 371 
TYR CE2 CZ   sing Y N 372 
TYR CE2 HE2  sing N N 373 
TYR CZ  OH   sing N N 374 
TYR OH  HH   sing N N 375 
TYR OXT HXT  sing N N 376 
VAL N   CA   sing N N 377 
VAL N   H    sing N N 378 
VAL N   H2   sing N N 379 
VAL CA  C    sing N N 380 
VAL CA  CB   sing N N 381 
VAL CA  HA   sing N N 382 
VAL C   O    doub N N 383 
VAL C   OXT  sing N N 384 
VAL CB  CG1  sing N N 385 
VAL CB  CG2  sing N N 386 
VAL CB  HB   sing N N 387 
VAL CG1 HG11 sing N N 388 
VAL CG1 HG12 sing N N 389 
VAL CG1 HG13 sing N N 390 
VAL CG2 HG21 sing N N 391 
VAL CG2 HG22 sing N N 392 
VAL CG2 HG23 sing N N 393 
VAL OXT HXT  sing N N 394 
# 
loop_
_pdbx_entity_nonpoly.entity_id 
_pdbx_entity_nonpoly.name 
_pdbx_entity_nonpoly.comp_id 
2 '2,4-bis(oxidanyl)-6-pentyl-benzoic acid' 4MX 
3 water                                     HOH 
# 
_pdbx_initial_refinement_model.id               1 
_pdbx_initial_refinement_model.entity_id_list   ? 
_pdbx_initial_refinement_model.type             'experimental model' 
_pdbx_initial_refinement_model.source_name      PDB 
_pdbx_initial_refinement_model.accession_code   5B08 
_pdbx_initial_refinement_model.details          ? 
# 
